data_2CY2
# 
_entry.id   2CY2 
# 
_audit_conform.dict_name       mmcif_pdbx.dic 
_audit_conform.dict_version    5.397 
_audit_conform.dict_location   http://mmcif.pdb.org/dictionaries/ascii/mmcif_pdbx.dic 
# 
loop_
_database_2.database_id 
_database_2.database_code 
_database_2.pdbx_database_accession 
_database_2.pdbx_DOI 
PDB   2CY2         pdb_00002cy2 10.2210/pdb2cy2/pdb 
RCSB  RCSB024756   ?            ?                   
WWPDB D_1000024756 ?            ?                   
# 
loop_
_pdbx_audit_revision_history.ordinal 
_pdbx_audit_revision_history.data_content_type 
_pdbx_audit_revision_history.major_revision 
_pdbx_audit_revision_history.minor_revision 
_pdbx_audit_revision_history.revision_date 
1 'Structure model' 1 0 2006-01-04 
2 'Structure model' 1 1 2008-04-30 
3 'Structure model' 1 2 2011-07-13 
4 'Structure model' 1 3 2024-10-23 
# 
_pdbx_audit_revision_details.ordinal             1 
_pdbx_audit_revision_details.revision_ordinal    1 
_pdbx_audit_revision_details.data_content_type   'Structure model' 
_pdbx_audit_revision_details.provider            repository 
_pdbx_audit_revision_details.type                'Initial release' 
_pdbx_audit_revision_details.description         ? 
_pdbx_audit_revision_details.details             ? 
# 
loop_
_pdbx_audit_revision_group.ordinal 
_pdbx_audit_revision_group.revision_ordinal 
_pdbx_audit_revision_group.data_content_type 
_pdbx_audit_revision_group.group 
1 2 'Structure model' 'Version format compliance' 
2 3 'Structure model' 'Source and taxonomy'       
3 3 'Structure model' 'Version format compliance' 
4 4 'Structure model' 'Data collection'           
5 4 'Structure model' 'Database references'       
6 4 'Structure model' 'Derived calculations'      
7 4 'Structure model' 'Structure summary'         
# 
loop_
_pdbx_audit_revision_category.ordinal 
_pdbx_audit_revision_category.revision_ordinal 
_pdbx_audit_revision_category.data_content_type 
_pdbx_audit_revision_category.category 
1 4 'Structure model' chem_comp_atom            
2 4 'Structure model' chem_comp_bond            
3 4 'Structure model' database_2                
4 4 'Structure model' pdbx_entry_details        
5 4 'Structure model' pdbx_modification_feature 
6 4 'Structure model' struct_conn               
7 4 'Structure model' struct_ref_seq_dif        
8 4 'Structure model' struct_site               
# 
loop_
_pdbx_audit_revision_item.ordinal 
_pdbx_audit_revision_item.revision_ordinal 
_pdbx_audit_revision_item.data_content_type 
_pdbx_audit_revision_item.item 
1 4 'Structure model' '_database_2.pdbx_DOI'                
2 4 'Structure model' '_database_2.pdbx_database_accession' 
3 4 'Structure model' '_struct_conn.pdbx_leaving_atom_flag' 
4 4 'Structure model' '_struct_ref_seq_dif.details'         
5 4 'Structure model' '_struct_site.pdbx_auth_asym_id'      
6 4 'Structure model' '_struct_site.pdbx_auth_comp_id'      
7 4 'Structure model' '_struct_site.pdbx_auth_seq_id'       
# 
_pdbx_database_status.status_code                     REL 
_pdbx_database_status.entry_id                        2CY2 
_pdbx_database_status.recvd_initial_deposition_date   2005-07-04 
_pdbx_database_status.deposit_site                    PDBJ 
_pdbx_database_status.process_site                    PDBJ 
_pdbx_database_status.status_code_sf                  REL 
_pdbx_database_status.status_code_mr                  ? 
_pdbx_database_status.SG_entry                        Y 
_pdbx_database_status.pdb_format_compatible           Y 
_pdbx_database_status.status_code_cs                  ? 
_pdbx_database_status.status_code_nmr_data            ? 
_pdbx_database_status.methods_development_category    ? 
# 
loop_
_pdbx_database_related.db_name 
_pdbx_database_related.db_id 
_pdbx_database_related.details 
_pdbx_database_related.content_type 
PDB      1WK4           'The same protein complexed with acetyl coenzyme A.' unspecified 
TargetDB ttk003001606.2 .                                                    unspecified 
# 
loop_
_audit_author.name 
_audit_author.pdbx_ordinal 
'Kaminishi, T.'                                          1 
'Takemoto, C.'                                           2 
'Uchikubo-Kamo, T.'                                      3 
'Terada, T.'                                             4 
'Shirouzu, M.'                                           5 
'Yokoyama, S.'                                           6 
'RIKEN Structural Genomics/Proteomics Initiative (RSGI)' 7 
# 
_citation.id                        primary 
_citation.title                     'Crystal structure of TTHA1209 in complex with acetyl coenzyme A' 
_citation.journal_abbrev            'To be Published' 
_citation.journal_volume            ? 
_citation.page_first                ? 
_citation.page_last                 ? 
_citation.year                      ? 
_citation.journal_id_ASTM           ? 
_citation.country                   ? 
_citation.journal_id_ISSN           ? 
_citation.journal_id_CSD            0353 
_citation.book_publisher            ? 
_citation.pdbx_database_id_PubMed   ? 
_citation.pdbx_database_id_DOI      ? 
# 
loop_
_citation_author.citation_id 
_citation_author.name 
_citation_author.ordinal 
_citation_author.identifier_ORCID 
primary 'Kaminishi, T.'     1 ? 
primary 'Takemoto, C.'      2 ? 
primary 'Uchikubo-Kamo, T.' 3 ? 
primary 'Terada, T.'        4 ? 
primary 'Shirouzu, M.'      5 ? 
primary 'Yokoyama, S.'      6 ? 
# 
loop_
_entity.id 
_entity.type 
_entity.src_method 
_entity.pdbx_description 
_entity.formula_weight 
_entity.pdbx_number_of_molecules 
_entity.pdbx_ec 
_entity.pdbx_mutation 
_entity.pdbx_fragment 
_entity.details 
1 polymer     man 'probable acetyltransferase' 19519.062 1   ? ? ? ? 
2 non-polymer syn 'ACETYL COENZYME *A'         809.571   1   ? ? ? ? 
3 water       nat water                        18.015    154 ? ? ? ? 
# 
_entity_name_com.entity_id   1 
_entity_name_com.name        TTHA1209 
# 
_entity_poly.entity_id                      1 
_entity_poly.type                           'polypeptide(L)' 
_entity_poly.nstd_linkage                   no 
_entity_poly.nstd_monomer                   yes 
_entity_poly.pdbx_seq_one_letter_code       
;VRIRRAGLEDLPGVARVLVDTWRATYRGVVPEAFLEGLSYEGQAERWAQRLKTPTWPGRLFVAESESGEVVGFAAFGPDR
ASGFPGYTAELWAIYVLPTWQRKGLGRALFHEGARLLQAEGYGR(MSE)LVWVLKENPKGRGFYEHLGGVLLGEREIELG
GAKLWEVAYGFDLGGHKW
;
_entity_poly.pdbx_seq_one_letter_code_can   
;VRIRRAGLEDLPGVARVLVDTWRATYRGVVPEAFLEGLSYEGQAERWAQRLKTPTWPGRLFVAESESGEVVGFAAFGPDR
ASGFPGYTAELWAIYVLPTWQRKGLGRALFHEGARLLQAEGYGRMLVWVLKENPKGRGFYEHLGGVLLGEREIELGGAKL
WEVAYGFDLGGHKW
;
_entity_poly.pdbx_strand_id                 A 
_entity_poly.pdbx_target_identifier         ttk003001606.2 
# 
loop_
_pdbx_entity_nonpoly.entity_id 
_pdbx_entity_nonpoly.name 
_pdbx_entity_nonpoly.comp_id 
2 'ACETYL COENZYME *A' ACO 
3 water                HOH 
# 
loop_
_entity_poly_seq.entity_id 
_entity_poly_seq.num 
_entity_poly_seq.mon_id 
_entity_poly_seq.hetero 
1 1   VAL n 
1 2   ARG n 
1 3   ILE n 
1 4   ARG n 
1 5   ARG n 
1 6   ALA n 
1 7   GLY n 
1 8   LEU n 
1 9   GLU n 
1 10  ASP n 
1 11  LEU n 
1 12  PRO n 
1 13  GLY n 
1 14  VAL n 
1 15  ALA n 
1 16  ARG n 
1 17  VAL n 
1 18  LEU n 
1 19  VAL n 
1 20  ASP n 
1 21  THR n 
1 22  TRP n 
1 23  ARG n 
1 24  ALA n 
1 25  THR n 
1 26  TYR n 
1 27  ARG n 
1 28  GLY n 
1 29  VAL n 
1 30  VAL n 
1 31  PRO n 
1 32  GLU n 
1 33  ALA n 
1 34  PHE n 
1 35  LEU n 
1 36  GLU n 
1 37  GLY n 
1 38  LEU n 
1 39  SER n 
1 40  TYR n 
1 41  GLU n 
1 42  GLY n 
1 43  GLN n 
1 44  ALA n 
1 45  GLU n 
1 46  ARG n 
1 47  TRP n 
1 48  ALA n 
1 49  GLN n 
1 50  ARG n 
1 51  LEU n 
1 52  LYS n 
1 53  THR n 
1 54  PRO n 
1 55  THR n 
1 56  TRP n 
1 57  PRO n 
1 58  GLY n 
1 59  ARG n 
1 60  LEU n 
1 61  PHE n 
1 62  VAL n 
1 63  ALA n 
1 64  GLU n 
1 65  SER n 
1 66  GLU n 
1 67  SER n 
1 68  GLY n 
1 69  GLU n 
1 70  VAL n 
1 71  VAL n 
1 72  GLY n 
1 73  PHE n 
1 74  ALA n 
1 75  ALA n 
1 76  PHE n 
1 77  GLY n 
1 78  PRO n 
1 79  ASP n 
1 80  ARG n 
1 81  ALA n 
1 82  SER n 
1 83  GLY n 
1 84  PHE n 
1 85  PRO n 
1 86  GLY n 
1 87  TYR n 
1 88  THR n 
1 89  ALA n 
1 90  GLU n 
1 91  LEU n 
1 92  TRP n 
1 93  ALA n 
1 94  ILE n 
1 95  TYR n 
1 96  VAL n 
1 97  LEU n 
1 98  PRO n 
1 99  THR n 
1 100 TRP n 
1 101 GLN n 
1 102 ARG n 
1 103 LYS n 
1 104 GLY n 
1 105 LEU n 
1 106 GLY n 
1 107 ARG n 
1 108 ALA n 
1 109 LEU n 
1 110 PHE n 
1 111 HIS n 
1 112 GLU n 
1 113 GLY n 
1 114 ALA n 
1 115 ARG n 
1 116 LEU n 
1 117 LEU n 
1 118 GLN n 
1 119 ALA n 
1 120 GLU n 
1 121 GLY n 
1 122 TYR n 
1 123 GLY n 
1 124 ARG n 
1 125 MSE n 
1 126 LEU n 
1 127 VAL n 
1 128 TRP n 
1 129 VAL n 
1 130 LEU n 
1 131 LYS n 
1 132 GLU n 
1 133 ASN n 
1 134 PRO n 
1 135 LYS n 
1 136 GLY n 
1 137 ARG n 
1 138 GLY n 
1 139 PHE n 
1 140 TYR n 
1 141 GLU n 
1 142 HIS n 
1 143 LEU n 
1 144 GLY n 
1 145 GLY n 
1 146 VAL n 
1 147 LEU n 
1 148 LEU n 
1 149 GLY n 
1 150 GLU n 
1 151 ARG n 
1 152 GLU n 
1 153 ILE n 
1 154 GLU n 
1 155 LEU n 
1 156 GLY n 
1 157 GLY n 
1 158 ALA n 
1 159 LYS n 
1 160 LEU n 
1 161 TRP n 
1 162 GLU n 
1 163 VAL n 
1 164 ALA n 
1 165 TYR n 
1 166 GLY n 
1 167 PHE n 
1 168 ASP n 
1 169 LEU n 
1 170 GLY n 
1 171 GLY n 
1 172 HIS n 
1 173 LYS n 
1 174 TRP n 
# 
_entity_src_gen.entity_id                          1 
_entity_src_gen.pdbx_src_id                        1 
_entity_src_gen.pdbx_alt_source_flag               sample 
_entity_src_gen.pdbx_seq_type                      ? 
_entity_src_gen.pdbx_beg_seq_num                   ? 
_entity_src_gen.pdbx_end_seq_num                   ? 
_entity_src_gen.gene_src_common_name               ? 
_entity_src_gen.gene_src_genus                     Thermus 
_entity_src_gen.pdbx_gene_src_gene                 TTHA1209 
_entity_src_gen.gene_src_species                   'Thermus thermophilus' 
_entity_src_gen.gene_src_strain                    HB8 
_entity_src_gen.gene_src_tissue                    ? 
_entity_src_gen.gene_src_tissue_fraction           ? 
_entity_src_gen.gene_src_details                   ? 
_entity_src_gen.pdbx_gene_src_fragment             ? 
_entity_src_gen.pdbx_gene_src_scientific_name      'Thermus thermophilus' 
_entity_src_gen.pdbx_gene_src_ncbi_taxonomy_id     300852 
_entity_src_gen.pdbx_gene_src_variant              ? 
_entity_src_gen.pdbx_gene_src_cell_line            ? 
_entity_src_gen.pdbx_gene_src_atcc                 ? 
_entity_src_gen.pdbx_gene_src_organ                ? 
_entity_src_gen.pdbx_gene_src_organelle            ? 
_entity_src_gen.pdbx_gene_src_cell                 ? 
_entity_src_gen.pdbx_gene_src_cellular_location    ? 
_entity_src_gen.host_org_common_name               ? 
_entity_src_gen.pdbx_host_org_scientific_name      'Escherichia coli' 
_entity_src_gen.pdbx_host_org_ncbi_taxonomy_id     562 
_entity_src_gen.host_org_genus                     Escherichia 
_entity_src_gen.pdbx_host_org_gene                 ? 
_entity_src_gen.pdbx_host_org_organ                ? 
_entity_src_gen.host_org_species                   ? 
_entity_src_gen.pdbx_host_org_tissue               ? 
_entity_src_gen.pdbx_host_org_tissue_fraction      ? 
_entity_src_gen.pdbx_host_org_strain               ? 
_entity_src_gen.pdbx_host_org_variant              ? 
_entity_src_gen.pdbx_host_org_cell_line            ? 
_entity_src_gen.pdbx_host_org_atcc                 ? 
_entity_src_gen.pdbx_host_org_culture_collection   ? 
_entity_src_gen.pdbx_host_org_cell                 ? 
_entity_src_gen.pdbx_host_org_organelle            ? 
_entity_src_gen.pdbx_host_org_cellular_location    ? 
_entity_src_gen.pdbx_host_org_vector_type          Plasmid 
_entity_src_gen.pdbx_host_org_vector               ? 
_entity_src_gen.host_org_details                   ? 
_entity_src_gen.expression_system_id               ? 
_entity_src_gen.plasmid_name                       pET-11a 
_entity_src_gen.plasmid_details                    ? 
_entity_src_gen.pdbx_description                   ? 
# 
loop_
_chem_comp.id 
_chem_comp.type 
_chem_comp.mon_nstd_flag 
_chem_comp.name 
_chem_comp.pdbx_synonyms 
_chem_comp.formula 
_chem_comp.formula_weight 
ACO non-polymer         . 'ACETYL COENZYME *A' ? 'C23 H38 N7 O17 P3 S' 809.571 
ALA 'L-peptide linking' y ALANINE              ? 'C3 H7 N O2'          89.093  
ARG 'L-peptide linking' y ARGININE             ? 'C6 H15 N4 O2 1'      175.209 
ASN 'L-peptide linking' y ASPARAGINE           ? 'C4 H8 N2 O3'         132.118 
ASP 'L-peptide linking' y 'ASPARTIC ACID'      ? 'C4 H7 N O4'          133.103 
GLN 'L-peptide linking' y GLUTAMINE            ? 'C5 H10 N2 O3'        146.144 
GLU 'L-peptide linking' y 'GLUTAMIC ACID'      ? 'C5 H9 N O4'          147.129 
GLY 'peptide linking'   y GLYCINE              ? 'C2 H5 N O2'          75.067  
HIS 'L-peptide linking' y HISTIDINE            ? 'C6 H10 N3 O2 1'      156.162 
HOH non-polymer         . WATER                ? 'H2 O'                18.015  
ILE 'L-peptide linking' y ISOLEUCINE           ? 'C6 H13 N O2'         131.173 
LEU 'L-peptide linking' y LEUCINE              ? 'C6 H13 N O2'         131.173 
LYS 'L-peptide linking' y LYSINE               ? 'C6 H15 N2 O2 1'      147.195 
MET 'L-peptide linking' y METHIONINE           ? 'C5 H11 N O2 S'       149.211 
MSE 'L-peptide linking' n SELENOMETHIONINE     ? 'C5 H11 N O2 Se'      196.106 
PHE 'L-peptide linking' y PHENYLALANINE        ? 'C9 H11 N O2'         165.189 
PRO 'L-peptide linking' y PROLINE              ? 'C5 H9 N O2'          115.130 
SER 'L-peptide linking' y SERINE               ? 'C3 H7 N O3'          105.093 
THR 'L-peptide linking' y THREONINE            ? 'C4 H9 N O3'          119.119 
TRP 'L-peptide linking' y TRYPTOPHAN           ? 'C11 H12 N2 O2'       204.225 
TYR 'L-peptide linking' y TYROSINE             ? 'C9 H11 N O3'         181.189 
VAL 'L-peptide linking' y VALINE               ? 'C5 H11 N O2'         117.146 
# 
loop_
_pdbx_poly_seq_scheme.asym_id 
_pdbx_poly_seq_scheme.entity_id 
_pdbx_poly_seq_scheme.seq_id 
_pdbx_poly_seq_scheme.mon_id 
_pdbx_poly_seq_scheme.ndb_seq_num 
_pdbx_poly_seq_scheme.pdb_seq_num 
_pdbx_poly_seq_scheme.auth_seq_num 
_pdbx_poly_seq_scheme.pdb_mon_id 
_pdbx_poly_seq_scheme.auth_mon_id 
_pdbx_poly_seq_scheme.pdb_strand_id 
_pdbx_poly_seq_scheme.pdb_ins_code 
_pdbx_poly_seq_scheme.hetero 
A 1 1   VAL 1   1   1   VAL VAL A . n 
A 1 2   ARG 2   2   2   ARG ARG A . n 
A 1 3   ILE 3   3   3   ILE ILE A . n 
A 1 4   ARG 4   4   4   ARG ARG A . n 
A 1 5   ARG 5   5   5   ARG ARG A . n 
A 1 6   ALA 6   6   6   ALA ALA A . n 
A 1 7   GLY 7   7   7   GLY GLY A . n 
A 1 8   LEU 8   8   8   LEU LEU A . n 
A 1 9   GLU 9   9   9   GLU GLU A . n 
A 1 10  ASP 10  10  10  ASP ASP A . n 
A 1 11  LEU 11  11  11  LEU LEU A . n 
A 1 12  PRO 12  12  12  PRO PRO A . n 
A 1 13  GLY 13  13  13  GLY GLY A . n 
A 1 14  VAL 14  14  14  VAL VAL A . n 
A 1 15  ALA 15  15  15  ALA ALA A . n 
A 1 16  ARG 16  16  16  ARG ARG A . n 
A 1 17  VAL 17  17  17  VAL VAL A . n 
A 1 18  LEU 18  18  18  LEU LEU A . n 
A 1 19  VAL 19  19  19  VAL VAL A . n 
A 1 20  ASP 20  20  20  ASP ASP A . n 
A 1 21  THR 21  21  21  THR THR A . n 
A 1 22  TRP 22  22  22  TRP TRP A . n 
A 1 23  ARG 23  23  23  ARG ARG A . n 
A 1 24  ALA 24  24  24  ALA ALA A . n 
A 1 25  THR 25  25  25  THR THR A . n 
A 1 26  TYR 26  26  26  TYR TYR A . n 
A 1 27  ARG 27  27  27  ARG ARG A . n 
A 1 28  GLY 28  28  28  GLY GLY A . n 
A 1 29  VAL 29  29  29  VAL VAL A . n 
A 1 30  VAL 30  30  30  VAL VAL A . n 
A 1 31  PRO 31  31  31  PRO PRO A . n 
A 1 32  GLU 32  32  32  GLU GLU A . n 
A 1 33  ALA 33  33  33  ALA ALA A . n 
A 1 34  PHE 34  34  34  PHE PHE A . n 
A 1 35  LEU 35  35  35  LEU LEU A . n 
A 1 36  GLU 36  36  36  GLU GLU A . n 
A 1 37  GLY 37  37  37  GLY GLY A . n 
A 1 38  LEU 38  38  38  LEU LEU A . n 
A 1 39  SER 39  39  39  SER SER A . n 
A 1 40  TYR 40  40  40  TYR TYR A . n 
A 1 41  GLU 41  41  41  GLU GLU A . n 
A 1 42  GLY 42  42  42  GLY GLY A . n 
A 1 43  GLN 43  43  43  GLN GLN A . n 
A 1 44  ALA 44  44  44  ALA ALA A . n 
A 1 45  GLU 45  45  45  GLU GLU A . n 
A 1 46  ARG 46  46  46  ARG ARG A . n 
A 1 47  TRP 47  47  47  TRP TRP A . n 
A 1 48  ALA 48  48  48  ALA ALA A . n 
A 1 49  GLN 49  49  49  GLN GLN A . n 
A 1 50  ARG 50  50  50  ARG ARG A . n 
A 1 51  LEU 51  51  51  LEU LEU A . n 
A 1 52  LYS 52  52  52  LYS LYS A . n 
A 1 53  THR 53  53  53  THR THR A . n 
A 1 54  PRO 54  54  54  PRO PRO A . n 
A 1 55  THR 55  55  55  THR THR A . n 
A 1 56  TRP 56  56  56  TRP TRP A . n 
A 1 57  PRO 57  57  57  PRO PRO A . n 
A 1 58  GLY 58  58  58  GLY GLY A . n 
A 1 59  ARG 59  59  59  ARG ARG A . n 
A 1 60  LEU 60  60  60  LEU LEU A . n 
A 1 61  PHE 61  61  61  PHE PHE A . n 
A 1 62  VAL 62  62  62  VAL VAL A . n 
A 1 63  ALA 63  63  63  ALA ALA A . n 
A 1 64  GLU 64  64  64  GLU GLU A . n 
A 1 65  SER 65  65  65  SER SER A . n 
A 1 66  GLU 66  66  66  GLU GLU A . n 
A 1 67  SER 67  67  67  SER SER A . n 
A 1 68  GLY 68  68  68  GLY GLY A . n 
A 1 69  GLU 69  69  69  GLU GLU A . n 
A 1 70  VAL 70  70  70  VAL VAL A . n 
A 1 71  VAL 71  71  71  VAL VAL A . n 
A 1 72  GLY 72  72  72  GLY GLY A . n 
A 1 73  PHE 73  73  73  PHE PHE A . n 
A 1 74  ALA 74  74  74  ALA ALA A . n 
A 1 75  ALA 75  75  75  ALA ALA A . n 
A 1 76  PHE 76  76  76  PHE PHE A . n 
A 1 77  GLY 77  77  77  GLY GLY A . n 
A 1 78  PRO 78  78  78  PRO PRO A . n 
A 1 79  ASP 79  79  79  ASP ASP A . n 
A 1 80  ARG 80  80  80  ARG ARG A . n 
A 1 81  ALA 81  81  81  ALA ALA A . n 
A 1 82  SER 82  82  82  SER SER A . n 
A 1 83  GLY 83  83  83  GLY GLY A . n 
A 1 84  PHE 84  84  84  PHE PHE A . n 
A 1 85  PRO 85  85  85  PRO PRO A . n 
A 1 86  GLY 86  86  86  GLY GLY A . n 
A 1 87  TYR 87  87  87  TYR TYR A . n 
A 1 88  THR 88  88  88  THR THR A . n 
A 1 89  ALA 89  89  89  ALA ALA A . n 
A 1 90  GLU 90  90  90  GLU GLU A . n 
A 1 91  LEU 91  91  91  LEU LEU A . n 
A 1 92  TRP 92  92  92  TRP TRP A . n 
A 1 93  ALA 93  93  93  ALA ALA A . n 
A 1 94  ILE 94  94  94  ILE ILE A . n 
A 1 95  TYR 95  95  95  TYR TYR A . n 
A 1 96  VAL 96  96  96  VAL VAL A . n 
A 1 97  LEU 97  97  97  LEU LEU A . n 
A 1 98  PRO 98  98  98  PRO PRO A . n 
A 1 99  THR 99  99  99  THR THR A . n 
A 1 100 TRP 100 100 100 TRP TRP A . n 
A 1 101 GLN 101 101 101 GLN GLN A . n 
A 1 102 ARG 102 102 102 ARG ARG A . n 
A 1 103 LYS 103 103 103 LYS LYS A . n 
A 1 104 GLY 104 104 104 GLY GLY A . n 
A 1 105 LEU 105 105 105 LEU LEU A . n 
A 1 106 GLY 106 106 106 GLY GLY A . n 
A 1 107 ARG 107 107 107 ARG ARG A . n 
A 1 108 ALA 108 108 108 ALA ALA A . n 
A 1 109 LEU 109 109 109 LEU LEU A . n 
A 1 110 PHE 110 110 110 PHE PHE A . n 
A 1 111 HIS 111 111 111 HIS HIS A . n 
A 1 112 GLU 112 112 112 GLU GLU A . n 
A 1 113 GLY 113 113 113 GLY GLY A . n 
A 1 114 ALA 114 114 114 ALA ALA A . n 
A 1 115 ARG 115 115 115 ARG ARG A . n 
A 1 116 LEU 116 116 116 LEU LEU A . n 
A 1 117 LEU 117 117 117 LEU LEU A . n 
A 1 118 GLN 118 118 118 GLN GLN A . n 
A 1 119 ALA 119 119 119 ALA ALA A . n 
A 1 120 GLU 120 120 120 GLU GLU A . n 
A 1 121 GLY 121 121 121 GLY GLY A . n 
A 1 122 TYR 122 122 122 TYR TYR A . n 
A 1 123 GLY 123 123 123 GLY GLY A . n 
A 1 124 ARG 124 124 124 ARG ARG A . n 
A 1 125 MSE 125 125 125 MSE MSE A . n 
A 1 126 LEU 126 126 126 LEU LEU A . n 
A 1 127 VAL 127 127 127 VAL VAL A . n 
A 1 128 TRP 128 128 128 TRP TRP A . n 
A 1 129 VAL 129 129 129 VAL VAL A . n 
A 1 130 LEU 130 130 130 LEU LEU A . n 
A 1 131 LYS 131 131 131 LYS LYS A . n 
A 1 132 GLU 132 132 132 GLU GLU A . n 
A 1 133 ASN 133 133 133 ASN ASN A . n 
A 1 134 PRO 134 134 134 PRO PRO A . n 
A 1 135 LYS 135 135 135 LYS LYS A . n 
A 1 136 GLY 136 136 136 GLY GLY A . n 
A 1 137 ARG 137 137 137 ARG ARG A . n 
A 1 138 GLY 138 138 138 GLY GLY A . n 
A 1 139 PHE 139 139 139 PHE PHE A . n 
A 1 140 TYR 140 140 140 TYR TYR A . n 
A 1 141 GLU 141 141 141 GLU GLU A . n 
A 1 142 HIS 142 142 142 HIS HIS A . n 
A 1 143 LEU 143 143 143 LEU LEU A . n 
A 1 144 GLY 144 144 144 GLY GLY A . n 
A 1 145 GLY 145 145 145 GLY GLY A . n 
A 1 146 VAL 146 146 146 VAL VAL A . n 
A 1 147 LEU 147 147 147 LEU LEU A . n 
A 1 148 LEU 148 148 148 LEU LEU A . n 
A 1 149 GLY 149 149 149 GLY GLY A . n 
A 1 150 GLU 150 150 150 GLU GLU A . n 
A 1 151 ARG 151 151 151 ARG ARG A . n 
A 1 152 GLU 152 152 152 GLU GLU A . n 
A 1 153 ILE 153 153 153 ILE ILE A . n 
A 1 154 GLU 154 154 154 GLU GLU A . n 
A 1 155 LEU 155 155 155 LEU LEU A . n 
A 1 156 GLY 156 156 156 GLY GLY A . n 
A 1 157 GLY 157 157 157 GLY GLY A . n 
A 1 158 ALA 158 158 158 ALA ALA A . n 
A 1 159 LYS 159 159 159 LYS LYS A . n 
A 1 160 LEU 160 160 160 LEU LEU A . n 
A 1 161 TRP 161 161 161 TRP TRP A . n 
A 1 162 GLU 162 162 162 GLU GLU A . n 
A 1 163 VAL 163 163 163 VAL VAL A . n 
A 1 164 ALA 164 164 164 ALA ALA A . n 
A 1 165 TYR 165 165 165 TYR TYR A . n 
A 1 166 GLY 166 166 166 GLY GLY A . n 
A 1 167 PHE 167 167 167 PHE PHE A . n 
A 1 168 ASP 168 168 168 ASP ASP A . n 
A 1 169 LEU 169 169 169 LEU LEU A . n 
A 1 170 GLY 170 170 170 GLY GLY A . n 
A 1 171 GLY 171 171 171 GLY GLY A . n 
A 1 172 HIS 172 172 172 HIS HIS A . n 
A 1 173 LYS 173 173 173 LYS LYS A . n 
A 1 174 TRP 174 174 174 TRP TRP A . n 
# 
loop_
_pdbx_nonpoly_scheme.asym_id 
_pdbx_nonpoly_scheme.entity_id 
_pdbx_nonpoly_scheme.mon_id 
_pdbx_nonpoly_scheme.ndb_seq_num 
_pdbx_nonpoly_scheme.pdb_seq_num 
_pdbx_nonpoly_scheme.auth_seq_num 
_pdbx_nonpoly_scheme.pdb_mon_id 
_pdbx_nonpoly_scheme.auth_mon_id 
_pdbx_nonpoly_scheme.pdb_strand_id 
_pdbx_nonpoly_scheme.pdb_ins_code 
B 2 ACO 1   200 200 ACO ACO A . 
C 3 HOH 1   201 1   HOH HOH A . 
C 3 HOH 2   202 2   HOH HOH A . 
C 3 HOH 3   203 3   HOH HOH A . 
C 3 HOH 4   204 4   HOH HOH A . 
C 3 HOH 5   205 5   HOH HOH A . 
C 3 HOH 6   206 6   HOH HOH A . 
C 3 HOH 7   207 7   HOH HOH A . 
C 3 HOH 8   208 8   HOH HOH A . 
C 3 HOH 9   209 9   HOH HOH A . 
C 3 HOH 10  210 10  HOH HOH A . 
C 3 HOH 11  211 11  HOH HOH A . 
C 3 HOH 12  212 12  HOH HOH A . 
C 3 HOH 13  213 13  HOH HOH A . 
C 3 HOH 14  214 14  HOH HOH A . 
C 3 HOH 15  215 15  HOH HOH A . 
C 3 HOH 16  216 16  HOH HOH A . 
C 3 HOH 17  217 17  HOH HOH A . 
C 3 HOH 18  218 18  HOH HOH A . 
C 3 HOH 19  219 19  HOH HOH A . 
C 3 HOH 20  220 20  HOH HOH A . 
C 3 HOH 21  221 21  HOH HOH A . 
C 3 HOH 22  222 22  HOH HOH A . 
C 3 HOH 23  223 23  HOH HOH A . 
C 3 HOH 24  224 24  HOH HOH A . 
C 3 HOH 25  225 25  HOH HOH A . 
C 3 HOH 26  226 26  HOH HOH A . 
C 3 HOH 27  227 27  HOH HOH A . 
C 3 HOH 28  228 28  HOH HOH A . 
C 3 HOH 29  229 29  HOH HOH A . 
C 3 HOH 30  230 30  HOH HOH A . 
C 3 HOH 31  231 31  HOH HOH A . 
C 3 HOH 32  232 32  HOH HOH A . 
C 3 HOH 33  233 33  HOH HOH A . 
C 3 HOH 34  234 34  HOH HOH A . 
C 3 HOH 35  235 35  HOH HOH A . 
C 3 HOH 36  236 36  HOH HOH A . 
C 3 HOH 37  237 37  HOH HOH A . 
C 3 HOH 38  238 38  HOH HOH A . 
C 3 HOH 39  239 39  HOH HOH A . 
C 3 HOH 40  240 40  HOH HOH A . 
C 3 HOH 41  241 41  HOH HOH A . 
C 3 HOH 42  242 42  HOH HOH A . 
C 3 HOH 43  243 43  HOH HOH A . 
C 3 HOH 44  244 44  HOH HOH A . 
C 3 HOH 45  245 45  HOH HOH A . 
C 3 HOH 46  246 46  HOH HOH A . 
C 3 HOH 47  247 47  HOH HOH A . 
C 3 HOH 48  248 48  HOH HOH A . 
C 3 HOH 49  249 49  HOH HOH A . 
C 3 HOH 50  250 50  HOH HOH A . 
C 3 HOH 51  251 51  HOH HOH A . 
C 3 HOH 52  252 52  HOH HOH A . 
C 3 HOH 53  253 53  HOH HOH A . 
C 3 HOH 54  254 54  HOH HOH A . 
C 3 HOH 55  255 55  HOH HOH A . 
C 3 HOH 56  256 56  HOH HOH A . 
C 3 HOH 57  257 57  HOH HOH A . 
C 3 HOH 58  258 58  HOH HOH A . 
C 3 HOH 59  259 59  HOH HOH A . 
C 3 HOH 60  260 60  HOH HOH A . 
C 3 HOH 61  261 61  HOH HOH A . 
C 3 HOH 62  262 62  HOH HOH A . 
C 3 HOH 63  263 63  HOH HOH A . 
C 3 HOH 64  264 64  HOH HOH A . 
C 3 HOH 65  265 65  HOH HOH A . 
C 3 HOH 66  266 66  HOH HOH A . 
C 3 HOH 67  267 67  HOH HOH A . 
C 3 HOH 68  268 68  HOH HOH A . 
C 3 HOH 69  269 69  HOH HOH A . 
C 3 HOH 70  270 70  HOH HOH A . 
C 3 HOH 71  271 71  HOH HOH A . 
C 3 HOH 72  272 72  HOH HOH A . 
C 3 HOH 73  273 73  HOH HOH A . 
C 3 HOH 74  274 74  HOH HOH A . 
C 3 HOH 75  275 75  HOH HOH A . 
C 3 HOH 76  276 76  HOH HOH A . 
C 3 HOH 77  277 77  HOH HOH A . 
C 3 HOH 78  278 78  HOH HOH A . 
C 3 HOH 79  279 79  HOH HOH A . 
C 3 HOH 80  280 80  HOH HOH A . 
C 3 HOH 81  281 81  HOH HOH A . 
C 3 HOH 82  282 82  HOH HOH A . 
C 3 HOH 83  283 83  HOH HOH A . 
C 3 HOH 84  284 84  HOH HOH A . 
C 3 HOH 85  285 85  HOH HOH A . 
C 3 HOH 86  286 86  HOH HOH A . 
C 3 HOH 87  287 87  HOH HOH A . 
C 3 HOH 88  288 88  HOH HOH A . 
C 3 HOH 89  289 89  HOH HOH A . 
C 3 HOH 90  290 90  HOH HOH A . 
C 3 HOH 91  291 91  HOH HOH A . 
C 3 HOH 92  292 92  HOH HOH A . 
C 3 HOH 93  293 93  HOH HOH A . 
C 3 HOH 94  294 94  HOH HOH A . 
C 3 HOH 95  295 95  HOH HOH A . 
C 3 HOH 96  296 96  HOH HOH A . 
C 3 HOH 97  297 97  HOH HOH A . 
C 3 HOH 98  298 98  HOH HOH A . 
C 3 HOH 99  299 99  HOH HOH A . 
C 3 HOH 100 300 100 HOH HOH A . 
C 3 HOH 101 301 101 HOH HOH A . 
C 3 HOH 102 302 102 HOH HOH A . 
C 3 HOH 103 303 103 HOH HOH A . 
C 3 HOH 104 304 104 HOH HOH A . 
C 3 HOH 105 305 105 HOH HOH A . 
C 3 HOH 106 306 106 HOH HOH A . 
C 3 HOH 107 307 107 HOH HOH A . 
C 3 HOH 108 308 108 HOH HOH A . 
C 3 HOH 109 309 109 HOH HOH A . 
C 3 HOH 110 310 110 HOH HOH A . 
C 3 HOH 111 311 111 HOH HOH A . 
C 3 HOH 112 312 112 HOH HOH A . 
C 3 HOH 113 313 113 HOH HOH A . 
C 3 HOH 114 314 114 HOH HOH A . 
C 3 HOH 115 315 115 HOH HOH A . 
C 3 HOH 116 316 116 HOH HOH A . 
C 3 HOH 117 317 117 HOH HOH A . 
C 3 HOH 118 318 118 HOH HOH A . 
C 3 HOH 119 319 119 HOH HOH A . 
C 3 HOH 120 320 120 HOH HOH A . 
C 3 HOH 121 321 121 HOH HOH A . 
C 3 HOH 122 322 122 HOH HOH A . 
C 3 HOH 123 323 123 HOH HOH A . 
C 3 HOH 124 324 124 HOH HOH A . 
C 3 HOH 125 325 125 HOH HOH A . 
C 3 HOH 126 326 126 HOH HOH A . 
C 3 HOH 127 327 127 HOH HOH A . 
C 3 HOH 128 328 128 HOH HOH A . 
C 3 HOH 129 329 129 HOH HOH A . 
C 3 HOH 130 330 130 HOH HOH A . 
C 3 HOH 131 331 131 HOH HOH A . 
C 3 HOH 132 332 132 HOH HOH A . 
C 3 HOH 133 333 133 HOH HOH A . 
C 3 HOH 134 334 134 HOH HOH A . 
C 3 HOH 135 335 135 HOH HOH A . 
C 3 HOH 136 336 136 HOH HOH A . 
C 3 HOH 137 337 137 HOH HOH A . 
C 3 HOH 138 338 138 HOH HOH A . 
C 3 HOH 139 339 139 HOH HOH A . 
C 3 HOH 140 340 140 HOH HOH A . 
C 3 HOH 141 341 141 HOH HOH A . 
C 3 HOH 142 342 142 HOH HOH A . 
C 3 HOH 143 343 143 HOH HOH A . 
C 3 HOH 144 344 144 HOH HOH A . 
C 3 HOH 145 345 145 HOH HOH A . 
C 3 HOH 146 346 146 HOH HOH A . 
C 3 HOH 147 347 147 HOH HOH A . 
C 3 HOH 148 348 148 HOH HOH A . 
C 3 HOH 149 349 149 HOH HOH A . 
C 3 HOH 150 350 150 HOH HOH A . 
C 3 HOH 151 351 151 HOH HOH A . 
C 3 HOH 152 352 152 HOH HOH A . 
C 3 HOH 153 353 153 HOH HOH A . 
C 3 HOH 154 354 154 HOH HOH A . 
# 
loop_
_software.name 
_software.classification 
_software.version 
_software.citation_id 
_software.pdbx_ordinal 
CNS      refinement       1.1 ? 1 
HKL-2000 'data reduction' .   ? 2 
HKL-2000 'data scaling'   .   ? 3 
SOLVE    phasing          .   ? 4 
# 
_cell.entry_id           2CY2 
_cell.length_a           65.398 
_cell.length_b           65.398 
_cell.length_c           124.389 
_cell.angle_alpha        90.00 
_cell.angle_beta         90.00 
_cell.angle_gamma        120.00 
_cell.Z_PDB              6 
_cell.pdbx_unique_axis   ? 
_cell.length_a_esd       ? 
_cell.length_b_esd       ? 
_cell.length_c_esd       ? 
_cell.angle_alpha_esd    ? 
_cell.angle_beta_esd     ? 
_cell.angle_gamma_esd    ? 
# 
_symmetry.entry_id                         2CY2 
_symmetry.space_group_name_H-M             'P 31 2 1' 
_symmetry.pdbx_full_space_group_name_H-M   ? 
_symmetry.cell_setting                     ? 
_symmetry.Int_Tables_number                152 
_symmetry.space_group_name_Hall            ? 
# 
_exptl.entry_id          2CY2 
_exptl.method            'X-RAY DIFFRACTION' 
_exptl.crystals_number   1 
# 
_exptl_crystal.id                    1 
_exptl_crystal.density_meas          ? 
_exptl_crystal.density_Matthews      3.9 
_exptl_crystal.density_percent_sol   68.4 
_exptl_crystal.description           ? 
_exptl_crystal.F_000                 ? 
_exptl_crystal.preparation           ? 
# 
_exptl_crystal_grow.crystal_id      1 
_exptl_crystal_grow.method          'VAPOR DIFFUSION, SITTING DROP' 
_exptl_crystal_grow.temp            293.0 
_exptl_crystal_grow.temp_details    ? 
_exptl_crystal_grow.pH              7.5 
_exptl_crystal_grow.pdbx_details    
;47mM HEPES-Na (pH 8.0), 0.94% polyethylene glycol 400, 940mM ammonium sulfate, 8.3% glycerol anhydrous, 8.8mM Tris-Cl (pH 7.5), 66mM NaCl, 0.43mM acetyl coenzyme A, VAPOR DIFFUSION, SITTING DROP, temperature 293.0K
;
_exptl_crystal_grow.pdbx_pH_range   . 
# 
_diffrn.id                     1 
_diffrn.ambient_temp           ? 
_diffrn.ambient_temp_details   ? 
_diffrn.crystal_id             1 
# 
_diffrn_detector.diffrn_id              1 
_diffrn_detector.detector               CCD 
_diffrn_detector.type                   'ADSC QUANTUM 210' 
_diffrn_detector.pdbx_collection_date   2005-04-12 
_diffrn_detector.details                mirrors 
# 
_diffrn_radiation.diffrn_id                        1 
_diffrn_radiation.wavelength_id                    1 
_diffrn_radiation.pdbx_monochromatic_or_laue_m_l   M 
_diffrn_radiation.monochromator                    
'Numerical link type Si(111) double crystal monochromator, liquid nitrogen cooling' 
_diffrn_radiation.pdbx_diffrn_protocol             'SINGLE WAVELENGTH' 
_diffrn_radiation.pdbx_scattering_type             x-ray 
# 
_diffrn_radiation_wavelength.id           1 
_diffrn_radiation_wavelength.wavelength   0.97920 
_diffrn_radiation_wavelength.wt           1.0 
# 
_diffrn_source.diffrn_id                   1 
_diffrn_source.source                      SYNCHROTRON 
_diffrn_source.type                        'PHOTON FACTORY BEAMLINE AR-NW12A' 
_diffrn_source.pdbx_synchrotron_site       'Photon Factory' 
_diffrn_source.pdbx_synchrotron_beamline   AR-NW12A 
_diffrn_source.pdbx_wavelength             ? 
_diffrn_source.pdbx_wavelength_list        0.97920 
# 
_reflns.entry_id                     2CY2 
_reflns.observed_criterion_sigma_I   -3.0 
_reflns.observed_criterion_sigma_F   ? 
_reflns.d_resolution_low             50.0 
_reflns.d_resolution_high            2.00 
_reflns.number_obs                   21535 
_reflns.number_all                   ? 
_reflns.percent_possible_obs         99.9 
_reflns.pdbx_Rmerge_I_obs            ? 
_reflns.pdbx_Rsym_value              0.07 
_reflns.pdbx_netI_over_sigmaI        22.7 
_reflns.B_iso_Wilson_estimate        15.8 
_reflns.pdbx_redundancy              6.6 
_reflns.R_free_details               ? 
_reflns.limit_h_max                  ? 
_reflns.limit_h_min                  ? 
_reflns.limit_k_max                  ? 
_reflns.limit_k_min                  ? 
_reflns.limit_l_max                  ? 
_reflns.limit_l_min                  ? 
_reflns.observed_criterion_F_max     ? 
_reflns.observed_criterion_F_min     ? 
_reflns.pdbx_chi_squared             ? 
_reflns.pdbx_scaling_rejects         ? 
_reflns.pdbx_ordinal                 1 
_reflns.pdbx_diffrn_id               1 
# 
_reflns_shell.d_res_high             2.00 
_reflns_shell.d_res_low              2.07 
_reflns_shell.percent_possible_all   100.0 
_reflns_shell.Rmerge_I_obs           ? 
_reflns_shell.pdbx_Rsym_value        0.527 
_reflns_shell.meanI_over_sigI_obs    3.0 
_reflns_shell.pdbx_redundancy        6.2 
_reflns_shell.percent_possible_obs   ? 
_reflns_shell.number_unique_all      2115 
_reflns_shell.number_measured_all    ? 
_reflns_shell.number_measured_obs    ? 
_reflns_shell.number_unique_obs      ? 
_reflns_shell.pdbx_chi_squared       ? 
_reflns_shell.pdbx_ordinal           1 
_reflns_shell.pdbx_diffrn_id         1 
# 
_refine.entry_id                                 2CY2 
_refine.ls_number_reflns_obs                     19933 
_refine.ls_number_reflns_all                     ? 
_refine.pdbx_ls_sigma_I                          ? 
_refine.pdbx_ls_sigma_F                          0.0 
_refine.pdbx_data_cutoff_high_absF               664064.95 
_refine.pdbx_data_cutoff_low_absF                0.000000 
_refine.pdbx_data_cutoff_high_rms_absF           ? 
_refine.ls_d_res_low                             41.88 
_refine.ls_d_res_high                            2.00 
_refine.ls_percent_reflns_obs                    92.7 
_refine.ls_R_factor_obs                          0.201 
_refine.ls_R_factor_all                          ? 
_refine.ls_R_factor_R_work                       0.201 
_refine.ls_R_factor_R_free                       0.227 
_refine.ls_R_factor_R_free_error                 0.007 
_refine.ls_R_factor_R_free_error_details         ? 
_refine.ls_percent_reflns_R_free                 4.9 
_refine.ls_number_reflns_R_free                  969 
_refine.ls_number_parameters                     ? 
_refine.ls_number_restraints                     ? 
_refine.occupancy_min                            ? 
_refine.occupancy_max                            ? 
_refine.correlation_coeff_Fo_to_Fc               ? 
_refine.correlation_coeff_Fo_to_Fc_free          ? 
_refine.B_iso_mean                               46.9 
_refine.aniso_B[1][1]                            8.99 
_refine.aniso_B[2][2]                            8.99 
_refine.aniso_B[3][3]                            -17.98 
_refine.aniso_B[1][2]                            2.65 
_refine.aniso_B[1][3]                            0.00 
_refine.aniso_B[2][3]                            0.00 
_refine.solvent_model_details                    'FLAT MODEL' 
_refine.solvent_model_param_ksol                 0.388397 
_refine.solvent_model_param_bsol                 69.5489 
_refine.pdbx_solvent_vdw_probe_radii             ? 
_refine.pdbx_solvent_ion_probe_radii             ? 
_refine.pdbx_solvent_shrinkage_radii             ? 
_refine.pdbx_ls_cross_valid_method               THROUGHOUT 
_refine.details                                  ? 
_refine.pdbx_starting_model                      ? 
_refine.pdbx_method_to_determine_struct          SAD 
_refine.pdbx_isotropic_thermal_model             RESTRAINED 
_refine.pdbx_stereochemistry_target_values       ? 
_refine.pdbx_stereochem_target_val_spec_case     ? 
_refine.pdbx_R_Free_selection_details            RANDOM 
_refine.pdbx_overall_ESU_R                       ? 
_refine.pdbx_overall_ESU_R_Free                  ? 
_refine.overall_SU_ML                            ? 
_refine.overall_SU_B                             ? 
_refine.ls_redundancy_reflns_obs                 ? 
_refine.B_iso_min                                ? 
_refine.B_iso_max                                ? 
_refine.overall_SU_R_Cruickshank_DPI             ? 
_refine.overall_SU_R_free                        ? 
_refine.ls_wR_factor_R_free                      ? 
_refine.ls_wR_factor_R_work                      ? 
_refine.overall_FOM_free_R_set                   ? 
_refine.overall_FOM_work_R_set                   ? 
_refine.pdbx_refine_id                           'X-RAY DIFFRACTION' 
_refine.pdbx_diffrn_id                           1 
_refine.pdbx_TLS_residual_ADP_flag               ? 
_refine.pdbx_overall_phase_error                 ? 
_refine.pdbx_overall_SU_R_free_Cruickshank_DPI   ? 
_refine.pdbx_overall_SU_R_Blow_DPI               ? 
_refine.pdbx_overall_SU_R_free_Blow_DPI          ? 
# 
_refine_analyze.entry_id                        2CY2 
_refine_analyze.Luzzati_coordinate_error_obs    0.24 
_refine_analyze.Luzzati_sigma_a_obs             0.29 
_refine_analyze.Luzzati_d_res_low_obs           5.00 
_refine_analyze.Luzzati_coordinate_error_free   0.28 
_refine_analyze.Luzzati_sigma_a_free            0.30 
_refine_analyze.Luzzati_d_res_low_free          ? 
_refine_analyze.number_disordered_residues      ? 
_refine_analyze.occupancy_sum_hydrogen          ? 
_refine_analyze.occupancy_sum_non_hydrogen      ? 
_refine_analyze.pdbx_Luzzati_d_res_high_obs     ? 
_refine_analyze.pdbx_refine_id                  'X-RAY DIFFRACTION' 
# 
_refine_hist.pdbx_refine_id                   'X-RAY DIFFRACTION' 
_refine_hist.cycle_id                         LAST 
_refine_hist.pdbx_number_atoms_protein        1383 
_refine_hist.pdbx_number_atoms_nucleic_acid   0 
_refine_hist.pdbx_number_atoms_ligand         51 
_refine_hist.number_atoms_solvent             154 
_refine_hist.number_atoms_total               1588 
_refine_hist.d_res_high                       2.00 
_refine_hist.d_res_low                        41.88 
# 
loop_
_refine_ls_restr.type 
_refine_ls_restr.dev_ideal 
_refine_ls_restr.dev_ideal_target 
_refine_ls_restr.weight 
_refine_ls_restr.number 
_refine_ls_restr.pdbx_refine_id 
_refine_ls_restr.pdbx_restraint_function 
c_bond_d                0.013 ?    ? ? 'X-RAY DIFFRACTION' ? 
c_bond_d_na             ?     ?    ? ? 'X-RAY DIFFRACTION' ? 
c_bond_d_prot           ?     ?    ? ? 'X-RAY DIFFRACTION' ? 
c_angle_d               ?     ?    ? ? 'X-RAY DIFFRACTION' ? 
c_angle_d_na            ?     ?    ? ? 'X-RAY DIFFRACTION' ? 
c_angle_d_prot          ?     ?    ? ? 'X-RAY DIFFRACTION' ? 
c_angle_deg             1.6   ?    ? ? 'X-RAY DIFFRACTION' ? 
c_angle_deg_na          ?     ?    ? ? 'X-RAY DIFFRACTION' ? 
c_angle_deg_prot        ?     ?    ? ? 'X-RAY DIFFRACTION' ? 
c_dihedral_angle_d      23.6  ?    ? ? 'X-RAY DIFFRACTION' ? 
c_dihedral_angle_d_na   ?     ?    ? ? 'X-RAY DIFFRACTION' ? 
c_dihedral_angle_d_prot ?     ?    ? ? 'X-RAY DIFFRACTION' ? 
c_improper_angle_d      0.95  ?    ? ? 'X-RAY DIFFRACTION' ? 
c_improper_angle_d_na   ?     ?    ? ? 'X-RAY DIFFRACTION' ? 
c_improper_angle_d_prot ?     ?    ? ? 'X-RAY DIFFRACTION' ? 
c_mcbond_it             3.22  1.50 ? ? 'X-RAY DIFFRACTION' ? 
c_mcangle_it            4.21  2.00 ? ? 'X-RAY DIFFRACTION' ? 
c_scbond_it             4.86  2.00 ? ? 'X-RAY DIFFRACTION' ? 
c_scangle_it            6.66  2.50 ? ? 'X-RAY DIFFRACTION' ? 
# 
_refine_ls_shell.pdbx_total_number_of_bins_used   6 
_refine_ls_shell.d_res_high                       2.00 
_refine_ls_shell.d_res_low                        2.13 
_refine_ls_shell.number_reflns_R_work             2721 
_refine_ls_shell.R_factor_R_work                  0.309 
_refine_ls_shell.percent_reflns_obs               80.7 
_refine_ls_shell.R_factor_R_free                  0.325 
_refine_ls_shell.R_factor_R_free_error            0.028 
_refine_ls_shell.percent_reflns_R_free            4.6 
_refine_ls_shell.number_reflns_R_free             130 
_refine_ls_shell.number_reflns_obs                ? 
_refine_ls_shell.redundancy_reflns_obs            ? 
_refine_ls_shell.number_reflns_all                ? 
_refine_ls_shell.R_factor_all                     ? 
_refine_ls_shell.pdbx_refine_id                   'X-RAY DIFFRACTION' 
# 
loop_
_pdbx_xplor_file.serial_no 
_pdbx_xplor_file.param_file 
_pdbx_xplor_file.topol_file 
_pdbx_xplor_file.pdbx_refine_id 
1 protein_rep.param protein.top 'X-RAY DIFFRACTION' 
2 water_rep.param   ?           'X-RAY DIFFRACTION' 
3 aco_cns_par.txt   ?           'X-RAY DIFFRACTION' 
# 
_struct.entry_id                  2CY2 
_struct.title                     'Crystal structure of TTHA1209 in complex with acetyl coenzyme A' 
_struct.pdbx_model_details        ? 
_struct.pdbx_CASP_flag            ? 
_struct.pdbx_model_type_details   ? 
# 
_struct_keywords.entry_id        2CY2 
_struct_keywords.pdbx_keywords   'STRUCTURAL GENOMICS, UNKNOWN FUNCTION' 
_struct_keywords.text            
;STRUCTURAL GENOMICS, UNKNOWN FUNCTION, NPPSFA, National Project on Protein Structural and Functional Analyses, RIKEN Structural Genomics/Proteomics Initiative, RSGI
;
# 
loop_
_struct_asym.id 
_struct_asym.pdbx_blank_PDB_chainid_flag 
_struct_asym.pdbx_modified 
_struct_asym.entity_id 
_struct_asym.details 
A N N 1 ? 
B N N 2 ? 
C N N 3 ? 
# 
_struct_ref.id                         1 
_struct_ref.db_name                    GB 
_struct_ref.db_code                    YP_144475 
_struct_ref.pdbx_db_accession          55981178 
_struct_ref.entity_id                  1 
_struct_ref.pdbx_seq_one_letter_code   
;VRIRRAGLEDLPGVARVLVDTWRATYRGVVPEAFLEGLSYEGQAERWAQRLKTPTWPGRLFVAESESGEVVGFAAFGPDR
ASGFPGYTAELWAIYVLPTWQRKGLGRALFHEGARLLQAEGYGRMLVWVLKENPKGRGFYEHLGGVLLGEREIELGGAKL
WEVAYGFDLGGHKW
;
_struct_ref.pdbx_align_begin           2 
_struct_ref.pdbx_db_isoform            ? 
# 
_struct_ref_seq.align_id                      1 
_struct_ref_seq.ref_id                        1 
_struct_ref_seq.pdbx_PDB_id_code              2CY2 
_struct_ref_seq.pdbx_strand_id                A 
_struct_ref_seq.seq_align_beg                 1 
_struct_ref_seq.pdbx_seq_align_beg_ins_code   ? 
_struct_ref_seq.seq_align_end                 174 
_struct_ref_seq.pdbx_seq_align_end_ins_code   ? 
_struct_ref_seq.pdbx_db_accession             55981178 
_struct_ref_seq.db_align_beg                  2 
_struct_ref_seq.pdbx_db_align_beg_ins_code    ? 
_struct_ref_seq.db_align_end                  175 
_struct_ref_seq.pdbx_db_align_end_ins_code    ? 
_struct_ref_seq.pdbx_auth_seq_align_beg       1 
_struct_ref_seq.pdbx_auth_seq_align_end       174 
# 
_struct_ref_seq_dif.align_id                     1 
_struct_ref_seq_dif.pdbx_pdb_id_code             2CY2 
_struct_ref_seq_dif.mon_id                       MSE 
_struct_ref_seq_dif.pdbx_pdb_strand_id           A 
_struct_ref_seq_dif.seq_num                      125 
_struct_ref_seq_dif.pdbx_pdb_ins_code            ? 
_struct_ref_seq_dif.pdbx_seq_db_name             GB 
_struct_ref_seq_dif.pdbx_seq_db_accession_code   55981178 
_struct_ref_seq_dif.db_mon_id                    MET 
_struct_ref_seq_dif.pdbx_seq_db_seq_num          126 
_struct_ref_seq_dif.details                      'modified residue' 
_struct_ref_seq_dif.pdbx_auth_seq_num            125 
_struct_ref_seq_dif.pdbx_ordinal                 1 
# 
_pdbx_struct_assembly.id                   1 
_pdbx_struct_assembly.details              author_defined_assembly 
_pdbx_struct_assembly.method_details       ? 
_pdbx_struct_assembly.oligomeric_details   monomeric 
_pdbx_struct_assembly.oligomeric_count     1 
# 
_pdbx_struct_assembly_gen.assembly_id       1 
_pdbx_struct_assembly_gen.oper_expression   1 
_pdbx_struct_assembly_gen.asym_id_list      A,B,C 
# 
_pdbx_struct_oper_list.id                   1 
_pdbx_struct_oper_list.type                 'identity operation' 
_pdbx_struct_oper_list.name                 1_555 
_pdbx_struct_oper_list.symmetry_operation   x,y,z 
_pdbx_struct_oper_list.matrix[1][1]         1.0000000000 
_pdbx_struct_oper_list.matrix[1][2]         0.0000000000 
_pdbx_struct_oper_list.matrix[1][3]         0.0000000000 
_pdbx_struct_oper_list.vector[1]            0.0000000000 
_pdbx_struct_oper_list.matrix[2][1]         0.0000000000 
_pdbx_struct_oper_list.matrix[2][2]         1.0000000000 
_pdbx_struct_oper_list.matrix[2][3]         0.0000000000 
_pdbx_struct_oper_list.vector[2]            0.0000000000 
_pdbx_struct_oper_list.matrix[3][1]         0.0000000000 
_pdbx_struct_oper_list.matrix[3][2]         0.0000000000 
_pdbx_struct_oper_list.matrix[3][3]         1.0000000000 
_pdbx_struct_oper_list.vector[3]            0.0000000000 
# 
_struct_biol.id                    1 
_struct_biol.details               'A monomer is probably the biological unit.' 
_struct_biol.pdbx_parent_biol_id   ? 
# 
loop_
_struct_conf.conf_type_id 
_struct_conf.id 
_struct_conf.pdbx_PDB_helix_id 
_struct_conf.beg_label_comp_id 
_struct_conf.beg_label_asym_id 
_struct_conf.beg_label_seq_id 
_struct_conf.pdbx_beg_PDB_ins_code 
_struct_conf.end_label_comp_id 
_struct_conf.end_label_asym_id 
_struct_conf.end_label_seq_id 
_struct_conf.pdbx_end_PDB_ins_code 
_struct_conf.beg_auth_comp_id 
_struct_conf.beg_auth_asym_id 
_struct_conf.beg_auth_seq_id 
_struct_conf.end_auth_comp_id 
_struct_conf.end_auth_asym_id 
_struct_conf.end_auth_seq_id 
_struct_conf.pdbx_PDB_helix_class 
_struct_conf.details 
_struct_conf.pdbx_PDB_helix_length 
HELX_P HELX_P1 1 GLY A 7   ? GLU A 9   ? GLY A 7   GLU A 9   5 ? 3  
HELX_P HELX_P2 2 ASP A 10  ? TYR A 26  ? ASP A 10  TYR A 26  1 ? 17 
HELX_P HELX_P3 3 PRO A 31  ? LEU A 38  ? PRO A 31  LEU A 38  1 ? 8  
HELX_P HELX_P4 4 SER A 39  ? THR A 53  ? SER A 39  THR A 53  1 ? 15 
HELX_P HELX_P5 5 PRO A 98  ? GLN A 101 ? PRO A 98  GLN A 101 5 ? 4  
HELX_P HELX_P6 6 GLY A 104 ? GLU A 120 ? GLY A 104 GLU A 120 1 ? 17 
HELX_P HELX_P7 7 ASN A 133 ? LEU A 143 ? ASN A 133 LEU A 143 1 ? 11 
# 
_struct_conf_type.id          HELX_P 
_struct_conf_type.criteria    ? 
_struct_conf_type.reference   ? 
# 
loop_
_struct_conn.id 
_struct_conn.conn_type_id 
_struct_conn.pdbx_leaving_atom_flag 
_struct_conn.pdbx_PDB_id 
_struct_conn.ptnr1_label_asym_id 
_struct_conn.ptnr1_label_comp_id 
_struct_conn.ptnr1_label_seq_id 
_struct_conn.ptnr1_label_atom_id 
_struct_conn.pdbx_ptnr1_label_alt_id 
_struct_conn.pdbx_ptnr1_PDB_ins_code 
_struct_conn.pdbx_ptnr1_standard_comp_id 
_struct_conn.ptnr1_symmetry 
_struct_conn.ptnr2_label_asym_id 
_struct_conn.ptnr2_label_comp_id 
_struct_conn.ptnr2_label_seq_id 
_struct_conn.ptnr2_label_atom_id 
_struct_conn.pdbx_ptnr2_label_alt_id 
_struct_conn.pdbx_ptnr2_PDB_ins_code 
_struct_conn.ptnr1_auth_asym_id 
_struct_conn.ptnr1_auth_comp_id 
_struct_conn.ptnr1_auth_seq_id 
_struct_conn.ptnr2_auth_asym_id 
_struct_conn.ptnr2_auth_comp_id 
_struct_conn.ptnr2_auth_seq_id 
_struct_conn.ptnr2_symmetry 
_struct_conn.pdbx_ptnr3_label_atom_id 
_struct_conn.pdbx_ptnr3_label_seq_id 
_struct_conn.pdbx_ptnr3_label_comp_id 
_struct_conn.pdbx_ptnr3_label_asym_id 
_struct_conn.pdbx_ptnr3_label_alt_id 
_struct_conn.pdbx_ptnr3_PDB_ins_code 
_struct_conn.details 
_struct_conn.pdbx_dist_value 
_struct_conn.pdbx_value_order 
_struct_conn.pdbx_role 
covale1 covale both ? A ARG 124 C ? ? ? 1_555 A MSE 125 N ? ? A ARG 124 A MSE 125 1_555 ? ? ? ? ? ? ? 1.327 ? ? 
covale2 covale both ? A MSE 125 C ? ? ? 1_555 A LEU 126 N ? ? A MSE 125 A LEU 126 1_555 ? ? ? ? ? ? ? 1.333 ? ? 
# 
_struct_conn_type.id          covale 
_struct_conn_type.criteria    ? 
_struct_conn_type.reference   ? 
# 
_pdbx_modification_feature.ordinal                            1 
_pdbx_modification_feature.label_comp_id                      MSE 
_pdbx_modification_feature.label_asym_id                      A 
_pdbx_modification_feature.label_seq_id                       125 
_pdbx_modification_feature.label_alt_id                       ? 
_pdbx_modification_feature.modified_residue_label_comp_id     . 
_pdbx_modification_feature.modified_residue_label_asym_id     . 
_pdbx_modification_feature.modified_residue_label_seq_id      . 
_pdbx_modification_feature.modified_residue_label_alt_id      . 
_pdbx_modification_feature.auth_comp_id                       MSE 
_pdbx_modification_feature.auth_asym_id                       A 
_pdbx_modification_feature.auth_seq_id                        125 
_pdbx_modification_feature.PDB_ins_code                       ? 
_pdbx_modification_feature.symmetry                           1_555 
_pdbx_modification_feature.modified_residue_auth_comp_id      . 
_pdbx_modification_feature.modified_residue_auth_asym_id      . 
_pdbx_modification_feature.modified_residue_auth_seq_id       . 
_pdbx_modification_feature.modified_residue_PDB_ins_code      . 
_pdbx_modification_feature.modified_residue_symmetry          . 
_pdbx_modification_feature.comp_id_linking_atom               . 
_pdbx_modification_feature.modified_residue_id_linking_atom   . 
_pdbx_modification_feature.modified_residue_id                MET 
_pdbx_modification_feature.ref_pcm_id                         1 
_pdbx_modification_feature.ref_comp_id                        MSE 
_pdbx_modification_feature.type                               Selenomethionine 
_pdbx_modification_feature.category                           'Named protein modification' 
# 
_struct_sheet.id               A 
_struct_sheet.type             ? 
_struct_sheet.number_strands   7 
_struct_sheet.details          ? 
# 
loop_
_struct_sheet_order.sheet_id 
_struct_sheet_order.range_id_1 
_struct_sheet_order.range_id_2 
_struct_sheet_order.offset 
_struct_sheet_order.sense 
A 1 2 ? anti-parallel 
A 2 3 ? anti-parallel 
A 3 4 ? anti-parallel 
A 4 5 ? parallel      
A 5 6 ? anti-parallel 
A 6 7 ? anti-parallel 
# 
loop_
_struct_sheet_range.sheet_id 
_struct_sheet_range.id 
_struct_sheet_range.beg_label_comp_id 
_struct_sheet_range.beg_label_asym_id 
_struct_sheet_range.beg_label_seq_id 
_struct_sheet_range.pdbx_beg_PDB_ins_code 
_struct_sheet_range.end_label_comp_id 
_struct_sheet_range.end_label_asym_id 
_struct_sheet_range.end_label_seq_id 
_struct_sheet_range.pdbx_end_PDB_ins_code 
_struct_sheet_range.beg_auth_comp_id 
_struct_sheet_range.beg_auth_asym_id 
_struct_sheet_range.beg_auth_seq_id 
_struct_sheet_range.end_auth_comp_id 
_struct_sheet_range.end_auth_asym_id 
_struct_sheet_range.end_auth_seq_id 
A 1 ILE A 3   ? ARG A 5   ? ILE A 3   ARG A 5   
A 2 ARG A 59  ? GLU A 64  ? ARG A 59  GLU A 64  
A 3 VAL A 70  ? PRO A 78  ? VAL A 70  PRO A 78  
A 4 ALA A 89  ? VAL A 96  ? ALA A 89  VAL A 96  
A 5 ARG A 124 ? LEU A 130 ? ARG A 124 LEU A 130 
A 6 ALA A 158 ? ASP A 168 ? ALA A 158 ASP A 168 
A 7 VAL A 146 ? LEU A 155 ? VAL A 146 LEU A 155 
# 
loop_
_pdbx_struct_sheet_hbond.sheet_id 
_pdbx_struct_sheet_hbond.range_id_1 
_pdbx_struct_sheet_hbond.range_id_2 
_pdbx_struct_sheet_hbond.range_1_label_atom_id 
_pdbx_struct_sheet_hbond.range_1_label_comp_id 
_pdbx_struct_sheet_hbond.range_1_label_asym_id 
_pdbx_struct_sheet_hbond.range_1_label_seq_id 
_pdbx_struct_sheet_hbond.range_1_PDB_ins_code 
_pdbx_struct_sheet_hbond.range_1_auth_atom_id 
_pdbx_struct_sheet_hbond.range_1_auth_comp_id 
_pdbx_struct_sheet_hbond.range_1_auth_asym_id 
_pdbx_struct_sheet_hbond.range_1_auth_seq_id 
_pdbx_struct_sheet_hbond.range_2_label_atom_id 
_pdbx_struct_sheet_hbond.range_2_label_comp_id 
_pdbx_struct_sheet_hbond.range_2_label_asym_id 
_pdbx_struct_sheet_hbond.range_2_label_seq_id 
_pdbx_struct_sheet_hbond.range_2_PDB_ins_code 
_pdbx_struct_sheet_hbond.range_2_auth_atom_id 
_pdbx_struct_sheet_hbond.range_2_auth_comp_id 
_pdbx_struct_sheet_hbond.range_2_auth_asym_id 
_pdbx_struct_sheet_hbond.range_2_auth_seq_id 
A 1 2 N ARG A 4   ? N ARG A 4   O VAL A 62  ? O VAL A 62  
A 2 3 N PHE A 61  ? N PHE A 61  O ALA A 74  ? O ALA A 74  
A 3 4 N PHE A 73  ? N PHE A 73  O TYR A 95  ? O TYR A 95  
A 4 5 N ALA A 89  ? N ALA A 89  O ARG A 124 ? O ARG A 124 
A 5 6 N VAL A 129 ? N VAL A 129 O VAL A 163 ? O VAL A 163 
A 6 7 O LEU A 160 ? O LEU A 160 N ILE A 153 ? N ILE A 153 
# 
_struct_site.id                   AC1 
_struct_site.pdbx_evidence_code   Software 
_struct_site.pdbx_auth_asym_id    A 
_struct_site.pdbx_auth_comp_id    ACO 
_struct_site.pdbx_auth_seq_id     200 
_struct_site.pdbx_auth_ins_code   ? 
_struct_site.pdbx_num_residues    29 
_struct_site.details              'BINDING SITE FOR RESIDUE ACO A 200' 
# 
loop_
_struct_site_gen.id 
_struct_site_gen.site_id 
_struct_site_gen.pdbx_num_res 
_struct_site_gen.label_comp_id 
_struct_site_gen.label_asym_id 
_struct_site_gen.label_seq_id 
_struct_site_gen.pdbx_auth_ins_code 
_struct_site_gen.auth_comp_id 
_struct_site_gen.auth_asym_id 
_struct_site_gen.auth_seq_id 
_struct_site_gen.label_atom_id 
_struct_site_gen.label_alt_id 
_struct_site_gen.symmetry 
_struct_site_gen.details 
1  AC1 29 THR A 25  ? THR A 25  . ? 1_555 ? 
2  AC1 29 TYR A 26  ? TYR A 26  . ? 1_555 ? 
3  AC1 29 ALA A 93  ? ALA A 93  . ? 1_555 ? 
4  AC1 29 ILE A 94  ? ILE A 94  . ? 1_555 ? 
5  AC1 29 TYR A 95  ? TYR A 95  . ? 1_555 ? 
6  AC1 29 VAL A 96  ? VAL A 96  . ? 1_555 ? 
7  AC1 29 GLN A 101 ? GLN A 101 . ? 1_555 ? 
8  AC1 29 ARG A 102 ? ARG A 102 . ? 1_555 ? 
9  AC1 29 LYS A 103 ? LYS A 103 . ? 1_555 ? 
10 AC1 29 GLY A 104 ? GLY A 104 . ? 1_555 ? 
11 AC1 29 LEU A 105 ? LEU A 105 . ? 1_555 ? 
12 AC1 29 GLY A 106 ? GLY A 106 . ? 1_555 ? 
13 AC1 29 ARG A 107 ? ARG A 107 . ? 1_555 ? 
14 AC1 29 TRP A 128 ? TRP A 128 . ? 1_555 ? 
15 AC1 29 ASN A 133 ? ASN A 133 . ? 1_555 ? 
16 AC1 29 PRO A 134 ? PRO A 134 . ? 1_555 ? 
17 AC1 29 LYS A 135 ? LYS A 135 . ? 1_555 ? 
18 AC1 29 GLY A 136 ? GLY A 136 . ? 1_555 ? 
19 AC1 29 GLY A 138 ? GLY A 138 . ? 1_555 ? 
20 AC1 29 PHE A 139 ? PHE A 139 . ? 1_555 ? 
21 AC1 29 TYR A 140 ? TYR A 140 . ? 1_555 ? 
22 AC1 29 HIS A 142 ? HIS A 142 . ? 1_555 ? 
23 AC1 29 HOH C .   ? HOH A 204 . ? 1_555 ? 
24 AC1 29 HOH C .   ? HOH A 225 . ? 1_555 ? 
25 AC1 29 HOH C .   ? HOH A 254 . ? 1_555 ? 
26 AC1 29 HOH C .   ? HOH A 268 . ? 1_555 ? 
27 AC1 29 HOH C .   ? HOH A 272 . ? 1_555 ? 
28 AC1 29 HOH C .   ? HOH A 278 . ? 1_555 ? 
29 AC1 29 HOH C .   ? HOH A 337 . ? 1_555 ? 
# 
_pdbx_entry_details.entry_id                   2CY2 
_pdbx_entry_details.compound_details           ? 
_pdbx_entry_details.source_details             ? 
_pdbx_entry_details.nonpolymer_details         ? 
_pdbx_entry_details.sequence_details           ? 
_pdbx_entry_details.has_ligand_of_interest     ? 
_pdbx_entry_details.has_protein_modification   Y 
# 
_pdbx_validate_rmsd_angle.id                         1 
_pdbx_validate_rmsd_angle.PDB_model_num              1 
_pdbx_validate_rmsd_angle.auth_atom_id_1             NE 
_pdbx_validate_rmsd_angle.auth_asym_id_1             A 
_pdbx_validate_rmsd_angle.auth_comp_id_1             ARG 
_pdbx_validate_rmsd_angle.auth_seq_id_1              137 
_pdbx_validate_rmsd_angle.PDB_ins_code_1             ? 
_pdbx_validate_rmsd_angle.label_alt_id_1             ? 
_pdbx_validate_rmsd_angle.auth_atom_id_2             CZ 
_pdbx_validate_rmsd_angle.auth_asym_id_2             A 
_pdbx_validate_rmsd_angle.auth_comp_id_2             ARG 
_pdbx_validate_rmsd_angle.auth_seq_id_2              137 
_pdbx_validate_rmsd_angle.PDB_ins_code_2             ? 
_pdbx_validate_rmsd_angle.label_alt_id_2             ? 
_pdbx_validate_rmsd_angle.auth_atom_id_3             NH2 
_pdbx_validate_rmsd_angle.auth_asym_id_3             A 
_pdbx_validate_rmsd_angle.auth_comp_id_3             ARG 
_pdbx_validate_rmsd_angle.auth_seq_id_3              137 
_pdbx_validate_rmsd_angle.PDB_ins_code_3             ? 
_pdbx_validate_rmsd_angle.label_alt_id_3             ? 
_pdbx_validate_rmsd_angle.angle_value                116.88 
_pdbx_validate_rmsd_angle.angle_target_value         120.30 
_pdbx_validate_rmsd_angle.angle_deviation            -3.42 
_pdbx_validate_rmsd_angle.angle_standard_deviation   0.50 
_pdbx_validate_rmsd_angle.linker_flag                N 
# 
_pdbx_validate_torsion.id              1 
_pdbx_validate_torsion.PDB_model_num   1 
_pdbx_validate_torsion.auth_comp_id    ARG 
_pdbx_validate_torsion.auth_asym_id    A 
_pdbx_validate_torsion.auth_seq_id     80 
_pdbx_validate_torsion.PDB_ins_code    ? 
_pdbx_validate_torsion.label_alt_id    ? 
_pdbx_validate_torsion.phi             -100.20 
_pdbx_validate_torsion.psi             66.00 
# 
_pdbx_SG_project.id                    1 
_pdbx_SG_project.project_name          'NPPSFA, National Project on Protein Structural and Functional Analyses' 
_pdbx_SG_project.full_name_of_center   'RIKEN Structural Genomics/Proteomics Initiative' 
_pdbx_SG_project.initial_of_center     RSGI 
# 
_pdbx_struct_mod_residue.id               1 
_pdbx_struct_mod_residue.label_asym_id    A 
_pdbx_struct_mod_residue.label_comp_id    MSE 
_pdbx_struct_mod_residue.label_seq_id     125 
_pdbx_struct_mod_residue.auth_asym_id     A 
_pdbx_struct_mod_residue.auth_comp_id     MSE 
_pdbx_struct_mod_residue.auth_seq_id      125 
_pdbx_struct_mod_residue.PDB_ins_code     ? 
_pdbx_struct_mod_residue.parent_comp_id   MET 
_pdbx_struct_mod_residue.details          SELENOMETHIONINE 
# 
loop_
_chem_comp_atom.comp_id 
_chem_comp_atom.atom_id 
_chem_comp_atom.type_symbol 
_chem_comp_atom.pdbx_aromatic_flag 
_chem_comp_atom.pdbx_stereo_config 
_chem_comp_atom.pdbx_ordinal 
ACO N1A  N  Y N 1   
ACO C2A  C  Y N 2   
ACO N3A  N  Y N 3   
ACO C4A  C  Y N 4   
ACO C5A  C  Y N 5   
ACO C6A  C  Y N 6   
ACO N6A  N  N N 7   
ACO N7A  N  Y N 8   
ACO C8A  C  Y N 9   
ACO N9A  N  Y N 10  
ACO C1B  C  N R 11  
ACO C2B  C  N R 12  
ACO O2B  O  N N 13  
ACO C3B  C  N S 14  
ACO O3B  O  N N 15  
ACO P3B  P  N N 16  
ACO O7A  O  N N 17  
ACO O8A  O  N N 18  
ACO O9A  O  N N 19  
ACO C4B  C  N R 20  
ACO O4B  O  N N 21  
ACO C5B  C  N N 22  
ACO O5B  O  N N 23  
ACO P1A  P  N S 24  
ACO O1A  O  N N 25  
ACO O2A  O  N N 26  
ACO O3A  O  N N 27  
ACO P2A  P  N S 28  
ACO O4A  O  N N 29  
ACO O5A  O  N N 30  
ACO O6A  O  N N 31  
ACO CBP  C  N N 32  
ACO CCP  C  N N 33  
ACO CDP  C  N N 34  
ACO CEP  C  N N 35  
ACO CAP  C  N R 36  
ACO OAP  O  N N 37  
ACO C9P  C  N N 38  
ACO O9P  O  N N 39  
ACO N8P  N  N N 40  
ACO C7P  C  N N 41  
ACO C6P  C  N N 42  
ACO C5P  C  N N 43  
ACO O5P  O  N N 44  
ACO N4P  N  N N 45  
ACO C3P  C  N N 46  
ACO C2P  C  N N 47  
ACO S1P  S  N N 48  
ACO C    C  N N 49  
ACO O    O  N N 50  
ACO CH3  C  N N 51  
ACO H2A  H  N N 52  
ACO H61A H  N N 53  
ACO H62A H  N N 54  
ACO H8A  H  N N 55  
ACO H1B  H  N N 56  
ACO H2B  H  N N 57  
ACO HO2A H  N N 58  
ACO H3B  H  N N 59  
ACO HOA8 H  N N 60  
ACO HOA9 H  N N 61  
ACO H4B  H  N N 62  
ACO H51A H  N N 63  
ACO H52A H  N N 64  
ACO HOA2 H  N N 65  
ACO HOA5 H  N N 66  
ACO H121 H  N N 67  
ACO H122 H  N N 68  
ACO H131 H  N N 69  
ACO H132 H  N N 70  
ACO H133 H  N N 71  
ACO H141 H  N N 72  
ACO H142 H  N N 73  
ACO H143 H  N N 74  
ACO H10  H  N N 75  
ACO HO1  H  N N 76  
ACO HN8  H  N N 77  
ACO H71  H  N N 78  
ACO H72  H  N N 79  
ACO H61  H  N N 80  
ACO H62  H  N N 81  
ACO HN4  H  N N 82  
ACO H31  H  N N 83  
ACO H32  H  N N 84  
ACO H21  H  N N 85  
ACO H22  H  N N 86  
ACO HH31 H  N N 87  
ACO HH32 H  N N 88  
ACO HH33 H  N N 89  
ALA N    N  N N 90  
ALA CA   C  N S 91  
ALA C    C  N N 92  
ALA O    O  N N 93  
ALA CB   C  N N 94  
ALA OXT  O  N N 95  
ALA H    H  N N 96  
ALA H2   H  N N 97  
ALA HA   H  N N 98  
ALA HB1  H  N N 99  
ALA HB2  H  N N 100 
ALA HB3  H  N N 101 
ALA HXT  H  N N 102 
ARG N    N  N N 103 
ARG CA   C  N S 104 
ARG C    C  N N 105 
ARG O    O  N N 106 
ARG CB   C  N N 107 
ARG CG   C  N N 108 
ARG CD   C  N N 109 
ARG NE   N  N N 110 
ARG CZ   C  N N 111 
ARG NH1  N  N N 112 
ARG NH2  N  N N 113 
ARG OXT  O  N N 114 
ARG H    H  N N 115 
ARG H2   H  N N 116 
ARG HA   H  N N 117 
ARG HB2  H  N N 118 
ARG HB3  H  N N 119 
ARG HG2  H  N N 120 
ARG HG3  H  N N 121 
ARG HD2  H  N N 122 
ARG HD3  H  N N 123 
ARG HE   H  N N 124 
ARG HH11 H  N N 125 
ARG HH12 H  N N 126 
ARG HH21 H  N N 127 
ARG HH22 H  N N 128 
ARG HXT  H  N N 129 
ASN N    N  N N 130 
ASN CA   C  N S 131 
ASN C    C  N N 132 
ASN O    O  N N 133 
ASN CB   C  N N 134 
ASN CG   C  N N 135 
ASN OD1  O  N N 136 
ASN ND2  N  N N 137 
ASN OXT  O  N N 138 
ASN H    H  N N 139 
ASN H2   H  N N 140 
ASN HA   H  N N 141 
ASN HB2  H  N N 142 
ASN HB3  H  N N 143 
ASN HD21 H  N N 144 
ASN HD22 H  N N 145 
ASN HXT  H  N N 146 
ASP N    N  N N 147 
ASP CA   C  N S 148 
ASP C    C  N N 149 
ASP O    O  N N 150 
ASP CB   C  N N 151 
ASP CG   C  N N 152 
ASP OD1  O  N N 153 
ASP OD2  O  N N 154 
ASP OXT  O  N N 155 
ASP H    H  N N 156 
ASP H2   H  N N 157 
ASP HA   H  N N 158 
ASP HB2  H  N N 159 
ASP HB3  H  N N 160 
ASP HD2  H  N N 161 
ASP HXT  H  N N 162 
GLN N    N  N N 163 
GLN CA   C  N S 164 
GLN C    C  N N 165 
GLN O    O  N N 166 
GLN CB   C  N N 167 
GLN CG   C  N N 168 
GLN CD   C  N N 169 
GLN OE1  O  N N 170 
GLN NE2  N  N N 171 
GLN OXT  O  N N 172 
GLN H    H  N N 173 
GLN H2   H  N N 174 
GLN HA   H  N N 175 
GLN HB2  H  N N 176 
GLN HB3  H  N N 177 
GLN HG2  H  N N 178 
GLN HG3  H  N N 179 
GLN HE21 H  N N 180 
GLN HE22 H  N N 181 
GLN HXT  H  N N 182 
GLU N    N  N N 183 
GLU CA   C  N S 184 
GLU C    C  N N 185 
GLU O    O  N N 186 
GLU CB   C  N N 187 
GLU CG   C  N N 188 
GLU CD   C  N N 189 
GLU OE1  O  N N 190 
GLU OE2  O  N N 191 
GLU OXT  O  N N 192 
GLU H    H  N N 193 
GLU H2   H  N N 194 
GLU HA   H  N N 195 
GLU HB2  H  N N 196 
GLU HB3  H  N N 197 
GLU HG2  H  N N 198 
GLU HG3  H  N N 199 
GLU HE2  H  N N 200 
GLU HXT  H  N N 201 
GLY N    N  N N 202 
GLY CA   C  N N 203 
GLY C    C  N N 204 
GLY O    O  N N 205 
GLY OXT  O  N N 206 
GLY H    H  N N 207 
GLY H2   H  N N 208 
GLY HA2  H  N N 209 
GLY HA3  H  N N 210 
GLY HXT  H  N N 211 
HIS N    N  N N 212 
HIS CA   C  N S 213 
HIS C    C  N N 214 
HIS O    O  N N 215 
HIS CB   C  N N 216 
HIS CG   C  Y N 217 
HIS ND1  N  Y N 218 
HIS CD2  C  Y N 219 
HIS CE1  C  Y N 220 
HIS NE2  N  Y N 221 
HIS OXT  O  N N 222 
HIS H    H  N N 223 
HIS H2   H  N N 224 
HIS HA   H  N N 225 
HIS HB2  H  N N 226 
HIS HB3  H  N N 227 
HIS HD1  H  N N 228 
HIS HD2  H  N N 229 
HIS HE1  H  N N 230 
HIS HE2  H  N N 231 
HIS HXT  H  N N 232 
HOH O    O  N N 233 
HOH H1   H  N N 234 
HOH H2   H  N N 235 
ILE N    N  N N 236 
ILE CA   C  N S 237 
ILE C    C  N N 238 
ILE O    O  N N 239 
ILE CB   C  N S 240 
ILE CG1  C  N N 241 
ILE CG2  C  N N 242 
ILE CD1  C  N N 243 
ILE OXT  O  N N 244 
ILE H    H  N N 245 
ILE H2   H  N N 246 
ILE HA   H  N N 247 
ILE HB   H  N N 248 
ILE HG12 H  N N 249 
ILE HG13 H  N N 250 
ILE HG21 H  N N 251 
ILE HG22 H  N N 252 
ILE HG23 H  N N 253 
ILE HD11 H  N N 254 
ILE HD12 H  N N 255 
ILE HD13 H  N N 256 
ILE HXT  H  N N 257 
LEU N    N  N N 258 
LEU CA   C  N S 259 
LEU C    C  N N 260 
LEU O    O  N N 261 
LEU CB   C  N N 262 
LEU CG   C  N N 263 
LEU CD1  C  N N 264 
LEU CD2  C  N N 265 
LEU OXT  O  N N 266 
LEU H    H  N N 267 
LEU H2   H  N N 268 
LEU HA   H  N N 269 
LEU HB2  H  N N 270 
LEU HB3  H  N N 271 
LEU HG   H  N N 272 
LEU HD11 H  N N 273 
LEU HD12 H  N N 274 
LEU HD13 H  N N 275 
LEU HD21 H  N N 276 
LEU HD22 H  N N 277 
LEU HD23 H  N N 278 
LEU HXT  H  N N 279 
LYS N    N  N N 280 
LYS CA   C  N S 281 
LYS C    C  N N 282 
LYS O    O  N N 283 
LYS CB   C  N N 284 
LYS CG   C  N N 285 
LYS CD   C  N N 286 
LYS CE   C  N N 287 
LYS NZ   N  N N 288 
LYS OXT  O  N N 289 
LYS H    H  N N 290 
LYS H2   H  N N 291 
LYS HA   H  N N 292 
LYS HB2  H  N N 293 
LYS HB3  H  N N 294 
LYS HG2  H  N N 295 
LYS HG3  H  N N 296 
LYS HD2  H  N N 297 
LYS HD3  H  N N 298 
LYS HE2  H  N N 299 
LYS HE3  H  N N 300 
LYS HZ1  H  N N 301 
LYS HZ2  H  N N 302 
LYS HZ3  H  N N 303 
LYS HXT  H  N N 304 
MET N    N  N N 305 
MET CA   C  N S 306 
MET C    C  N N 307 
MET O    O  N N 308 
MET CB   C  N N 309 
MET CG   C  N N 310 
MET SD   S  N N 311 
MET CE   C  N N 312 
MET OXT  O  N N 313 
MET H    H  N N 314 
MET H2   H  N N 315 
MET HA   H  N N 316 
MET HB2  H  N N 317 
MET HB3  H  N N 318 
MET HG2  H  N N 319 
MET HG3  H  N N 320 
MET HE1  H  N N 321 
MET HE2  H  N N 322 
MET HE3  H  N N 323 
MET HXT  H  N N 324 
MSE N    N  N N 325 
MSE CA   C  N S 326 
MSE C    C  N N 327 
MSE O    O  N N 328 
MSE OXT  O  N N 329 
MSE CB   C  N N 330 
MSE CG   C  N N 331 
MSE SE   SE N N 332 
MSE CE   C  N N 333 
MSE H    H  N N 334 
MSE H2   H  N N 335 
MSE HA   H  N N 336 
MSE HXT  H  N N 337 
MSE HB2  H  N N 338 
MSE HB3  H  N N 339 
MSE HG2  H  N N 340 
MSE HG3  H  N N 341 
MSE HE1  H  N N 342 
MSE HE2  H  N N 343 
MSE HE3  H  N N 344 
PHE N    N  N N 345 
PHE CA   C  N S 346 
PHE C    C  N N 347 
PHE O    O  N N 348 
PHE CB   C  N N 349 
PHE CG   C  Y N 350 
PHE CD1  C  Y N 351 
PHE CD2  C  Y N 352 
PHE CE1  C  Y N 353 
PHE CE2  C  Y N 354 
PHE CZ   C  Y N 355 
PHE OXT  O  N N 356 
PHE H    H  N N 357 
PHE H2   H  N N 358 
PHE HA   H  N N 359 
PHE HB2  H  N N 360 
PHE HB3  H  N N 361 
PHE HD1  H  N N 362 
PHE HD2  H  N N 363 
PHE HE1  H  N N 364 
PHE HE2  H  N N 365 
PHE HZ   H  N N 366 
PHE HXT  H  N N 367 
PRO N    N  N N 368 
PRO CA   C  N S 369 
PRO C    C  N N 370 
PRO O    O  N N 371 
PRO CB   C  N N 372 
PRO CG   C  N N 373 
PRO CD   C  N N 374 
PRO OXT  O  N N 375 
PRO H    H  N N 376 
PRO HA   H  N N 377 
PRO HB2  H  N N 378 
PRO HB3  H  N N 379 
PRO HG2  H  N N 380 
PRO HG3  H  N N 381 
PRO HD2  H  N N 382 
PRO HD3  H  N N 383 
PRO HXT  H  N N 384 
SER N    N  N N 385 
SER CA   C  N S 386 
SER C    C  N N 387 
SER O    O  N N 388 
SER CB   C  N N 389 
SER OG   O  N N 390 
SER OXT  O  N N 391 
SER H    H  N N 392 
SER H2   H  N N 393 
SER HA   H  N N 394 
SER HB2  H  N N 395 
SER HB3  H  N N 396 
SER HG   H  N N 397 
SER HXT  H  N N 398 
THR N    N  N N 399 
THR CA   C  N S 400 
THR C    C  N N 401 
THR O    O  N N 402 
THR CB   C  N R 403 
THR OG1  O  N N 404 
THR CG2  C  N N 405 
THR OXT  O  N N 406 
THR H    H  N N 407 
THR H2   H  N N 408 
THR HA   H  N N 409 
THR HB   H  N N 410 
THR HG1  H  N N 411 
THR HG21 H  N N 412 
THR HG22 H  N N 413 
THR HG23 H  N N 414 
THR HXT  H  N N 415 
TRP N    N  N N 416 
TRP CA   C  N S 417 
TRP C    C  N N 418 
TRP O    O  N N 419 
TRP CB   C  N N 420 
TRP CG   C  Y N 421 
TRP CD1  C  Y N 422 
TRP CD2  C  Y N 423 
TRP NE1  N  Y N 424 
TRP CE2  C  Y N 425 
TRP CE3  C  Y N 426 
TRP CZ2  C  Y N 427 
TRP CZ3  C  Y N 428 
TRP CH2  C  Y N 429 
TRP OXT  O  N N 430 
TRP H    H  N N 431 
TRP H2   H  N N 432 
TRP HA   H  N N 433 
TRP HB2  H  N N 434 
TRP HB3  H  N N 435 
TRP HD1  H  N N 436 
TRP HE1  H  N N 437 
TRP HE3  H  N N 438 
TRP HZ2  H  N N 439 
TRP HZ3  H  N N 440 
TRP HH2  H  N N 441 
TRP HXT  H  N N 442 
TYR N    N  N N 443 
TYR CA   C  N S 444 
TYR C    C  N N 445 
TYR O    O  N N 446 
TYR CB   C  N N 447 
TYR CG   C  Y N 448 
TYR CD1  C  Y N 449 
TYR CD2  C  Y N 450 
TYR CE1  C  Y N 451 
TYR CE2  C  Y N 452 
TYR CZ   C  Y N 453 
TYR OH   O  N N 454 
TYR OXT  O  N N 455 
TYR H    H  N N 456 
TYR H2   H  N N 457 
TYR HA   H  N N 458 
TYR HB2  H  N N 459 
TYR HB3  H  N N 460 
TYR HD1  H  N N 461 
TYR HD2  H  N N 462 
TYR HE1  H  N N 463 
TYR HE2  H  N N 464 
TYR HH   H  N N 465 
TYR HXT  H  N N 466 
VAL N    N  N N 467 
VAL CA   C  N S 468 
VAL C    C  N N 469 
VAL O    O  N N 470 
VAL CB   C  N N 471 
VAL CG1  C  N N 472 
VAL CG2  C  N N 473 
VAL OXT  O  N N 474 
VAL H    H  N N 475 
VAL H2   H  N N 476 
VAL HA   H  N N 477 
VAL HB   H  N N 478 
VAL HG11 H  N N 479 
VAL HG12 H  N N 480 
VAL HG13 H  N N 481 
VAL HG21 H  N N 482 
VAL HG22 H  N N 483 
VAL HG23 H  N N 484 
VAL HXT  H  N N 485 
# 
loop_
_chem_comp_bond.comp_id 
_chem_comp_bond.atom_id_1 
_chem_comp_bond.atom_id_2 
_chem_comp_bond.value_order 
_chem_comp_bond.pdbx_aromatic_flag 
_chem_comp_bond.pdbx_stereo_config 
_chem_comp_bond.pdbx_ordinal 
ACO N1A C2A  sing Y N 1   
ACO N1A C6A  doub Y N 2   
ACO C2A N3A  doub Y N 3   
ACO C2A H2A  sing N N 4   
ACO N3A C4A  sing Y N 5   
ACO C4A C5A  doub Y N 6   
ACO C4A N9A  sing Y N 7   
ACO C5A C6A  sing Y N 8   
ACO C5A N7A  sing Y N 9   
ACO C6A N6A  sing N N 10  
ACO N6A H61A sing N N 11  
ACO N6A H62A sing N N 12  
ACO N7A C8A  doub Y N 13  
ACO C8A N9A  sing Y N 14  
ACO C8A H8A  sing N N 15  
ACO N9A C1B  sing N N 16  
ACO C1B C2B  sing N N 17  
ACO C1B O4B  sing N N 18  
ACO C1B H1B  sing N N 19  
ACO C2B O2B  sing N N 20  
ACO C2B C3B  sing N N 21  
ACO C2B H2B  sing N N 22  
ACO O2B HO2A sing N N 23  
ACO C3B O3B  sing N N 24  
ACO C3B C4B  sing N N 25  
ACO C3B H3B  sing N N 26  
ACO O3B P3B  sing N N 27  
ACO P3B O7A  doub N N 28  
ACO P3B O8A  sing N N 29  
ACO P3B O9A  sing N N 30  
ACO O8A HOA8 sing N N 31  
ACO O9A HOA9 sing N N 32  
ACO C4B O4B  sing N N 33  
ACO C4B C5B  sing N N 34  
ACO C4B H4B  sing N N 35  
ACO C5B O5B  sing N N 36  
ACO C5B H51A sing N N 37  
ACO C5B H52A sing N N 38  
ACO O5B P1A  sing N N 39  
ACO P1A O1A  doub N N 40  
ACO P1A O2A  sing N N 41  
ACO P1A O3A  sing N N 42  
ACO O2A HOA2 sing N N 43  
ACO O3A P2A  sing N N 44  
ACO P2A O4A  doub N N 45  
ACO P2A O5A  sing N N 46  
ACO P2A O6A  sing N N 47  
ACO O5A HOA5 sing N N 48  
ACO O6A CCP  sing N N 49  
ACO CBP CCP  sing N N 50  
ACO CBP CDP  sing N N 51  
ACO CBP CEP  sing N N 52  
ACO CBP CAP  sing N N 53  
ACO CCP H121 sing N N 54  
ACO CCP H122 sing N N 55  
ACO CDP H131 sing N N 56  
ACO CDP H132 sing N N 57  
ACO CDP H133 sing N N 58  
ACO CEP H141 sing N N 59  
ACO CEP H142 sing N N 60  
ACO CEP H143 sing N N 61  
ACO CAP OAP  sing N N 62  
ACO CAP C9P  sing N N 63  
ACO CAP H10  sing N N 64  
ACO OAP HO1  sing N N 65  
ACO C9P O9P  doub N N 66  
ACO C9P N8P  sing N N 67  
ACO N8P C7P  sing N N 68  
ACO N8P HN8  sing N N 69  
ACO C7P C6P  sing N N 70  
ACO C7P H71  sing N N 71  
ACO C7P H72  sing N N 72  
ACO C6P C5P  sing N N 73  
ACO C6P H61  sing N N 74  
ACO C6P H62  sing N N 75  
ACO C5P O5P  doub N N 76  
ACO C5P N4P  sing N N 77  
ACO N4P C3P  sing N N 78  
ACO N4P HN4  sing N N 79  
ACO C3P C2P  sing N N 80  
ACO C3P H31  sing N N 81  
ACO C3P H32  sing N N 82  
ACO C2P S1P  sing N N 83  
ACO C2P H21  sing N N 84  
ACO C2P H22  sing N N 85  
ACO S1P C    sing N N 86  
ACO C   O    doub N N 87  
ACO C   CH3  sing N N 88  
ACO CH3 HH31 sing N N 89  
ACO CH3 HH32 sing N N 90  
ACO CH3 HH33 sing N N 91  
ALA N   CA   sing N N 92  
ALA N   H    sing N N 93  
ALA N   H2   sing N N 94  
ALA CA  C    sing N N 95  
ALA CA  CB   sing N N 96  
ALA CA  HA   sing N N 97  
ALA C   O    doub N N 98  
ALA C   OXT  sing N N 99  
ALA CB  HB1  sing N N 100 
ALA CB  HB2  sing N N 101 
ALA CB  HB3  sing N N 102 
ALA OXT HXT  sing N N 103 
ARG N   CA   sing N N 104 
ARG N   H    sing N N 105 
ARG N   H2   sing N N 106 
ARG CA  C    sing N N 107 
ARG CA  CB   sing N N 108 
ARG CA  HA   sing N N 109 
ARG C   O    doub N N 110 
ARG C   OXT  sing N N 111 
ARG CB  CG   sing N N 112 
ARG CB  HB2  sing N N 113 
ARG CB  HB3  sing N N 114 
ARG CG  CD   sing N N 115 
ARG CG  HG2  sing N N 116 
ARG CG  HG3  sing N N 117 
ARG CD  NE   sing N N 118 
ARG CD  HD2  sing N N 119 
ARG CD  HD3  sing N N 120 
ARG NE  CZ   sing N N 121 
ARG NE  HE   sing N N 122 
ARG CZ  NH1  sing N N 123 
ARG CZ  NH2  doub N N 124 
ARG NH1 HH11 sing N N 125 
ARG NH1 HH12 sing N N 126 
ARG NH2 HH21 sing N N 127 
ARG NH2 HH22 sing N N 128 
ARG OXT HXT  sing N N 129 
ASN N   CA   sing N N 130 
ASN N   H    sing N N 131 
ASN N   H2   sing N N 132 
ASN CA  C    sing N N 133 
ASN CA  CB   sing N N 134 
ASN CA  HA   sing N N 135 
ASN C   O    doub N N 136 
ASN C   OXT  sing N N 137 
ASN CB  CG   sing N N 138 
ASN CB  HB2  sing N N 139 
ASN CB  HB3  sing N N 140 
ASN CG  OD1  doub N N 141 
ASN CG  ND2  sing N N 142 
ASN ND2 HD21 sing N N 143 
ASN ND2 HD22 sing N N 144 
ASN OXT HXT  sing N N 145 
ASP N   CA   sing N N 146 
ASP N   H    sing N N 147 
ASP N   H2   sing N N 148 
ASP CA  C    sing N N 149 
ASP CA  CB   sing N N 150 
ASP CA  HA   sing N N 151 
ASP C   O    doub N N 152 
ASP C   OXT  sing N N 153 
ASP CB  CG   sing N N 154 
ASP CB  HB2  sing N N 155 
ASP CB  HB3  sing N N 156 
ASP CG  OD1  doub N N 157 
ASP CG  OD2  sing N N 158 
ASP OD2 HD2  sing N N 159 
ASP OXT HXT  sing N N 160 
GLN N   CA   sing N N 161 
GLN N   H    sing N N 162 
GLN N   H2   sing N N 163 
GLN CA  C    sing N N 164 
GLN CA  CB   sing N N 165 
GLN CA  HA   sing N N 166 
GLN C   O    doub N N 167 
GLN C   OXT  sing N N 168 
GLN CB  CG   sing N N 169 
GLN CB  HB2  sing N N 170 
GLN CB  HB3  sing N N 171 
GLN CG  CD   sing N N 172 
GLN CG  HG2  sing N N 173 
GLN CG  HG3  sing N N 174 
GLN CD  OE1  doub N N 175 
GLN CD  NE2  sing N N 176 
GLN NE2 HE21 sing N N 177 
GLN NE2 HE22 sing N N 178 
GLN OXT HXT  sing N N 179 
GLU N   CA   sing N N 180 
GLU N   H    sing N N 181 
GLU N   H2   sing N N 182 
GLU CA  C    sing N N 183 
GLU CA  CB   sing N N 184 
GLU CA  HA   sing N N 185 
GLU C   O    doub N N 186 
GLU C   OXT  sing N N 187 
GLU CB  CG   sing N N 188 
GLU CB  HB2  sing N N 189 
GLU CB  HB3  sing N N 190 
GLU CG  CD   sing N N 191 
GLU CG  HG2  sing N N 192 
GLU CG  HG3  sing N N 193 
GLU CD  OE1  doub N N 194 
GLU CD  OE2  sing N N 195 
GLU OE2 HE2  sing N N 196 
GLU OXT HXT  sing N N 197 
GLY N   CA   sing N N 198 
GLY N   H    sing N N 199 
GLY N   H2   sing N N 200 
GLY CA  C    sing N N 201 
GLY CA  HA2  sing N N 202 
GLY CA  HA3  sing N N 203 
GLY C   O    doub N N 204 
GLY C   OXT  sing N N 205 
GLY OXT HXT  sing N N 206 
HIS N   CA   sing N N 207 
HIS N   H    sing N N 208 
HIS N   H2   sing N N 209 
HIS CA  C    sing N N 210 
HIS CA  CB   sing N N 211 
HIS CA  HA   sing N N 212 
HIS C   O    doub N N 213 
HIS C   OXT  sing N N 214 
HIS CB  CG   sing N N 215 
HIS CB  HB2  sing N N 216 
HIS CB  HB3  sing N N 217 
HIS CG  ND1  sing Y N 218 
HIS CG  CD2  doub Y N 219 
HIS ND1 CE1  doub Y N 220 
HIS ND1 HD1  sing N N 221 
HIS CD2 NE2  sing Y N 222 
HIS CD2 HD2  sing N N 223 
HIS CE1 NE2  sing Y N 224 
HIS CE1 HE1  sing N N 225 
HIS NE2 HE2  sing N N 226 
HIS OXT HXT  sing N N 227 
HOH O   H1   sing N N 228 
HOH O   H2   sing N N 229 
ILE N   CA   sing N N 230 
ILE N   H    sing N N 231 
ILE N   H2   sing N N 232 
ILE CA  C    sing N N 233 
ILE CA  CB   sing N N 234 
ILE CA  HA   sing N N 235 
ILE C   O    doub N N 236 
ILE C   OXT  sing N N 237 
ILE CB  CG1  sing N N 238 
ILE CB  CG2  sing N N 239 
ILE CB  HB   sing N N 240 
ILE CG1 CD1  sing N N 241 
ILE CG1 HG12 sing N N 242 
ILE CG1 HG13 sing N N 243 
ILE CG2 HG21 sing N N 244 
ILE CG2 HG22 sing N N 245 
ILE CG2 HG23 sing N N 246 
ILE CD1 HD11 sing N N 247 
ILE CD1 HD12 sing N N 248 
ILE CD1 HD13 sing N N 249 
ILE OXT HXT  sing N N 250 
LEU N   CA   sing N N 251 
LEU N   H    sing N N 252 
LEU N   H2   sing N N 253 
LEU CA  C    sing N N 254 
LEU CA  CB   sing N N 255 
LEU CA  HA   sing N N 256 
LEU C   O    doub N N 257 
LEU C   OXT  sing N N 258 
LEU CB  CG   sing N N 259 
LEU CB  HB2  sing N N 260 
LEU CB  HB3  sing N N 261 
LEU CG  CD1  sing N N 262 
LEU CG  CD2  sing N N 263 
LEU CG  HG   sing N N 264 
LEU CD1 HD11 sing N N 265 
LEU CD1 HD12 sing N N 266 
LEU CD1 HD13 sing N N 267 
LEU CD2 HD21 sing N N 268 
LEU CD2 HD22 sing N N 269 
LEU CD2 HD23 sing N N 270 
LEU OXT HXT  sing N N 271 
LYS N   CA   sing N N 272 
LYS N   H    sing N N 273 
LYS N   H2   sing N N 274 
LYS CA  C    sing N N 275 
LYS CA  CB   sing N N 276 
LYS CA  HA   sing N N 277 
LYS C   O    doub N N 278 
LYS C   OXT  sing N N 279 
LYS CB  CG   sing N N 280 
LYS CB  HB2  sing N N 281 
LYS CB  HB3  sing N N 282 
LYS CG  CD   sing N N 283 
LYS CG  HG2  sing N N 284 
LYS CG  HG3  sing N N 285 
LYS CD  CE   sing N N 286 
LYS CD  HD2  sing N N 287 
LYS CD  HD3  sing N N 288 
LYS CE  NZ   sing N N 289 
LYS CE  HE2  sing N N 290 
LYS CE  HE3  sing N N 291 
LYS NZ  HZ1  sing N N 292 
LYS NZ  HZ2  sing N N 293 
LYS NZ  HZ3  sing N N 294 
LYS OXT HXT  sing N N 295 
MET N   CA   sing N N 296 
MET N   H    sing N N 297 
MET N   H2   sing N N 298 
MET CA  C    sing N N 299 
MET CA  CB   sing N N 300 
MET CA  HA   sing N N 301 
MET C   O    doub N N 302 
MET C   OXT  sing N N 303 
MET CB  CG   sing N N 304 
MET CB  HB2  sing N N 305 
MET CB  HB3  sing N N 306 
MET CG  SD   sing N N 307 
MET CG  HG2  sing N N 308 
MET CG  HG3  sing N N 309 
MET SD  CE   sing N N 310 
MET CE  HE1  sing N N 311 
MET CE  HE2  sing N N 312 
MET CE  HE3  sing N N 313 
MET OXT HXT  sing N N 314 
MSE N   CA   sing N N 315 
MSE N   H    sing N N 316 
MSE N   H2   sing N N 317 
MSE CA  C    sing N N 318 
MSE CA  CB   sing N N 319 
MSE CA  HA   sing N N 320 
MSE C   O    doub N N 321 
MSE C   OXT  sing N N 322 
MSE OXT HXT  sing N N 323 
MSE CB  CG   sing N N 324 
MSE CB  HB2  sing N N 325 
MSE CB  HB3  sing N N 326 
MSE CG  SE   sing N N 327 
MSE CG  HG2  sing N N 328 
MSE CG  HG3  sing N N 329 
MSE SE  CE   sing N N 330 
MSE CE  HE1  sing N N 331 
MSE CE  HE2  sing N N 332 
MSE CE  HE3  sing N N 333 
PHE N   CA   sing N N 334 
PHE N   H    sing N N 335 
PHE N   H2   sing N N 336 
PHE CA  C    sing N N 337 
PHE CA  CB   sing N N 338 
PHE CA  HA   sing N N 339 
PHE C   O    doub N N 340 
PHE C   OXT  sing N N 341 
PHE CB  CG   sing N N 342 
PHE CB  HB2  sing N N 343 
PHE CB  HB3  sing N N 344 
PHE CG  CD1  doub Y N 345 
PHE CG  CD2  sing Y N 346 
PHE CD1 CE1  sing Y N 347 
PHE CD1 HD1  sing N N 348 
PHE CD2 CE2  doub Y N 349 
PHE CD2 HD2  sing N N 350 
PHE CE1 CZ   doub Y N 351 
PHE CE1 HE1  sing N N 352 
PHE CE2 CZ   sing Y N 353 
PHE CE2 HE2  sing N N 354 
PHE CZ  HZ   sing N N 355 
PHE OXT HXT  sing N N 356 
PRO N   CA   sing N N 357 
PRO N   CD   sing N N 358 
PRO N   H    sing N N 359 
PRO CA  C    sing N N 360 
PRO CA  CB   sing N N 361 
PRO CA  HA   sing N N 362 
PRO C   O    doub N N 363 
PRO C   OXT  sing N N 364 
PRO CB  CG   sing N N 365 
PRO CB  HB2  sing N N 366 
PRO CB  HB3  sing N N 367 
PRO CG  CD   sing N N 368 
PRO CG  HG2  sing N N 369 
PRO CG  HG3  sing N N 370 
PRO CD  HD2  sing N N 371 
PRO CD  HD3  sing N N 372 
PRO OXT HXT  sing N N 373 
SER N   CA   sing N N 374 
SER N   H    sing N N 375 
SER N   H2   sing N N 376 
SER CA  C    sing N N 377 
SER CA  CB   sing N N 378 
SER CA  HA   sing N N 379 
SER C   O    doub N N 380 
SER C   OXT  sing N N 381 
SER CB  OG   sing N N 382 
SER CB  HB2  sing N N 383 
SER CB  HB3  sing N N 384 
SER OG  HG   sing N N 385 
SER OXT HXT  sing N N 386 
THR N   CA   sing N N 387 
THR N   H    sing N N 388 
THR N   H2   sing N N 389 
THR CA  C    sing N N 390 
THR CA  CB   sing N N 391 
THR CA  HA   sing N N 392 
THR C   O    doub N N 393 
THR C   OXT  sing N N 394 
THR CB  OG1  sing N N 395 
THR CB  CG2  sing N N 396 
THR CB  HB   sing N N 397 
THR OG1 HG1  sing N N 398 
THR CG2 HG21 sing N N 399 
THR CG2 HG22 sing N N 400 
THR CG2 HG23 sing N N 401 
THR OXT HXT  sing N N 402 
TRP N   CA   sing N N 403 
TRP N   H    sing N N 404 
TRP N   H2   sing N N 405 
TRP CA  C    sing N N 406 
TRP CA  CB   sing N N 407 
TRP CA  HA   sing N N 408 
TRP C   O    doub N N 409 
TRP C   OXT  sing N N 410 
TRP CB  CG   sing N N 411 
TRP CB  HB2  sing N N 412 
TRP CB  HB3  sing N N 413 
TRP CG  CD1  doub Y N 414 
TRP CG  CD2  sing Y N 415 
TRP CD1 NE1  sing Y N 416 
TRP CD1 HD1  sing N N 417 
TRP CD2 CE2  doub Y N 418 
TRP CD2 CE3  sing Y N 419 
TRP NE1 CE2  sing Y N 420 
TRP NE1 HE1  sing N N 421 
TRP CE2 CZ2  sing Y N 422 
TRP CE3 CZ3  doub Y N 423 
TRP CE3 HE3  sing N N 424 
TRP CZ2 CH2  doub Y N 425 
TRP CZ2 HZ2  sing N N 426 
TRP CZ3 CH2  sing Y N 427 
TRP CZ3 HZ3  sing N N 428 
TRP CH2 HH2  sing N N 429 
TRP OXT HXT  sing N N 430 
TYR N   CA   sing N N 431 
TYR N   H    sing N N 432 
TYR N   H2   sing N N 433 
TYR CA  C    sing N N 434 
TYR CA  CB   sing N N 435 
TYR CA  HA   sing N N 436 
TYR C   O    doub N N 437 
TYR C   OXT  sing N N 438 
TYR CB  CG   sing N N 439 
TYR CB  HB2  sing N N 440 
TYR CB  HB3  sing N N 441 
TYR CG  CD1  doub Y N 442 
TYR CG  CD2  sing Y N 443 
TYR CD1 CE1  sing Y N 444 
TYR CD1 HD1  sing N N 445 
TYR CD2 CE2  doub Y N 446 
TYR CD2 HD2  sing N N 447 
TYR CE1 CZ   doub Y N 448 
TYR CE1 HE1  sing N N 449 
TYR CE2 CZ   sing Y N 450 
TYR CE2 HE2  sing N N 451 
TYR CZ  OH   sing N N 452 
TYR OH  HH   sing N N 453 
TYR OXT HXT  sing N N 454 
VAL N   CA   sing N N 455 
VAL N   H    sing N N 456 
VAL N   H2   sing N N 457 
VAL CA  C    sing N N 458 
VAL CA  CB   sing N N 459 
VAL CA  HA   sing N N 460 
VAL C   O    doub N N 461 
VAL C   OXT  sing N N 462 
VAL CB  CG1  sing N N 463 
VAL CB  CG2  sing N N 464 
VAL CB  HB   sing N N 465 
VAL CG1 HG11 sing N N 466 
VAL CG1 HG12 sing N N 467 
VAL CG1 HG13 sing N N 468 
VAL CG2 HG21 sing N N 469 
VAL CG2 HG22 sing N N 470 
VAL CG2 HG23 sing N N 471 
VAL OXT HXT  sing N N 472 
# 
_atom_sites.entry_id                    2CY2 
_atom_sites.fract_transf_matrix[1][1]   0.01606549 
_atom_sites.fract_transf_matrix[1][2]   0.00730362 
_atom_sites.fract_transf_matrix[1][3]   -0.00055281 
_atom_sites.fract_transf_matrix[2][1]   0.00230936 
_atom_sites.fract_transf_matrix[2][2]   0.01666749 
_atom_sites.fract_transf_matrix[2][3]   0.00535083 
_atom_sites.fract_transf_matrix[3][1]   0.00143796 
_atom_sites.fract_transf_matrix[3][2]   -0.00259757 
_atom_sites.fract_transf_matrix[3][3]   0.00747064 
_atom_sites.fract_transf_vector[1]      0.296386 
_atom_sites.fract_transf_vector[2]      0.820258 
_atom_sites.fract_transf_vector[3]      0.440915 
# 
loop_
_atom_type.symbol 
C  
N  
O  
P  
S  
SE 
# 
loop_
_atom_site.group_PDB 
_atom_site.id 
_atom_site.type_symbol 
_atom_site.label_atom_id 
_atom_site.label_alt_id 
_atom_site.label_comp_id 
_atom_site.label_asym_id 
_atom_site.label_entity_id 
_atom_site.label_seq_id 
_atom_site.pdbx_PDB_ins_code 
_atom_site.Cartn_x 
_atom_site.Cartn_y 
_atom_site.Cartn_z 
_atom_site.occupancy 
_atom_site.B_iso_or_equiv 
_atom_site.pdbx_formal_charge 
_atom_site.auth_seq_id 
_atom_site.auth_comp_id 
_atom_site.auth_asym_id 
_atom_site.auth_atom_id 
_atom_site.pdbx_PDB_model_num 
ATOM   1    N  N   . VAL A 1 1   ? 6.491   -15.758 -3.473  1.00 84.87 ? 1   VAL A N   1 
ATOM   2    C  CA  . VAL A 1 1   ? 7.428   -16.142 -4.568  1.00 80.80 ? 1   VAL A CA  1 
ATOM   3    C  C   . VAL A 1 1   ? 7.667   -15.048 -5.636  1.00 80.80 ? 1   VAL A C   1 
ATOM   4    O  O   . VAL A 1 1   ? 8.754   -14.452 -5.682  1.00 84.11 ? 1   VAL A O   1 
ATOM   5    C  CB  . VAL A 1 1   ? 6.956   -17.473 -5.223  1.00 79.59 ? 1   VAL A CB  1 
ATOM   6    C  CG1 . VAL A 1 1   ? 7.819   -17.816 -6.434  1.00 81.47 ? 1   VAL A CG1 1 
ATOM   7    C  CG2 . VAL A 1 1   ? 7.041   -18.607 -4.181  1.00 73.02 ? 1   VAL A CG2 1 
ATOM   8    N  N   . ARG A 1 2   ? 6.675   -14.757 -6.477  1.00 75.37 ? 2   ARG A N   1 
ATOM   9    C  CA  . ARG A 1 2   ? 6.877   -13.744 -7.513  1.00 64.07 ? 2   ARG A CA  1 
ATOM   10   C  C   . ARG A 1 2   ? 5.898   -12.555 -7.536  1.00 60.32 ? 2   ARG A C   1 
ATOM   11   O  O   . ARG A 1 2   ? 4.734   -12.649 -7.103  1.00 48.45 ? 2   ARG A O   1 
ATOM   12   C  CB  . ARG A 1 2   ? 6.916   -14.426 -8.879  1.00 66.72 ? 2   ARG A CB  1 
ATOM   13   C  CG  . ARG A 1 2   ? 5.687   -15.241 -9.198  1.00 69.41 ? 2   ARG A CG  1 
ATOM   14   C  CD  . ARG A 1 2   ? 4.509   -14.349 -9.545  1.00 80.94 ? 2   ARG A CD  1 
ATOM   15   N  NE  . ARG A 1 2   ? 4.121   -14.444 -10.951 1.00 88.68 ? 2   ARG A NE  1 
ATOM   16   C  CZ  . ARG A 1 2   ? 4.912   -14.149 -11.978 1.00 91.65 ? 2   ARG A CZ  1 
ATOM   17   N  NH1 . ARG A 1 2   ? 6.153   -13.729 -11.769 1.00 93.16 ? 2   ARG A NH1 1 
ATOM   18   N  NH2 . ARG A 1 2   ? 4.457   -14.276 -13.222 1.00 90.83 ? 2   ARG A NH2 1 
ATOM   19   N  N   . ILE A 1 3   ? 6.402   -11.431 -8.053  1.00 53.57 ? 3   ILE A N   1 
ATOM   20   C  CA  . ILE A 1 3   ? 5.651   -10.182 -8.147  1.00 50.24 ? 3   ILE A CA  1 
ATOM   21   C  C   . ILE A 1 3   ? 5.287   -9.851  -9.597  1.00 49.36 ? 3   ILE A C   1 
ATOM   22   O  O   . ILE A 1 3   ? 6.098   -10.036 -10.502 1.00 47.83 ? 3   ILE A O   1 
ATOM   23   C  CB  . ILE A 1 3   ? 6.456   -8.993  -7.511  1.00 51.42 ? 3   ILE A CB  1 
ATOM   24   C  CG1 . ILE A 1 3   ? 6.302   -8.981  -5.983  1.00 55.35 ? 3   ILE A CG1 1 
ATOM   25   C  CG2 . ILE A 1 3   ? 5.885   -7.672  -7.970  1.00 47.93 ? 3   ILE A CG2 1 
ATOM   26   C  CD1 . ILE A 1 3   ? 6.761   -10.206 -5.268  1.00 51.86 ? 3   ILE A CD1 1 
ATOM   27   N  N   . ARG A 1 4   ? 4.054   -9.393  -9.816  1.00 42.56 ? 4   ARG A N   1 
ATOM   28   C  CA  . ARG A 1 4   ? 3.610   -9.033  -11.153 1.00 42.47 ? 4   ARG A CA  1 
ATOM   29   C  C   . ARG A 1 4   ? 2.489   -7.999  -11.102 1.00 46.10 ? 4   ARG A C   1 
ATOM   30   O  O   . ARG A 1 4   ? 1.930   -7.746  -10.034 1.00 46.68 ? 4   ARG A O   1 
ATOM   31   C  CB  . ARG A 1 4   ? 3.124   -10.282 -11.890 1.00 43.64 ? 4   ARG A CB  1 
ATOM   32   C  CG  . ARG A 1 4   ? 1.916   -10.940 -11.247 1.00 44.22 ? 4   ARG A CG  1 
ATOM   33   C  CD  . ARG A 1 4   ? 1.519   -12.222 -11.985 1.00 49.68 ? 4   ARG A CD  1 
ATOM   34   N  NE  . ARG A 1 4   ? 0.422   -12.915 -11.312 1.00 45.73 ? 4   ARG A NE  1 
ATOM   35   C  CZ  . ARG A 1 4   ? -0.853  -12.514 -11.281 1.00 48.39 ? 4   ARG A CZ  1 
ATOM   36   N  NH1 . ARG A 1 4   ? -1.252  -11.396 -11.888 1.00 37.04 ? 4   ARG A NH1 1 
ATOM   37   N  NH2 . ARG A 1 4   ? -1.746  -13.258 -10.635 1.00 38.79 ? 4   ARG A NH2 1 
ATOM   38   N  N   . ARG A 1 5   ? 2.168   -7.385  -12.240 1.00 40.92 ? 5   ARG A N   1 
ATOM   39   C  CA  . ARG A 1 5   ? 1.064   -6.416  -12.276 1.00 41.61 ? 5   ARG A CA  1 
ATOM   40   C  C   . ARG A 1 5   ? -0.234  -7.194  -12.108 1.00 41.05 ? 5   ARG A C   1 
ATOM   41   O  O   . ARG A 1 5   ? -0.350  -8.333  -12.575 1.00 44.44 ? 5   ARG A O   1 
ATOM   42   C  CB  . ARG A 1 5   ? 1.042   -5.661  -13.621 1.00 43.27 ? 5   ARG A CB  1 
ATOM   43   C  CG  . ARG A 1 5   ? 2.226   -4.710  -13.813 1.00 44.60 ? 5   ARG A CG  1 
ATOM   44   C  CD  . ARG A 1 5   ? 2.102   -3.525  -12.873 1.00 48.07 ? 5   ARG A CD  1 
ATOM   45   N  NE  . ARG A 1 5   ? 0.899   -2.729  -13.133 1.00 44.21 ? 5   ARG A NE  1 
ATOM   46   C  CZ  . ARG A 1 5   ? 0.798   -1.823  -14.104 1.00 49.82 ? 5   ARG A CZ  1 
ATOM   47   N  NH1 . ARG A 1 5   ? 1.822   -1.593  -14.915 1.00 48.35 ? 5   ARG A NH1 1 
ATOM   48   N  NH2 . ARG A 1 5   ? -0.322  -1.132  -14.260 1.00 49.31 ? 5   ARG A NH2 1 
ATOM   49   N  N   . ALA A 1 6   ? -1.221  -6.587  -11.462 1.00 38.72 ? 6   ALA A N   1 
ATOM   50   C  CA  . ALA A 1 6   ? -2.500  -7.251  -11.232 1.00 38.58 ? 6   ALA A CA  1 
ATOM   51   C  C   . ALA A 1 6   ? -3.393  -7.257  -12.457 1.00 47.61 ? 6   ALA A C   1 
ATOM   52   O  O   . ALA A 1 6   ? -3.269  -6.395  -13.319 1.00 48.34 ? 6   ALA A O   1 
ATOM   53   C  CB  . ALA A 1 6   ? -3.234  -6.582  -10.101 1.00 37.67 ? 6   ALA A CB  1 
ATOM   54   N  N   . GLY A 1 7   ? -4.294  -8.236  -12.527 1.00 46.90 ? 7   GLY A N   1 
ATOM   55   C  CA  . GLY A 1 7   ? -5.252  -8.304  -13.620 1.00 44.53 ? 7   GLY A CA  1 
ATOM   56   C  C   . GLY A 1 7   ? -6.605  -8.260  -12.923 1.00 49.92 ? 7   GLY A C   1 
ATOM   57   O  O   . GLY A 1 7   ? -6.661  -8.298  -11.687 1.00 47.51 ? 7   GLY A O   1 
ATOM   58   N  N   . LEU A 1 8   ? -7.693  -8.190  -13.679 1.00 45.15 ? 8   LEU A N   1 
ATOM   59   C  CA  . LEU A 1 8   ? -9.027  -8.156  -13.079 1.00 47.15 ? 8   LEU A CA  1 
ATOM   60   C  C   . LEU A 1 8   ? -9.384  -9.446  -12.323 1.00 46.81 ? 8   LEU A C   1 
ATOM   61   O  O   . LEU A 1 8   ? -10.159 -9.417  -11.376 1.00 45.48 ? 8   LEU A O   1 
ATOM   62   C  CB  . LEU A 1 8   ? -10.076 -7.913  -14.165 1.00 44.86 ? 8   LEU A CB  1 
ATOM   63   C  CG  . LEU A 1 8   ? -10.064 -6.513  -14.759 1.00 51.37 ? 8   LEU A CG  1 
ATOM   64   C  CD1 . LEU A 1 8   ? -10.637 -6.595  -16.162 1.00 52.06 ? 8   LEU A CD1 1 
ATOM   65   C  CD2 . LEU A 1 8   ? -10.867 -5.553  -13.853 1.00 40.61 ? 8   LEU A CD2 1 
ATOM   66   N  N   . GLU A 1 9   ? -8.828  -10.574 -12.750 1.00 50.25 ? 9   GLU A N   1 
ATOM   67   C  CA  . GLU A 1 9   ? -9.127  -11.845 -12.094 1.00 52.62 ? 9   GLU A CA  1 
ATOM   68   C  C   . GLU A 1 9   ? -8.474  -11.910 -10.730 1.00 51.09 ? 9   GLU A C   1 
ATOM   69   O  O   . GLU A 1 9   ? -8.934  -12.658 -9.877  1.00 49.80 ? 9   GLU A O   1 
ATOM   70   C  CB  . GLU A 1 9   ? -8.639  -13.029 -12.936 1.00 54.47 ? 9   GLU A CB  1 
ATOM   71   C  CG  . GLU A 1 9   ? -9.317  -13.127 -14.293 1.00 75.04 ? 9   GLU A CG  1 
ATOM   72   C  CD  . GLU A 1 9   ? -8.914  -14.369 -15.070 1.00 81.82 ? 9   GLU A CD  1 
ATOM   73   O  OE1 . GLU A 1 9   ? -7.767  -14.842 -14.884 1.00 86.29 ? 9   GLU A OE1 1 
ATOM   74   O  OE2 . GLU A 1 9   ? -9.746  -14.856 -15.879 1.00 87.70 ? 9   GLU A OE2 1 
ATOM   75   N  N   . ASP A 1 10  ? -7.396  -11.141 -10.539 1.00 43.95 ? 10  ASP A N   1 
ATOM   76   C  CA  . ASP A 1 10  ? -6.680  -11.099 -9.262  1.00 44.60 ? 10  ASP A CA  1 
ATOM   77   C  C   . ASP A 1 10  ? -7.400  -10.286 -8.193  1.00 43.14 ? 10  ASP A C   1 
ATOM   78   O  O   . ASP A 1 10  ? -7.120  -10.453 -7.012  1.00 45.51 ? 10  ASP A O   1 
ATOM   79   C  CB  . ASP A 1 10  ? -5.287  -10.463 -9.415  1.00 45.29 ? 10  ASP A CB  1 
ATOM   80   C  CG  . ASP A 1 10  ? -4.346  -11.267 -10.297 1.00 53.83 ? 10  ASP A CG  1 
ATOM   81   O  OD1 . ASP A 1 10  ? -4.305  -12.514 -10.177 1.00 49.27 ? 10  ASP A OD1 1 
ATOM   82   O  OD2 . ASP A 1 10  ? -3.620  -10.636 -11.098 1.00 48.31 ? 10  ASP A OD2 1 
ATOM   83   N  N   . LEU A 1 11  ? -8.327  -9.414  -8.582  1.00 41.20 ? 11  LEU A N   1 
ATOM   84   C  CA  . LEU A 1 11  ? -8.975  -8.540  -7.594  1.00 41.12 ? 11  LEU A CA  1 
ATOM   85   C  C   . LEU A 1 11  ? -9.717  -9.146  -6.407  1.00 43.24 ? 11  LEU A C   1 
ATOM   86   O  O   . LEU A 1 11  ? -9.607  -8.629  -5.285  1.00 44.94 ? 11  LEU A O   1 
ATOM   87   C  CB  . LEU A 1 11  ? -9.844  -7.490  -8.310  1.00 39.08 ? 11  LEU A CB  1 
ATOM   88   C  CG  . LEU A 1 11  ? -8.945  -6.736  -9.303  1.00 42.47 ? 11  LEU A CG  1 
ATOM   89   C  CD1 . LEU A 1 11  ? -9.728  -5.610  -9.962  1.00 41.23 ? 11  LEU A CD1 1 
ATOM   90   C  CD2 . LEU A 1 11  ? -7.709  -6.191  -8.550  1.00 37.95 ? 11  LEU A CD2 1 
ATOM   91   N  N   . PRO A 1 12  ? -10.518 -10.212 -6.622  1.00 43.84 ? 12  PRO A N   1 
ATOM   92   C  CA  . PRO A 1 12  ? -11.202 -10.796 -5.455  1.00 39.84 ? 12  PRO A CA  1 
ATOM   93   C  C   . PRO A 1 12  ? -10.136 -11.191 -4.399  1.00 38.99 ? 12  PRO A C   1 
ATOM   94   O  O   . PRO A 1 12  ? -10.330 -10.984 -3.199  1.00 38.35 ? 12  PRO A O   1 
ATOM   95   C  CB  . PRO A 1 12  ? -11.907 -12.019 -6.054  1.00 45.26 ? 12  PRO A CB  1 
ATOM   96   C  CG  . PRO A 1 12  ? -12.319 -11.489 -7.433  1.00 45.03 ? 12  PRO A CG  1 
ATOM   97   C  CD  . PRO A 1 12  ? -11.036 -10.777 -7.887  1.00 49.03 ? 12  PRO A CD  1 
ATOM   98   N  N   . GLY A 1 13  ? -9.016  -11.750 -4.869  1.00 34.19 ? 13  GLY A N   1 
ATOM   99   C  CA  . GLY A 1 13  ? -7.937  -12.141 -3.979  1.00 37.67 ? 13  GLY A CA  1 
ATOM   100  C  C   . GLY A 1 13  ? -7.277  -10.925 -3.349  1.00 40.69 ? 13  GLY A C   1 
ATOM   101  O  O   . GLY A 1 13  ? -6.925  -10.962 -2.167  1.00 41.36 ? 13  GLY A O   1 
ATOM   102  N  N   . VAL A 1 14  ? -7.111  -9.854  -4.137  1.00 37.92 ? 14  VAL A N   1 
ATOM   103  C  CA  . VAL A 1 14  ? -6.531  -8.606  -3.650  1.00 36.32 ? 14  VAL A CA  1 
ATOM   104  C  C   . VAL A 1 14  ? -7.437  -8.066  -2.543  1.00 37.80 ? 14  VAL A C   1 
ATOM   105  O  O   . VAL A 1 14  ? -6.960  -7.615  -1.489  1.00 36.76 ? 14  VAL A O   1 
ATOM   106  C  CB  . VAL A 1 14  ? -6.428  -7.535  -4.795  1.00 35.68 ? 14  VAL A CB  1 
ATOM   107  C  CG1 . VAL A 1 14  ? -6.296  -6.110  -4.199  1.00 34.20 ? 14  VAL A CG1 1 
ATOM   108  C  CG2 . VAL A 1 14  ? -5.239  -7.849  -5.700  1.00 33.14 ? 14  VAL A CG2 1 
ATOM   109  N  N   . ALA A 1 15  ? -8.748  -8.122  -2.770  1.00 36.87 ? 15  ALA A N   1 
ATOM   110  C  CA  . ALA A 1 15  ? -9.686  -7.625  -1.767  1.00 35.18 ? 15  ALA A CA  1 
ATOM   111  C  C   . ALA A 1 15  ? -9.593  -8.421  -0.467  1.00 37.98 ? 15  ALA A C   1 
ATOM   112  O  O   . ALA A 1 15  ? -9.710  -7.839  0.621   1.00 36.26 ? 15  ALA A O   1 
ATOM   113  C  CB  . ALA A 1 15  ? -11.146 -7.648  -2.311  1.00 37.40 ? 15  ALA A CB  1 
ATOM   114  N  N   . ARG A 1 16  ? -9.362  -9.739  -0.545  1.00 31.76 ? 16  ARG A N   1 
ATOM   115  C  CA  . ARG A 1 16  ? -9.275  -10.509 0.697   1.00 32.95 ? 16  ARG A CA  1 
ATOM   116  C  C   . ARG A 1 16  ? -7.979  -10.171 1.445   1.00 34.10 ? 16  ARG A C   1 
ATOM   117  O  O   . ARG A 1 16  ? -7.973  -10.029 2.683   1.00 32.34 ? 16  ARG A O   1 
ATOM   118  C  CB  . ARG A 1 16  ? -9.367  -12.019 0.403   1.00 34.10 ? 16  ARG A CB  1 
ATOM   119  C  CG  . ARG A 1 16  ? -10.718 -12.425 -0.236  1.00 40.37 ? 16  ARG A CG  1 
ATOM   120  C  CD  . ARG A 1 16  ? -10.922 -13.944 -0.339  1.00 48.35 ? 16  ARG A CD  1 
ATOM   121  N  NE  . ARG A 1 16  ? -9.991  -14.565 -1.290  1.00 52.07 ? 16  ARG A NE  1 
ATOM   122  C  CZ  . ARG A 1 16  ? -10.248 -14.816 -2.576  1.00 54.83 ? 16  ARG A CZ  1 
ATOM   123  N  NH1 . ARG A 1 16  ? -11.427 -14.522 -3.118  1.00 51.05 ? 16  ARG A NH1 1 
ATOM   124  N  NH2 . ARG A 1 16  ? -9.298  -15.342 -3.337  1.00 58.82 ? 16  ARG A NH2 1 
ATOM   125  N  N   . VAL A 1 17  ? -6.887  -10.038 0.694   1.00 33.78 ? 17  VAL A N   1 
ATOM   126  C  CA  . VAL A 1 17  ? -5.589  -9.710  1.320   1.00 36.97 ? 17  VAL A CA  1 
ATOM   127  C  C   . VAL A 1 17  ? -5.782  -8.377  2.059   1.00 35.06 ? 17  VAL A C   1 
ATOM   128  O  O   . VAL A 1 17  ? -5.387  -8.217  3.228   1.00 38.56 ? 17  VAL A O   1 
ATOM   129  C  CB  . VAL A 1 17  ? -4.454  -9.555  0.249   1.00 34.45 ? 17  VAL A CB  1 
ATOM   130  C  CG1 . VAL A 1 17  ? -3.147  -9.001  0.896   1.00 37.39 ? 17  VAL A CG1 1 
ATOM   131  C  CG2 . VAL A 1 17  ? -4.160  -10.879 -0.381  1.00 35.24 ? 17  VAL A CG2 1 
ATOM   132  N  N   . LEU A 1 18  ? -6.410  -7.426  1.379   1.00 36.81 ? 18  LEU A N   1 
ATOM   133  C  CA  . LEU A 1 18  ? -6.650  -6.115  1.966   1.00 39.31 ? 18  LEU A CA  1 
ATOM   134  C  C   . LEU A 1 18  ? -7.479  -6.195  3.257   1.00 40.00 ? 18  LEU A C   1 
ATOM   135  O  O   . LEU A 1 18  ? -7.037  -5.776  4.349   1.00 34.55 ? 18  LEU A O   1 
ATOM   136  C  CB  . LEU A 1 18  ? -7.358  -5.225  0.927   1.00 39.07 ? 18  LEU A CB  1 
ATOM   137  C  CG  . LEU A 1 18  ? -7.653  -3.725  1.145   1.00 47.91 ? 18  LEU A CG  1 
ATOM   138  C  CD1 . LEU A 1 18  ? -8.589  -3.482  2.327   1.00 39.87 ? 18  LEU A CD1 1 
ATOM   139  C  CD2 . LEU A 1 18  ? -6.333  -2.994  1.345   1.00 61.52 ? 18  LEU A CD2 1 
ATOM   140  N  N   . VAL A 1 19  ? -8.691  -6.740  3.143   1.00 36.59 ? 19  VAL A N   1 
ATOM   141  C  CA  . VAL A 1 19  ? -9.547  -6.789  4.312   1.00 36.41 ? 19  VAL A CA  1 
ATOM   142  C  C   . VAL A 1 19  ? -8.939  -7.630  5.443   1.00 33.87 ? 19  VAL A C   1 
ATOM   143  O  O   . VAL A 1 19  ? -8.927  -7.208  6.604   1.00 32.27 ? 19  VAL A O   1 
ATOM   144  C  CB  . VAL A 1 19  ? -10.961 -7.325  3.938   1.00 37.87 ? 19  VAL A CB  1 
ATOM   145  C  CG1 . VAL A 1 19  ? -11.809 -7.545  5.215   1.00 36.36 ? 19  VAL A CG1 1 
ATOM   146  C  CG2 . VAL A 1 19  ? -11.658 -6.328  2.985   1.00 37.54 ? 19  VAL A CG2 1 
ATOM   147  N  N   . ASP A 1 20  ? -8.417  -8.814  5.118   1.00 35.55 ? 20  ASP A N   1 
ATOM   148  C  CA  . ASP A 1 20  ? -7.894  -9.643  6.182   1.00 35.48 ? 20  ASP A CA  1 
ATOM   149  C  C   . ASP A 1 20  ? -6.691  -9.012  6.866   1.00 38.05 ? 20  ASP A C   1 
ATOM   150  O  O   . ASP A 1 20  ? -6.562  -9.091  8.091   1.00 38.42 ? 20  ASP A O   1 
ATOM   151  C  CB  . ASP A 1 20  ? -7.539  -11.052 5.662   1.00 39.70 ? 20  ASP A CB  1 
ATOM   152  C  CG  . ASP A 1 20  ? -8.766  -11.806 5.148   1.00 43.74 ? 20  ASP A CG  1 
ATOM   153  O  OD1 . ASP A 1 20  ? -9.905  -11.406 5.509   1.00 35.07 ? 20  ASP A OD1 1 
ATOM   154  O  OD2 . ASP A 1 20  ? -8.593  -12.791 4.394   1.00 40.15 ? 20  ASP A OD2 1 
ATOM   155  N  N   . THR A 1 21  ? -5.815  -8.369  6.097   1.00 36.78 ? 21  THR A N   1 
ATOM   156  C  CA  . THR A 1 21  ? -4.625  -7.780  6.726   1.00 36.57 ? 21  THR A CA  1 
ATOM   157  C  C   . THR A 1 21  ? -4.997  -6.529  7.518   1.00 36.32 ? 21  THR A C   1 
ATOM   158  O  O   . THR A 1 21  ? -4.412  -6.262  8.576   1.00 39.03 ? 21  THR A O   1 
ATOM   159  C  CB  . THR A 1 21  ? -3.529  -7.481  5.693   1.00 34.65 ? 21  THR A CB  1 
ATOM   160  O  OG1 . THR A 1 21  ? -3.344  -8.631  4.853   1.00 31.15 ? 21  THR A OG1 1 
ATOM   161  C  CG2 . THR A 1 21  ? -2.207  -7.204  6.401   1.00 28.68 ? 21  THR A CG2 1 
ATOM   162  N  N   . TRP A 1 22  ? -5.972  -5.761  7.034   1.00 39.92 ? 22  TRP A N   1 
ATOM   163  C  CA  . TRP A 1 22  ? -6.440  -4.574  7.777   1.00 37.63 ? 22  TRP A CA  1 
ATOM   164  C  C   . TRP A 1 22  ? -6.938  -5.040  9.162   1.00 42.23 ? 22  TRP A C   1 
ATOM   165  O  O   . TRP A 1 22  ? -6.613  -4.467  10.233  1.00 38.25 ? 22  TRP A O   1 
ATOM   166  C  CB  . TRP A 1 22  ? -7.620  -3.918  7.043   1.00 34.56 ? 22  TRP A CB  1 
ATOM   167  C  CG  . TRP A 1 22  ? -7.251  -2.746  6.215   1.00 45.14 ? 22  TRP A CG  1 
ATOM   168  C  CD1 . TRP A 1 22  ? -6.477  -2.737  5.087   1.00 45.94 ? 22  TRP A CD1 1 
ATOM   169  C  CD2 . TRP A 1 22  ? -7.600  -1.384  6.480   1.00 45.89 ? 22  TRP A CD2 1 
ATOM   170  N  NE1 . TRP A 1 22  ? -6.323  -1.446  4.636   1.00 42.07 ? 22  TRP A NE1 1 
ATOM   171  C  CE2 . TRP A 1 22  ? -7.000  -0.598  5.476   1.00 46.81 ? 22  TRP A CE2 1 
ATOM   172  C  CE3 . TRP A 1 22  ? -8.364  -0.752  7.480   1.00 49.07 ? 22  TRP A CE3 1 
ATOM   173  C  CZ2 . TRP A 1 22  ? -7.137  0.803   5.439   1.00 49.27 ? 22  TRP A CZ2 1 
ATOM   174  C  CZ3 . TRP A 1 22  ? -8.504  0.632   7.445   1.00 51.26 ? 22  TRP A CZ3 1 
ATOM   175  C  CH2 . TRP A 1 22  ? -7.890  1.396   6.427   1.00 53.14 ? 22  TRP A CH2 1 
ATOM   176  N  N   . ARG A 1 23  ? -7.746  -6.093  9.126   1.00 39.56 ? 23  ARG A N   1 
ATOM   177  C  CA  . ARG A 1 23  ? -8.327  -6.654  10.342  1.00 41.89 ? 23  ARG A CA  1 
ATOM   178  C  C   . ARG A 1 23  ? -7.262  -7.191  11.280  1.00 42.83 ? 23  ARG A C   1 
ATOM   179  O  O   . ARG A 1 23  ? -7.363  -7.030  12.497  1.00 42.88 ? 23  ARG A O   1 
ATOM   180  C  CB  . ARG A 1 23  ? -9.326  -7.778  9.986   1.00 45.12 ? 23  ARG A CB  1 
ATOM   181  C  CG  . ARG A 1 23  ? -10.654 -7.263  9.441   1.00 44.50 ? 23  ARG A CG  1 
ATOM   182  C  CD  . ARG A 1 23  ? -11.595 -8.382  8.964   1.00 45.48 ? 23  ARG A CD  1 
ATOM   183  N  NE  . ARG A 1 23  ? -12.871 -7.811  8.524   1.00 44.14 ? 23  ARG A NE  1 
ATOM   184  C  CZ  . ARG A 1 23  ? -13.758 -8.457  7.770   1.00 48.95 ? 23  ARG A CZ  1 
ATOM   185  N  NH1 . ARG A 1 23  ? -13.518 -9.699  7.361   1.00 44.92 ? 23  ARG A NH1 1 
ATOM   186  N  NH2 . ARG A 1 23  ? -14.885 -7.858  7.422   1.00 53.71 ? 23  ARG A NH2 1 
ATOM   187  N  N   . ALA A 1 24  ? -6.247  -7.848  10.729  1.00 37.54 ? 24  ALA A N   1 
ATOM   188  C  CA  . ALA A 1 24  ? -5.208  -8.380  11.583  1.00 39.72 ? 24  ALA A CA  1 
ATOM   189  C  C   . ALA A 1 24  ? -4.287  -7.266  12.094  1.00 40.77 ? 24  ALA A C   1 
ATOM   190  O  O   . ALA A 1 24  ? -3.864  -7.289  13.243  1.00 45.47 ? 24  ALA A O   1 
ATOM   191  C  CB  . ALA A 1 24  ? -4.382  -9.463  10.819  1.00 36.12 ? 24  ALA A CB  1 
ATOM   192  N  N   . THR A 1 25  ? -3.988  -6.282  11.256  1.00 41.01 ? 25  THR A N   1 
ATOM   193  C  CA  . THR A 1 25  ? -3.049  -5.240  11.664  1.00 41.86 ? 25  THR A CA  1 
ATOM   194  C  C   . THR A 1 25  ? -3.605  -4.137  12.533  1.00 44.96 ? 25  THR A C   1 
ATOM   195  O  O   . THR A 1 25  ? -2.913  -3.673  13.435  1.00 43.39 ? 25  THR A O   1 
ATOM   196  C  CB  . THR A 1 25  ? -2.386  -4.545  10.432  1.00 39.25 ? 25  THR A CB  1 
ATOM   197  O  OG1 . THR A 1 25  ? -1.875  -5.539  9.538   1.00 37.09 ? 25  THR A OG1 1 
ATOM   198  C  CG2 . THR A 1 25  ? -1.247  -3.609  10.869  1.00 39.32 ? 25  THR A CG2 1 
ATOM   199  N  N   . TYR A 1 26  ? -4.838  -3.711  12.276  1.00 43.04 ? 26  TYR A N   1 
ATOM   200  C  CA  . TYR A 1 26  ? -5.368  -2.583  13.023  1.00 46.97 ? 26  TYR A CA  1 
ATOM   201  C  C   . TYR A 1 26  ? -6.249  -2.865  14.228  1.00 45.55 ? 26  TYR A C   1 
ATOM   202  O  O   . TYR A 1 26  ? -6.910  -1.966  14.740  1.00 42.57 ? 26  TYR A O   1 
ATOM   203  C  CB  . TYR A 1 26  ? -6.062  -1.611  12.057  1.00 48.25 ? 26  TYR A CB  1 
ATOM   204  C  CG  . TYR A 1 26  ? -5.155  -1.169  10.924  1.00 47.91 ? 26  TYR A CG  1 
ATOM   205  C  CD1 . TYR A 1 26  ? -3.855  -0.720  11.180  1.00 45.16 ? 26  TYR A CD1 1 
ATOM   206  C  CD2 . TYR A 1 26  ? -5.577  -1.248  9.594   1.00 45.56 ? 26  TYR A CD2 1 
ATOM   207  C  CE1 . TYR A 1 26  ? -2.983  -0.365  10.132  1.00 48.78 ? 26  TYR A CE1 1 
ATOM   208  C  CE2 . TYR A 1 26  ? -4.727  -0.899  8.536   1.00 48.87 ? 26  TYR A CE2 1 
ATOM   209  C  CZ  . TYR A 1 26  ? -3.422  -0.460  8.808   1.00 50.04 ? 26  TYR A CZ  1 
ATOM   210  O  OH  . TYR A 1 26  ? -2.562  -0.154  7.759   1.00 47.34 ? 26  TYR A OH  1 
ATOM   211  N  N   . ARG A 1 27  ? -6.252  -4.115  14.670  1.00 48.83 ? 27  ARG A N   1 
ATOM   212  C  CA  . ARG A 1 27  ? -7.016  -4.502  15.848  1.00 57.19 ? 27  ARG A CA  1 
ATOM   213  C  C   . ARG A 1 27  ? -6.689  -3.554  16.993  1.00 54.69 ? 27  ARG A C   1 
ATOM   214  O  O   . ARG A 1 27  ? -5.526  -3.367  17.336  1.00 53.21 ? 27  ARG A O   1 
ATOM   215  C  CB  . ARG A 1 27  ? -6.632  -5.898  16.306  1.00 60.95 ? 27  ARG A CB  1 
ATOM   216  C  CG  . ARG A 1 27  ? -7.414  -7.035  15.721  1.00 72.67 ? 27  ARG A CG  1 
ATOM   217  C  CD  . ARG A 1 27  ? -7.214  -8.235  16.632  1.00 75.26 ? 27  ARG A CD  1 
ATOM   218  N  NE  . ARG A 1 27  ? -7.279  -7.791  18.025  1.00 84.80 ? 27  ARG A NE  1 
ATOM   219  C  CZ  . ARG A 1 27  ? -7.233  -8.589  19.088  1.00 89.56 ? 27  ARG A CZ  1 
ATOM   220  N  NH1 . ARG A 1 27  ? -7.119  -9.903  18.936  1.00 92.25 ? 27  ARG A NH1 1 
ATOM   221  N  NH2 . ARG A 1 27  ? -7.297  -8.066  20.307  1.00 89.42 ? 27  ARG A NH2 1 
ATOM   222  N  N   . GLY A 1 28  ? -7.715  -2.961  17.584  1.00 56.17 ? 28  GLY A N   1 
ATOM   223  C  CA  . GLY A 1 28  ? -7.497  -2.072  18.705  1.00 55.45 ? 28  GLY A CA  1 
ATOM   224  C  C   . GLY A 1 28  ? -6.871  -0.741  18.382  1.00 56.05 ? 28  GLY A C   1 
ATOM   225  O  O   . GLY A 1 28  ? -6.425  -0.032  19.281  1.00 60.36 ? 28  GLY A O   1 
ATOM   226  N  N   . VAL A 1 29  ? -6.819  -0.392  17.108  1.00 53.86 ? 29  VAL A N   1 
ATOM   227  C  CA  . VAL A 1 29  ? -6.259  0.893   16.700  1.00 53.16 ? 29  VAL A CA  1 
ATOM   228  C  C   . VAL A 1 29  ? -7.366  1.586   15.905  1.00 53.28 ? 29  VAL A C   1 
ATOM   229  O  O   . VAL A 1 29  ? -7.673  2.760   16.104  1.00 55.42 ? 29  VAL A O   1 
ATOM   230  C  CB  . VAL A 1 29  ? -5.001  0.689   15.813  1.00 55.35 ? 29  VAL A CB  1 
ATOM   231  C  CG1 . VAL A 1 29  ? -4.584  2.010   15.174  1.00 52.35 ? 29  VAL A CG1 1 
ATOM   232  C  CG2 . VAL A 1 29  ? -3.853  0.115   16.668  1.00 51.50 ? 29  VAL A CG2 1 
ATOM   233  N  N   . VAL A 1 30  ? -7.953  0.833   14.991  1.00 50.50 ? 30  VAL A N   1 
ATOM   234  C  CA  . VAL A 1 30  ? -9.047  1.310   14.164  1.00 51.84 ? 30  VAL A CA  1 
ATOM   235  C  C   . VAL A 1 30  ? -10.278 0.643   14.802  1.00 54.65 ? 30  VAL A C   1 
ATOM   236  O  O   . VAL A 1 30  ? -10.223 -0.521  15.207  1.00 52.91 ? 30  VAL A O   1 
ATOM   237  C  CB  . VAL A 1 30  ? -8.863  0.840   12.699  1.00 51.40 ? 30  VAL A CB  1 
ATOM   238  C  CG1 . VAL A 1 30  ? -10.099 1.162   11.879  1.00 52.54 ? 30  VAL A CG1 1 
ATOM   239  C  CG2 . VAL A 1 30  ? -7.614  1.504   12.088  1.00 51.75 ? 30  VAL A CG2 1 
ATOM   240  N  N   . PRO A 1 31  ? -11.391 1.375   14.922  1.00 57.49 ? 31  PRO A N   1 
ATOM   241  C  CA  . PRO A 1 31  ? -12.619 0.829   15.521  1.00 58.43 ? 31  PRO A CA  1 
ATOM   242  C  C   . PRO A 1 31  ? -13.042 -0.536  14.975  1.00 58.39 ? 31  PRO A C   1 
ATOM   243  O  O   . PRO A 1 31  ? -13.015 -0.761  13.759  1.00 57.66 ? 31  PRO A O   1 
ATOM   244  C  CB  . PRO A 1 31  ? -13.646 1.914   15.224  1.00 58.16 ? 31  PRO A CB  1 
ATOM   245  C  CG  . PRO A 1 31  ? -12.813 3.164   15.319  1.00 59.53 ? 31  PRO A CG  1 
ATOM   246  C  CD  . PRO A 1 31  ? -11.575 2.785   14.539  1.00 58.93 ? 31  PRO A CD  1 
ATOM   247  N  N   . GLU A 1 32  ? -13.424 -1.443  15.876  1.00 58.89 ? 32  GLU A N   1 
ATOM   248  C  CA  . GLU A 1 32  ? -13.865 -2.786  15.481  1.00 65.28 ? 32  GLU A CA  1 
ATOM   249  C  C   . GLU A 1 32  ? -15.023 -2.698  14.494  1.00 65.43 ? 32  GLU A C   1 
ATOM   250  O  O   . GLU A 1 32  ? -15.087 -3.453  13.523  1.00 63.07 ? 32  GLU A O   1 
ATOM   251  C  CB  . GLU A 1 32  ? -14.336 -3.589  16.694  1.00 70.72 ? 32  GLU A CB  1 
ATOM   252  C  CG  . GLU A 1 32  ? -13.275 -3.846  17.740  1.00 85.67 ? 32  GLU A CG  1 
ATOM   253  C  CD  . GLU A 1 32  ? -13.819 -4.641  18.921  1.00 92.49 ? 32  GLU A CD  1 
ATOM   254  O  OE1 . GLU A 1 32  ? -14.326 -5.769  18.701  1.00 93.89 ? 32  GLU A OE1 1 
ATOM   255  O  OE2 . GLU A 1 32  ? -13.744 -4.134  20.066  1.00 94.59 ? 32  GLU A OE2 1 
ATOM   256  N  N   . ALA A 1 33  ? -15.949 -1.780  14.770  1.00 67.18 ? 33  ALA A N   1 
ATOM   257  C  CA  . ALA A 1 33  ? -17.105 -1.562  13.913  1.00 66.45 ? 33  ALA A CA  1 
ATOM   258  C  C   . ALA A 1 33  ? -16.625 -1.389  12.469  1.00 66.29 ? 33  ALA A C   1 
ATOM   259  O  O   . ALA A 1 33  ? -17.046 -2.129  11.564  1.00 62.55 ? 33  ALA A O   1 
ATOM   260  C  CB  . ALA A 1 33  ? -17.859 -0.307  14.368  1.00 65.52 ? 33  ALA A CB  1 
ATOM   261  N  N   . PHE A 1 34  ? -15.735 -0.415  12.273  1.00 63.43 ? 34  PHE A N   1 
ATOM   262  C  CA  . PHE A 1 34  ? -15.182 -0.125  10.959  1.00 58.59 ? 34  PHE A CA  1 
ATOM   263  C  C   . PHE A 1 34  ? -14.528 -1.365  10.342  1.00 56.38 ? 34  PHE A C   1 
ATOM   264  O  O   . PHE A 1 34  ? -14.791 -1.705  9.187   1.00 54.21 ? 34  PHE A O   1 
ATOM   265  C  CB  . PHE A 1 34  ? -14.152 1.009   11.045  1.00 60.31 ? 34  PHE A CB  1 
ATOM   266  C  CG  . PHE A 1 34  ? -13.640 1.456   9.693   1.00 65.43 ? 34  PHE A CG  1 
ATOM   267  C  CD1 . PHE A 1 34  ? -14.186 2.569   9.058   1.00 62.64 ? 34  PHE A CD1 1 
ATOM   268  C  CD2 . PHE A 1 34  ? -12.668 0.715   9.021   1.00 59.11 ? 34  PHE A CD2 1 
ATOM   269  C  CE1 . PHE A 1 34  ? -13.777 2.929   7.778   1.00 62.79 ? 34  PHE A CE1 1 
ATOM   270  C  CE2 . PHE A 1 34  ? -12.257 1.070   7.747   1.00 58.42 ? 34  PHE A CE2 1 
ATOM   271  C  CZ  . PHE A 1 34  ? -12.812 2.177   7.123   1.00 58.75 ? 34  PHE A CZ  1 
ATOM   272  N  N   . LEU A 1 35  ? -13.683 -2.047  11.106  1.00 53.09 ? 35  LEU A N   1 
ATOM   273  C  CA  . LEU A 1 35  ? -13.013 -3.231  10.581  1.00 58.04 ? 35  LEU A CA  1 
ATOM   274  C  C   . LEU A 1 35  ? -13.997 -4.328  10.183  1.00 59.07 ? 35  LEU A C   1 
ATOM   275  O  O   . LEU A 1 35  ? -13.803 -5.008  9.165   1.00 58.47 ? 35  LEU A O   1 
ATOM   276  C  CB  . LEU A 1 35  ? -12.000 -3.775  11.599  1.00 54.55 ? 35  LEU A CB  1 
ATOM   277  C  CG  . LEU A 1 35  ? -10.835 -2.838  11.945  1.00 57.33 ? 35  LEU A CG  1 
ATOM   278  C  CD1 . LEU A 1 35  ? -10.027 -3.476  13.058  1.00 51.44 ? 35  LEU A CD1 1 
ATOM   279  C  CD2 . LEU A 1 35  ? -9.952  -2.571  10.705  1.00 50.93 ? 35  LEU A CD2 1 
ATOM   280  N  N   . GLU A 1 36  ? -15.041 -4.513  10.990  1.00 63.52 ? 36  GLU A N   1 
ATOM   281  C  CA  . GLU A 1 36  ? -16.050 -5.531  10.687  1.00 65.57 ? 36  GLU A CA  1 
ATOM   282  C  C   . GLU A 1 36  ? -16.786 -5.102  9.418   1.00 63.21 ? 36  GLU A C   1 
ATOM   283  O  O   . GLU A 1 36  ? -17.191 -5.941  8.612   1.00 63.25 ? 36  GLU A O   1 
ATOM   284  C  CB  . GLU A 1 36  ? -17.043 -5.663  11.845  1.00 71.43 ? 36  GLU A CB  1 
ATOM   285  C  CG  . GLU A 1 36  ? -16.388 -5.942  13.193  1.00 82.95 ? 36  GLU A CG  1 
ATOM   286  C  CD  . GLU A 1 36  ? -17.376 -5.921  14.373  1.00 90.09 ? 36  GLU A CD  1 
ATOM   287  O  OE1 . GLU A 1 36  ? -18.275 -5.046  14.404  1.00 89.21 ? 36  GLU A OE1 1 
ATOM   288  O  OE2 . GLU A 1 36  ? -17.233 -6.771  15.285  1.00 92.10 ? 36  GLU A OE2 1 
ATOM   289  N  N   . GLY A 1 37  ? -16.924 -3.788  9.242   1.00 62.38 ? 37  GLY A N   1 
ATOM   290  C  CA  . GLY A 1 37  ? -17.599 -3.241  8.078   1.00 63.16 ? 37  GLY A CA  1 
ATOM   291  C  C   . GLY A 1 37  ? -16.944 -3.468  6.718   1.00 68.87 ? 37  GLY A C   1 
ATOM   292  O  O   . GLY A 1 37  ? -17.642 -3.620  5.710   1.00 67.64 ? 37  GLY A O   1 
ATOM   293  N  N   . LEU A 1 38  ? -15.613 -3.487  6.664   1.00 67.11 ? 38  LEU A N   1 
ATOM   294  C  CA  . LEU A 1 38  ? -14.915 -3.689  5.393   1.00 61.25 ? 38  LEU A CA  1 
ATOM   295  C  C   . LEU A 1 38  ? -15.606 -4.806  4.621   1.00 59.63 ? 38  LEU A C   1 
ATOM   296  O  O   . LEU A 1 38  ? -16.089 -5.767  5.230   1.00 57.74 ? 38  LEU A O   1 
ATOM   297  C  CB  . LEU A 1 38  ? -13.440 -4.046  5.646   1.00 56.06 ? 38  LEU A CB  1 
ATOM   298  C  CG  . LEU A 1 38  ? -12.685 -2.985  6.457   1.00 53.12 ? 38  LEU A CG  1 
ATOM   299  C  CD1 . LEU A 1 38  ? -11.266 -3.454  6.785   1.00 54.44 ? 38  LEU A CD1 1 
ATOM   300  C  CD2 . LEU A 1 38  ? -12.645 -1.692  5.674   1.00 50.43 ? 38  LEU A CD2 1 
ATOM   301  N  N   . SER A 1 39  ? -15.655 -4.672  3.292   1.00 53.85 ? 39  SER A N   1 
ATOM   302  C  CA  . SER A 1 39  ? -16.302 -5.665  2.429   1.00 49.10 ? 39  SER A CA  1 
ATOM   303  C  C   . SER A 1 39  ? -15.402 -6.251  1.341   1.00 48.55 ? 39  SER A C   1 
ATOM   304  O  O   . SER A 1 39  ? -14.781 -5.496  0.594   1.00 45.02 ? 39  SER A O   1 
ATOM   305  C  CB  . SER A 1 39  ? -17.531 -5.039  1.758   1.00 45.09 ? 39  SER A CB  1 
ATOM   306  O  OG  . SER A 1 39  ? -17.836 -5.753  0.569   1.00 50.09 ? 39  SER A OG  1 
ATOM   307  N  N   . TYR A 1 40  ? -15.353 -7.586  1.221   1.00 45.08 ? 40  TYR A N   1 
ATOM   308  C  CA  . TYR A 1 40  ? -14.519 -8.204  0.187   1.00 48.34 ? 40  TYR A CA  1 
ATOM   309  C  C   . TYR A 1 40  ? -15.029 -7.743  -1.178  1.00 53.14 ? 40  TYR A C   1 
ATOM   310  O  O   . TYR A 1 40  ? -14.245 -7.373  -2.061  1.00 47.05 ? 40  TYR A O   1 
ATOM   311  C  CB  . TYR A 1 40  ? -14.590 -9.745  0.210   1.00 52.66 ? 40  TYR A CB  1 
ATOM   312  C  CG  . TYR A 1 40  ? -13.846 -10.475 1.319   1.00 60.08 ? 40  TYR A CG  1 
ATOM   313  C  CD1 . TYR A 1 40  ? -14.049 -11.859 1.512   1.00 67.71 ? 40  TYR A CD1 1 
ATOM   314  C  CD2 . TYR A 1 40  ? -12.964 -9.809  2.182   1.00 55.48 ? 40  TYR A CD2 1 
ATOM   315  C  CE1 . TYR A 1 40  ? -13.400 -12.562 2.543   1.00 63.63 ? 40  TYR A CE1 1 
ATOM   316  C  CE2 . TYR A 1 40  ? -12.306 -10.493 3.211   1.00 54.69 ? 40  TYR A CE2 1 
ATOM   317  C  CZ  . TYR A 1 40  ? -12.526 -11.866 3.393   1.00 67.80 ? 40  TYR A CZ  1 
ATOM   318  O  OH  . TYR A 1 40  ? -11.893 -12.546 4.429   1.00 63.51 ? 40  TYR A OH  1 
ATOM   319  N  N   . GLU A 1 41  ? -16.353 -7.794  -1.345  1.00 54.78 ? 41  GLU A N   1 
ATOM   320  C  CA  . GLU A 1 41  ? -16.997 -7.414  -2.603  1.00 55.67 ? 41  GLU A CA  1 
ATOM   321  C  C   . GLU A 1 41  ? -16.872 -5.942  -2.893  1.00 45.84 ? 41  GLU A C   1 
ATOM   322  O  O   . GLU A 1 41  ? -16.555 -5.545  -4.016  1.00 48.99 ? 41  GLU A O   1 
ATOM   323  C  CB  . GLU A 1 41  ? -18.476 -7.795  -2.589  1.00 58.89 ? 41  GLU A CB  1 
ATOM   324  C  CG  . GLU A 1 41  ? -18.712 -9.239  -2.948  1.00 74.99 ? 41  GLU A CG  1 
ATOM   325  C  CD  . GLU A 1 41  ? -20.173 -9.610  -2.826  1.00 85.80 ? 41  GLU A CD  1 
ATOM   326  O  OE1 . GLU A 1 41  ? -21.001 -8.939  -3.485  1.00 85.69 ? 41  GLU A OE1 1 
ATOM   327  O  OE2 . GLU A 1 41  ? -20.488 -10.561 -2.065  1.00 92.50 ? 41  GLU A OE2 1 
ATOM   328  N  N   . GLY A 1 42  ? -17.142 -5.130  -1.886  1.00 43.08 ? 42  GLY A N   1 
ATOM   329  C  CA  . GLY A 1 42  ? -17.014 -3.699  -2.085  1.00 44.19 ? 42  GLY A CA  1 
ATOM   330  C  C   . GLY A 1 42  ? -15.604 -3.359  -2.558  1.00 49.40 ? 42  GLY A C   1 
ATOM   331  O  O   . GLY A 1 42  ? -15.412 -2.694  -3.592  1.00 46.69 ? 42  GLY A O   1 
ATOM   332  N  N   . GLN A 1 43  ? -14.609 -3.845  -1.817  1.00 48.15 ? 43  GLN A N   1 
ATOM   333  C  CA  . GLN A 1 43  ? -13.220 -3.581  -2.164  1.00 47.26 ? 43  GLN A CA  1 
ATOM   334  C  C   . GLN A 1 43  ? -12.862 -4.053  -3.564  1.00 48.08 ? 43  GLN A C   1 
ATOM   335  O  O   . GLN A 1 43  ? -12.226 -3.324  -4.339  1.00 48.29 ? 43  GLN A O   1 
ATOM   336  C  CB  . GLN A 1 43  ? -12.285 -4.229  -1.145  1.00 47.15 ? 43  GLN A CB  1 
ATOM   337  C  CG  . GLN A 1 43  ? -12.209 -3.477  0.192   1.00 45.01 ? 43  GLN A CG  1 
ATOM   338  C  CD  . GLN A 1 43  ? -11.711 -2.048  0.038   1.00 48.60 ? 43  GLN A CD  1 
ATOM   339  O  OE1 . GLN A 1 43  ? -10.888 -1.757  -0.828  1.00 50.37 ? 43  GLN A OE1 1 
ATOM   340  N  NE2 . GLN A 1 43  ? -12.195 -1.154  0.891   1.00 44.20 ? 43  GLN A NE2 1 
ATOM   341  N  N   . ALA A 1 44  ? -13.271 -5.268  -3.908  1.00 45.19 ? 44  ALA A N   1 
ATOM   342  C  CA  . ALA A 1 44  ? -12.941 -5.782  -5.220  1.00 44.94 ? 44  ALA A CA  1 
ATOM   343  C  C   . ALA A 1 44  ? -13.548 -4.918  -6.323  1.00 52.49 ? 44  ALA A C   1 
ATOM   344  O  O   . ALA A 1 44  ? -12.922 -4.709  -7.364  1.00 53.71 ? 44  ALA A O   1 
ATOM   345  C  CB  . ALA A 1 44  ? -13.406 -7.208  -5.358  1.00 43.55 ? 44  ALA A CB  1 
ATOM   346  N  N   . GLU A 1 45  ? -14.756 -4.412  -6.096  1.00 51.44 ? 45  GLU A N   1 
ATOM   347  C  CA  . GLU A 1 45  ? -15.404 -3.580  -7.105  1.00 56.85 ? 45  GLU A CA  1 
ATOM   348  C  C   . GLU A 1 45  ? -14.699 -2.226  -7.283  1.00 54.53 ? 45  GLU A C   1 
ATOM   349  O  O   . GLU A 1 45  ? -14.510 -1.755  -8.416  1.00 54.61 ? 45  GLU A O   1 
ATOM   350  C  CB  . GLU A 1 45  ? -16.875 -3.377  -6.734  1.00 60.22 ? 45  GLU A CB  1 
ATOM   351  C  CG  . GLU A 1 45  ? -17.677 -2.537  -7.714  1.00 71.07 ? 45  GLU A CG  1 
ATOM   352  C  CD  . GLU A 1 45  ? -17.400 -2.872  -9.180  1.00 78.61 ? 45  GLU A CD  1 
ATOM   353  O  OE1 . GLU A 1 45  ? -17.297 -4.072  -9.525  1.00 81.41 ? 45  GLU A OE1 1 
ATOM   354  O  OE2 . GLU A 1 45  ? -17.293 -1.918  -9.991  1.00 85.63 ? 45  GLU A OE2 1 
ATOM   355  N  N   . ARG A 1 46  ? -14.302 -1.606  -6.175  1.00 51.20 ? 46  ARG A N   1 
ATOM   356  C  CA  . ARG A 1 46  ? -13.619 -0.318  -6.241  1.00 51.15 ? 46  ARG A CA  1 
ATOM   357  C  C   . ARG A 1 46  ? -12.328 -0.423  -7.052  1.00 46.27 ? 46  ARG A C   1 
ATOM   358  O  O   . ARG A 1 46  ? -12.060 0.387   -7.927  1.00 46.11 ? 46  ARG A O   1 
ATOM   359  C  CB  . ARG A 1 46  ? -13.310 0.191   -4.841  1.00 53.79 ? 46  ARG A CB  1 
ATOM   360  C  CG  . ARG A 1 46  ? -14.550 0.388   -3.980  1.00 70.05 ? 46  ARG A CG  1 
ATOM   361  C  CD  . ARG A 1 46  ? -14.222 1.061   -2.641  1.00 80.02 ? 46  ARG A CD  1 
ATOM   362  N  NE  . ARG A 1 46  ? -15.363 1.090   -1.728  1.00 85.27 ? 46  ARG A NE  1 
ATOM   363  C  CZ  . ARG A 1 46  ? -15.317 1.571   -0.489  1.00 87.17 ? 46  ARG A CZ  1 
ATOM   364  N  NH1 . ARG A 1 46  ? -14.184 2.069   -0.009  1.00 89.73 ? 46  ARG A NH1 1 
ATOM   365  N  NH2 . ARG A 1 46  ? -16.403 1.555   0.273   1.00 91.82 ? 46  ARG A NH2 1 
ATOM   366  N  N   . TRP A 1 47  ? -11.525 -1.432  -6.775  1.00 41.89 ? 47  TRP A N   1 
ATOM   367  C  CA  . TRP A 1 47  ? -10.290 -1.586  -7.528  1.00 43.78 ? 47  TRP A CA  1 
ATOM   368  C  C   . TRP A 1 47  ? -10.604 -1.870  -8.986  1.00 46.92 ? 47  TRP A C   1 
ATOM   369  O  O   . TRP A 1 47  ? -9.916  -1.366  -9.886  1.00 47.05 ? 47  TRP A O   1 
ATOM   370  C  CB  . TRP A 1 47  ? -9.424  -2.699  -6.914  1.00 40.76 ? 47  TRP A CB  1 
ATOM   371  C  CG  . TRP A 1 47  ? -8.826  -2.232  -5.616  1.00 44.25 ? 47  TRP A CG  1 
ATOM   372  C  CD1 . TRP A 1 47  ? -9.235  -2.554  -4.350  1.00 47.45 ? 47  TRP A CD1 1 
ATOM   373  C  CD2 . TRP A 1 47  ? -7.783  -1.256  -5.463  1.00 48.10 ? 47  TRP A CD2 1 
ATOM   374  N  NE1 . TRP A 1 47  ? -8.514  -1.840  -3.415  1.00 47.49 ? 47  TRP A NE1 1 
ATOM   375  C  CE2 . TRP A 1 47  ? -7.614  -1.037  -4.069  1.00 48.93 ? 47  TRP A CE2 1 
ATOM   376  C  CE3 . TRP A 1 47  ? -6.979  -0.542  -6.364  1.00 46.15 ? 47  TRP A CE3 1 
ATOM   377  C  CZ2 . TRP A 1 47  ? -6.665  -0.132  -3.555  1.00 46.80 ? 47  TRP A CZ2 1 
ATOM   378  C  CZ3 . TRP A 1 47  ? -6.030  0.369   -5.847  1.00 50.05 ? 47  TRP A CZ3 1 
ATOM   379  C  CH2 . TRP A 1 47  ? -5.886  0.560   -4.458  1.00 48.88 ? 47  TRP A CH2 1 
ATOM   380  N  N   . ALA A 1 48  ? -11.652 -2.663  -9.217  1.00 45.14 ? 48  ALA A N   1 
ATOM   381  C  CA  . ALA A 1 48  ? -12.070 -3.028  -10.579 1.00 44.80 ? 48  ALA A CA  1 
ATOM   382  C  C   . ALA A 1 48  ? -12.434 -1.804  -11.418 1.00 37.81 ? 48  ALA A C   1 
ATOM   383  O  O   . ALA A 1 48  ? -12.050 -1.691  -12.586 1.00 41.25 ? 48  ALA A O   1 
ATOM   384  C  CB  . ALA A 1 48  ? -13.254 -3.977  -10.520 1.00 43.17 ? 48  ALA A CB  1 
ATOM   385  N  N   . GLN A 1 49  ? -13.176 -0.881  -10.834 1.00 43.53 ? 49  GLN A N   1 
ATOM   386  C  CA  . GLN A 1 49  ? -13.536 0.309   -11.591 1.00 47.21 ? 49  GLN A CA  1 
ATOM   387  C  C   . GLN A 1 49  ? -12.238 1.034   -12.004 1.00 45.52 ? 49  GLN A C   1 
ATOM   388  O  O   . GLN A 1 49  ? -12.077 1.433   -13.161 1.00 45.63 ? 49  GLN A O   1 
ATOM   389  C  CB  . GLN A 1 49  ? -14.438 1.221   -10.743 1.00 49.53 ? 49  GLN A CB  1 
ATOM   390  C  CG  . GLN A 1 49  ? -13.695 2.229   -9.829  1.00 72.41 ? 49  GLN A CG  1 
ATOM   391  C  CD  . GLN A 1 49  ? -13.287 3.542   -10.541 1.00 78.40 ? 49  GLN A CD  1 
ATOM   392  O  OE1 . GLN A 1 49  ? -12.529 3.541   -11.517 1.00 84.41 ? 49  GLN A OE1 1 
ATOM   393  N  NE2 . GLN A 1 49  ? -13.795 4.662   -10.039 1.00 83.03 ? 49  GLN A NE2 1 
ATOM   394  N  N   . ARG A 1 50  ? -11.305 1.181   -11.057 1.00 45.39 ? 50  ARG A N   1 
ATOM   395  C  CA  . ARG A 1 50  ? -10.027 1.860   -11.311 1.00 43.81 ? 50  ARG A CA  1 
ATOM   396  C  C   . ARG A 1 50  ? -9.232  1.172   -12.416 1.00 41.29 ? 50  ARG A C   1 
ATOM   397  O  O   . ARG A 1 50  ? -8.764  1.821   -13.360 1.00 36.75 ? 50  ARG A O   1 
ATOM   398  C  CB  . ARG A 1 50  ? -9.181  1.905   -10.022 1.00 41.16 ? 50  ARG A CB  1 
ATOM   399  C  CG  . ARG A 1 50  ? -9.728  2.848   -8.945  1.00 44.82 ? 50  ARG A CG  1 
ATOM   400  C  CD  . ARG A 1 50  ? -9.160  2.471   -7.584  1.00 51.74 ? 50  ARG A CD  1 
ATOM   401  N  NE  . ARG A 1 50  ? -9.641  3.325   -6.490  1.00 63.15 ? 50  ARG A NE  1 
ATOM   402  C  CZ  . ARG A 1 50  ? -9.475  3.045   -5.195  1.00 68.23 ? 50  ARG A CZ  1 
ATOM   403  N  NH1 . ARG A 1 50  ? -8.844  1.935   -4.826  1.00 73.56 ? 50  ARG A NH1 1 
ATOM   404  N  NH2 . ARG A 1 50  ? -9.944  3.867   -4.263  1.00 74.31 ? 50  ARG A NH2 1 
ATOM   405  N  N   . LEU A 1 51  ? -9.092  -0.145  -12.309 1.00 39.47 ? 51  LEU A N   1 
ATOM   406  C  CA  . LEU A 1 51  ? -8.323  -0.883  -13.309 1.00 45.00 ? 51  LEU A CA  1 
ATOM   407  C  C   . LEU A 1 51  ? -8.900  -0.721  -14.713 1.00 47.71 ? 51  LEU A C   1 
ATOM   408  O  O   . LEU A 1 51  ? -8.166  -0.722  -15.713 1.00 46.23 ? 51  LEU A O   1 
ATOM   409  C  CB  . LEU A 1 51  ? -8.287  -2.369  -12.964 1.00 45.10 ? 51  LEU A CB  1 
ATOM   410  C  CG  . LEU A 1 51  ? -6.950  -2.983  -12.581 1.00 48.85 ? 51  LEU A CG  1 
ATOM   411  C  CD1 . LEU A 1 51  ? -7.128  -4.488  -12.488 1.00 48.96 ? 51  LEU A CD1 1 
ATOM   412  C  CD2 . LEU A 1 51  ? -5.899  -2.658  -13.599 1.00 45.40 ? 51  LEU A CD2 1 
ATOM   413  N  N   . LYS A 1 52  ? -10.220 -0.587  -14.773 1.00 47.41 ? 52  LYS A N   1 
ATOM   414  C  CA  . LYS A 1 52  ? -10.930 -0.472  -16.042 1.00 50.53 ? 52  LYS A CA  1 
ATOM   415  C  C   . LYS A 1 52  ? -10.907 0.932   -16.624 1.00 52.11 ? 52  LYS A C   1 
ATOM   416  O  O   . LYS A 1 52  ? -11.298 1.127   -17.768 1.00 55.72 ? 52  LYS A O   1 
ATOM   417  C  CB  . LYS A 1 52  ? -12.383 -0.907  -15.858 1.00 48.61 ? 52  LYS A CB  1 
ATOM   418  C  CG  . LYS A 1 52  ? -12.592 -2.387  -15.588 1.00 55.08 ? 52  LYS A CG  1 
ATOM   419  C  CD  . LYS A 1 52  ? -14.074 -2.691  -15.718 1.00 58.69 ? 52  LYS A CD  1 
ATOM   420  C  CE  . LYS A 1 52  ? -14.370 -4.164  -15.656 1.00 60.76 ? 52  LYS A CE  1 
ATOM   421  N  NZ  . LYS A 1 52  ? -14.783 -4.573  -14.289 1.00 69.73 ? 52  LYS A NZ  1 
ATOM   422  N  N   . THR A 1 53  ? -10.477 1.908   -15.825 1.00 51.05 ? 53  THR A N   1 
ATOM   423  C  CA  . THR A 1 53  ? -10.394 3.301   -16.265 1.00 45.53 ? 53  THR A CA  1 
ATOM   424  C  C   . THR A 1 53  ? -9.034  3.542   -16.923 1.00 45.80 ? 53  THR A C   1 
ATOM   425  O  O   . THR A 1 53  ? -7.995  3.594   -16.253 1.00 42.80 ? 53  THR A O   1 
ATOM   426  C  CB  . THR A 1 53  ? -10.541 4.230   -15.090 1.00 47.24 ? 53  THR A CB  1 
ATOM   427  O  OG1 . THR A 1 53  ? -11.730 3.893   -14.371 1.00 43.01 ? 53  THR A OG1 1 
ATOM   428  C  CG2 . THR A 1 53  ? -10.614 5.664   -15.560 1.00 43.86 ? 53  THR A CG2 1 
ATOM   429  N  N   . PRO A 1 54  ? -9.026  3.692   -18.255 1.00 47.88 ? 54  PRO A N   1 
ATOM   430  C  CA  . PRO A 1 54  ? -7.837  3.916   -19.095 1.00 44.29 ? 54  PRO A CA  1 
ATOM   431  C  C   . PRO A 1 54  ? -6.946  5.076   -18.649 1.00 42.81 ? 54  PRO A C   1 
ATOM   432  O  O   . PRO A 1 54  ? -5.727  5.005   -18.762 1.00 44.92 ? 54  PRO A O   1 
ATOM   433  C  CB  . PRO A 1 54  ? -8.432  4.156   -20.487 1.00 45.94 ? 54  PRO A CB  1 
ATOM   434  C  CG  . PRO A 1 54  ? -9.746  3.398   -20.430 1.00 51.63 ? 54  PRO A CG  1 
ATOM   435  C  CD  . PRO A 1 54  ? -10.256 3.782   -19.062 1.00 51.85 ? 54  PRO A CD  1 
ATOM   436  N  N   . THR A 1 55  ? -7.550  6.140   -18.138 1.00 40.13 ? 55  THR A N   1 
ATOM   437  C  CA  . THR A 1 55  ? -6.771  7.277   -17.700 1.00 43.41 ? 55  THR A CA  1 
ATOM   438  C  C   . THR A 1 55  ? -6.345  7.222   -16.221 1.00 41.99 ? 55  THR A C   1 
ATOM   439  O  O   . THR A 1 55  ? -5.760  8.193   -15.732 1.00 40.94 ? 55  THR A O   1 
ATOM   440  C  CB  . THR A 1 55  ? -7.547  8.580   -17.910 1.00 41.28 ? 55  THR A CB  1 
ATOM   441  O  OG1 . THR A 1 55  ? -8.712  8.573   -17.084 1.00 37.89 ? 55  THR A OG1 1 
ATOM   442  C  CG2 . THR A 1 55  ? -7.931  8.741   -19.366 1.00 43.20 ? 55  THR A CG2 1 
ATOM   443  N  N   . TRP A 1 56  ? -6.651  6.129   -15.517 1.00 34.58 ? 56  TRP A N   1 
ATOM   444  C  CA  . TRP A 1 56  ? -6.288  5.981   -14.091 1.00 40.83 ? 56  TRP A CA  1 
ATOM   445  C  C   . TRP A 1 56  ? -4.774  5.884   -13.954 1.00 38.53 ? 56  TRP A C   1 
ATOM   446  O  O   . TRP A 1 56  ? -4.158  4.983   -14.518 1.00 34.54 ? 56  TRP A O   1 
ATOM   447  C  CB  . TRP A 1 56  ? -6.901  4.716   -13.488 1.00 37.74 ? 56  TRP A CB  1 
ATOM   448  C  CG  . TRP A 1 56  ? -6.710  4.611   -11.999 1.00 41.30 ? 56  TRP A CG  1 
ATOM   449  C  CD1 . TRP A 1 56  ? -7.051  5.540   -11.057 1.00 38.74 ? 56  TRP A CD1 1 
ATOM   450  C  CD2 . TRP A 1 56  ? -6.167  3.491   -11.283 1.00 39.59 ? 56  TRP A CD2 1 
ATOM   451  N  NE1 . TRP A 1 56  ? -6.749  5.068   -9.794  1.00 42.12 ? 56  TRP A NE1 1 
ATOM   452  C  CE2 . TRP A 1 56  ? -6.208  3.813   -9.907  1.00 38.88 ? 56  TRP A CE2 1 
ATOM   453  C  CE3 . TRP A 1 56  ? -5.644  2.244   -11.674 1.00 39.05 ? 56  TRP A CE3 1 
ATOM   454  C  CZ2 . TRP A 1 56  ? -5.747  2.932   -8.918  1.00 39.52 ? 56  TRP A CZ2 1 
ATOM   455  C  CZ3 . TRP A 1 56  ? -5.182  1.370   -10.689 1.00 41.22 ? 56  TRP A CZ3 1 
ATOM   456  C  CH2 . TRP A 1 56  ? -5.238  1.720   -9.331  1.00 39.70 ? 56  TRP A CH2 1 
ATOM   457  N  N   . PRO A 1 57  ? -4.166  6.801   -13.192 1.00 38.18 ? 57  PRO A N   1 
ATOM   458  C  CA  . PRO A 1 57  ? -2.696  6.762   -13.039 1.00 38.71 ? 57  PRO A CA  1 
ATOM   459  C  C   . PRO A 1 57  ? -2.155  5.757   -12.008 1.00 37.67 ? 57  PRO A C   1 
ATOM   460  O  O   . PRO A 1 57  ? -0.952  5.694   -11.803 1.00 37.47 ? 57  PRO A O   1 
ATOM   461  C  CB  . PRO A 1 57  ? -2.348  8.217   -12.677 1.00 34.93 ? 57  PRO A CB  1 
ATOM   462  C  CG  . PRO A 1 57  ? -3.512  8.606   -11.756 1.00 31.75 ? 57  PRO A CG  1 
ATOM   463  C  CD  . PRO A 1 57  ? -4.759  7.981   -12.517 1.00 34.55 ? 57  PRO A CD  1 
ATOM   464  N  N   . GLY A 1 58  ? -3.044  4.993   -11.361 1.00 37.03 ? 58  GLY A N   1 
ATOM   465  C  CA  . GLY A 1 58  ? -2.619  4.006   -10.382 1.00 33.29 ? 58  GLY A CA  1 
ATOM   466  C  C   . GLY A 1 58  ? -1.959  2.806   -11.046 1.00 41.22 ? 58  GLY A C   1 
ATOM   467  O  O   . GLY A 1 58  ? -2.226  2.514   -12.220 1.00 36.96 ? 58  GLY A O   1 
ATOM   468  N  N   . ARG A 1 59  ? -1.082  2.122   -10.302 1.00 38.65 ? 59  ARG A N   1 
ATOM   469  C  CA  . ARG A 1 59  ? -0.378  0.930   -10.792 1.00 38.34 ? 59  ARG A CA  1 
ATOM   470  C  C   . ARG A 1 59  ? -0.519  -0.146  -9.714  1.00 38.70 ? 59  ARG A C   1 
ATOM   471  O  O   . ARG A 1 59  ? -0.165  0.075   -8.549  1.00 33.94 ? 59  ARG A O   1 
ATOM   472  C  CB  . ARG A 1 59  ? 1.110   1.247   -11.037 1.00 35.41 ? 59  ARG A CB  1 
ATOM   473  C  CG  . ARG A 1 59  ? 1.338   2.464   -11.935 1.00 30.76 ? 59  ARG A CG  1 
ATOM   474  C  CD  . ARG A 1 59  ? 0.860   2.245   -13.378 1.00 36.02 ? 59  ARG A CD  1 
ATOM   475  N  NE  . ARG A 1 59  ? 1.151   3.425   -14.201 1.00 39.40 ? 59  ARG A NE  1 
ATOM   476  C  CZ  . ARG A 1 59  ? 0.247   4.199   -14.802 1.00 41.30 ? 59  ARG A CZ  1 
ATOM   477  N  NH1 . ARG A 1 59  ? -1.074  3.953   -14.709 1.00 34.09 ? 59  ARG A NH1 1 
ATOM   478  N  NH2 . ARG A 1 59  ? 0.681   5.249   -15.488 1.00 39.77 ? 59  ARG A NH2 1 
ATOM   479  N  N   . LEU A 1 60  ? -1.024  -1.313  -10.114 1.00 38.93 ? 60  LEU A N   1 
ATOM   480  C  CA  . LEU A 1 60  ? -1.278  -2.429  -9.198  1.00 41.55 ? 60  LEU A CA  1 
ATOM   481  C  C   . LEU A 1 60  ? -0.368  -3.631  -9.363  1.00 37.48 ? 60  LEU A C   1 
ATOM   482  O  O   . LEU A 1 60  ? -0.130  -4.112  -10.476 1.00 43.09 ? 60  LEU A O   1 
ATOM   483  C  CB  . LEU A 1 60  ? -2.722  -2.918  -9.366  1.00 45.37 ? 60  LEU A CB  1 
ATOM   484  C  CG  . LEU A 1 60  ? -3.735  -2.481  -8.326  1.00 58.38 ? 60  LEU A CG  1 
ATOM   485  C  CD1 . LEU A 1 60  ? -3.415  -3.094  -6.940  1.00 56.76 ? 60  LEU A CD1 1 
ATOM   486  C  CD2 . LEU A 1 60  ? -3.701  -0.975  -8.277  1.00 59.52 ? 60  LEU A CD2 1 
ATOM   487  N  N   . PHE A 1 61  ? 0.109   -4.132  -8.238  1.00 38.44 ? 61  PHE A N   1 
ATOM   488  C  CA  . PHE A 1 61  ? 0.977   -5.291  -8.221  1.00 37.17 ? 61  PHE A CA  1 
ATOM   489  C  C   . PHE A 1 61  ? 0.441   -6.326  -7.215  1.00 41.43 ? 61  PHE A C   1 
ATOM   490  O  O   . PHE A 1 61  ? -0.225  -5.967  -6.222  1.00 32.01 ? 61  PHE A O   1 
ATOM   491  C  CB  . PHE A 1 61  ? 2.384   -4.905  -7.785  1.00 36.02 ? 61  PHE A CB  1 
ATOM   492  C  CG  . PHE A 1 61  ? 3.145   -4.057  -8.795  1.00 40.40 ? 61  PHE A CG  1 
ATOM   493  C  CD1 . PHE A 1 61  ? 3.006   -2.657  -8.814  1.00 33.69 ? 61  PHE A CD1 1 
ATOM   494  C  CD2 . PHE A 1 61  ? 4.009   -4.659  -9.717  1.00 35.13 ? 61  PHE A CD2 1 
ATOM   495  C  CE1 . PHE A 1 61  ? 3.725   -1.861  -9.745  1.00 31.65 ? 61  PHE A CE1 1 
ATOM   496  C  CE2 . PHE A 1 61  ? 4.735   -3.884  -10.651 1.00 40.48 ? 61  PHE A CE2 1 
ATOM   497  C  CZ  . PHE A 1 61  ? 4.589   -2.475  -10.659 1.00 33.24 ? 61  PHE A CZ  1 
ATOM   498  N  N   . VAL A 1 62  ? 0.696   -7.609  -7.487  1.00 36.91 ? 62  VAL A N   1 
ATOM   499  C  CA  . VAL A 1 62  ? 0.316   -8.661  -6.543  1.00 35.55 ? 62  VAL A CA  1 
ATOM   500  C  C   . VAL A 1 62  ? 1.528   -9.525  -6.353  1.00 38.21 ? 62  VAL A C   1 
ATOM   501  O  O   . VAL A 1 62  ? 2.429   -9.549  -7.209  1.00 33.62 ? 62  VAL A O   1 
ATOM   502  C  CB  . VAL A 1 62  ? -0.844  -9.545  -7.026  1.00 38.15 ? 62  VAL A CB  1 
ATOM   503  C  CG1 . VAL A 1 62  ? -2.111  -8.705  -7.115  1.00 37.31 ? 62  VAL A CG1 1 
ATOM   504  C  CG2 . VAL A 1 62  ? -0.505  -10.197 -8.385  1.00 38.39 ? 62  VAL A CG2 1 
ATOM   505  N  N   . ALA A 1 63  ? 1.572   -10.179 -5.194  1.00 39.62 ? 63  ALA A N   1 
ATOM   506  C  CA  . ALA A 1 63  ? 2.637   -11.108 -4.855  1.00 39.42 ? 63  ALA A CA  1 
ATOM   507  C  C   . ALA A 1 63  ? 1.956   -12.479 -4.778  1.00 38.57 ? 63  ALA A C   1 
ATOM   508  O  O   . ALA A 1 63  ? 0.905   -12.636 -4.137  1.00 34.22 ? 63  ALA A O   1 
ATOM   509  C  CB  . ALA A 1 63  ? 3.251   -10.756 -3.510  1.00 31.12 ? 63  ALA A CB  1 
ATOM   510  N  N   . GLU A 1 64  ? 2.558   -13.458 -5.440  1.00 39.52 ? 64  GLU A N   1 
ATOM   511  C  CA  . GLU A 1 64  ? 2.037   -14.825 -5.453  1.00 43.44 ? 64  GLU A CA  1 
ATOM   512  C  C   . GLU A 1 64  ? 2.704   -15.756 -4.449  1.00 43.37 ? 64  GLU A C   1 
ATOM   513  O  O   . GLU A 1 64  ? 3.898   -15.625 -4.149  1.00 44.50 ? 64  GLU A O   1 
ATOM   514  C  CB  . GLU A 1 64  ? 2.257   -15.457 -6.824  1.00 40.44 ? 64  GLU A CB  1 
ATOM   515  C  CG  . GLU A 1 64  ? 1.226   -15.142 -7.850  1.00 52.08 ? 64  GLU A CG  1 
ATOM   516  C  CD  . GLU A 1 64  ? 1.595   -15.739 -9.190  1.00 54.63 ? 64  GLU A CD  1 
ATOM   517  O  OE1 . GLU A 1 64  ? 2.107   -16.884 -9.210  1.00 55.70 ? 64  GLU A OE1 1 
ATOM   518  O  OE2 . GLU A 1 64  ? 1.374   -15.067 -10.212 1.00 57.36 ? 64  GLU A OE2 1 
ATOM   519  N  N   . SER A 1 65  ? 1.938   -16.712 -3.936  1.00 39.81 ? 65  SER A N   1 
ATOM   520  C  CA  . SER A 1 65  ? 2.531   -17.717 -3.069  1.00 36.77 ? 65  SER A CA  1 
ATOM   521  C  C   . SER A 1 65  ? 3.173   -18.689 -4.073  1.00 39.43 ? 65  SER A C   1 
ATOM   522  O  O   . SER A 1 65  ? 3.052   -18.529 -5.313  1.00 37.11 ? 65  SER A O   1 
ATOM   523  C  CB  . SER A 1 65  ? 1.463   -18.479 -2.287  1.00 37.93 ? 65  SER A CB  1 
ATOM   524  O  OG  . SER A 1 65  ? 0.681   -19.244 -3.192  1.00 35.82 ? 65  SER A OG  1 
ATOM   525  N  N   . GLU A 1 66  ? 3.826   -19.716 -3.547  1.00 42.33 ? 66  GLU A N   1 
ATOM   526  C  CA  . GLU A 1 66  ? 4.464   -20.704 -4.407  1.00 46.48 ? 66  GLU A CA  1 
ATOM   527  C  C   . GLU A 1 66  ? 3.447   -21.348 -5.362  1.00 47.95 ? 66  GLU A C   1 
ATOM   528  O  O   . GLU A 1 66  ? 3.747   -21.537 -6.535  1.00 46.42 ? 66  GLU A O   1 
ATOM   529  C  CB  . GLU A 1 66  ? 5.117   -21.778 -3.553  1.00 51.41 ? 66  GLU A CB  1 
ATOM   530  C  CG  . GLU A 1 66  ? 6.136   -22.595 -4.298  1.00 66.54 ? 66  GLU A CG  1 
ATOM   531  C  CD  . GLU A 1 66  ? 6.389   -23.933 -3.632  1.00 69.98 ? 66  GLU A CD  1 
ATOM   532  O  OE1 . GLU A 1 66  ? 6.436   -23.969 -2.379  1.00 71.29 ? 66  GLU A OE1 1 
ATOM   533  O  OE2 . GLU A 1 66  ? 6.547   -24.943 -4.364  1.00 72.84 ? 66  GLU A OE2 1 
ATOM   534  N  N   . SER A 1 67  ? 2.243   -21.658 -4.867  1.00 42.54 ? 67  SER A N   1 
ATOM   535  C  CA  . SER A 1 67  ? 1.213   -22.282 -5.703  1.00 43.50 ? 67  SER A CA  1 
ATOM   536  C  C   . SER A 1 67  ? 0.448   -21.289 -6.601  1.00 44.02 ? 67  SER A C   1 
ATOM   537  O  O   . SER A 1 67  ? -0.329  -21.712 -7.469  1.00 42.04 ? 67  SER A O   1 
ATOM   538  C  CB  . SER A 1 67  ? 0.203   -23.071 -4.835  1.00 39.46 ? 67  SER A CB  1 
ATOM   539  O  OG  . SER A 1 67  ? -0.846  -22.240 -4.360  1.00 35.82 ? 67  SER A OG  1 
ATOM   540  N  N   . GLY A 1 68  ? 0.633   -19.980 -6.386  1.00 39.97 ? 68  GLY A N   1 
ATOM   541  C  CA  . GLY A 1 68  ? -0.036  -19.006 -7.236  1.00 36.51 ? 68  GLY A CA  1 
ATOM   542  C  C   . GLY A 1 68  ? -1.141  -18.163 -6.610  1.00 40.94 ? 68  GLY A C   1 
ATOM   543  O  O   . GLY A 1 68  ? -1.735  -17.319 -7.284  1.00 41.17 ? 68  GLY A O   1 
ATOM   544  N  N   . GLU A 1 69  ? -1.445  -18.384 -5.337  1.00 37.01 ? 69  GLU A N   1 
ATOM   545  C  CA  . GLU A 1 69  ? -2.470  -17.595 -4.675  1.00 35.46 ? 69  GLU A CA  1 
ATOM   546  C  C   . GLU A 1 69  ? -1.908  -16.170 -4.514  1.00 36.90 ? 69  GLU A C   1 
ATOM   547  O  O   . GLU A 1 69  ? -0.681  -15.971 -4.414  1.00 35.25 ? 69  GLU A O   1 
ATOM   548  C  CB  . GLU A 1 69  ? -2.776  -18.157 -3.273  1.00 36.47 ? 69  GLU A CB  1 
ATOM   549  C  CG  . GLU A 1 69  ? -3.221  -19.606 -3.254  1.00 42.88 ? 69  GLU A CG  1 
ATOM   550  C  CD  . GLU A 1 69  ? -4.635  -19.761 -3.773  1.00 47.57 ? 69  GLU A CD  1 
ATOM   551  O  OE1 . GLU A 1 69  ? -4.935  -20.828 -4.335  1.00 45.79 ? 69  GLU A OE1 1 
ATOM   552  O  OE2 . GLU A 1 69  ? -5.438  -18.814 -3.613  1.00 42.90 ? 69  GLU A OE2 1 
ATOM   553  N  N   . VAL A 1 70  ? -2.815  -15.201 -4.479  1.00 35.28 ? 70  VAL A N   1 
ATOM   554  C  CA  . VAL A 1 70  ? -2.469  -13.800 -4.273  1.00 35.92 ? 70  VAL A CA  1 
ATOM   555  C  C   . VAL A 1 70  ? -2.395  -13.658 -2.772  1.00 33.45 ? 70  VAL A C   1 
ATOM   556  O  O   . VAL A 1 70  ? -3.424  -13.739 -2.084  1.00 37.50 ? 70  VAL A O   1 
ATOM   557  C  CB  . VAL A 1 70  ? -3.583  -12.824 -4.763  1.00 38.62 ? 70  VAL A CB  1 
ATOM   558  C  CG1 . VAL A 1 70  ? -3.233  -11.380 -4.332  1.00 36.46 ? 70  VAL A CG1 1 
ATOM   559  C  CG2 . VAL A 1 70  ? -3.754  -12.911 -6.272  1.00 37.10 ? 70  VAL A CG2 1 
ATOM   560  N  N   . VAL A 1 71  ? -1.199  -13.426 -2.244  1.00 35.76 ? 71  VAL A N   1 
ATOM   561  C  CA  . VAL A 1 71  ? -1.058  -13.287 -0.792  1.00 35.73 ? 71  VAL A CA  1 
ATOM   562  C  C   . VAL A 1 71  ? -0.497  -11.910 -0.381  1.00 38.42 ? 71  VAL A C   1 
ATOM   563  O  O   . VAL A 1 71  ? -0.235  -11.648 0.805   1.00 38.06 ? 71  VAL A O   1 
ATOM   564  C  CB  . VAL A 1 71  ? -0.198  -14.460 -0.233  1.00 34.60 ? 71  VAL A CB  1 
ATOM   565  C  CG1 . VAL A 1 71  ? -0.895  -15.812 -0.595  1.00 31.43 ? 71  VAL A CG1 1 
ATOM   566  C  CG2 . VAL A 1 71  ? 1.232   -14.415 -0.828  1.00 31.37 ? 71  VAL A CG2 1 
ATOM   567  N  N   . GLY A 1 72  ? -0.315  -11.046 -1.384  1.00 37.81 ? 72  GLY A N   1 
ATOM   568  C  CA  . GLY A 1 72  ? 0.167   -9.701  -1.145  1.00 31.84 ? 72  GLY A CA  1 
ATOM   569  C  C   . GLY A 1 72  ? -0.167  -8.758  -2.301  1.00 32.34 ? 72  GLY A C   1 
ATOM   570  O  O   . GLY A 1 72  ? -0.374  -9.167  -3.438  1.00 34.14 ? 72  GLY A O   1 
ATOM   571  N  N   . PHE A 1 73  ? -0.251  -7.469  -2.025  1.00 35.34 ? 73  PHE A N   1 
ATOM   572  C  CA  . PHE A 1 73  ? -0.492  -6.544  -3.122  1.00 36.09 ? 73  PHE A CA  1 
ATOM   573  C  C   . PHE A 1 73  ? -0.007  -5.150  -2.755  1.00 31.87 ? 73  PHE A C   1 
ATOM   574  O  O   . PHE A 1 73  ? 0.152   -4.825  -1.577  1.00 36.86 ? 73  PHE A O   1 
ATOM   575  C  CB  . PHE A 1 73  ? -1.966  -6.473  -3.497  1.00 37.99 ? 73  PHE A CB  1 
ATOM   576  C  CG  . PHE A 1 73  ? -2.754  -5.525  -2.665  1.00 39.71 ? 73  PHE A CG  1 
ATOM   577  C  CD1 . PHE A 1 73  ? -3.209  -5.897  -1.385  1.00 45.22 ? 73  PHE A CD1 1 
ATOM   578  C  CD2 . PHE A 1 73  ? -3.051  -4.246  -3.145  1.00 43.42 ? 73  PHE A CD2 1 
ATOM   579  C  CE1 . PHE A 1 73  ? -3.957  -4.996  -0.589  1.00 47.09 ? 73  PHE A CE1 1 
ATOM   580  C  CE2 . PHE A 1 73  ? -3.794  -3.341  -2.363  1.00 38.51 ? 73  PHE A CE2 1 
ATOM   581  C  CZ  . PHE A 1 73  ? -4.248  -3.717  -1.083  1.00 46.40 ? 73  PHE A CZ  1 
ATOM   582  N  N   . ALA A 1 74  ? 0.210   -4.336  -3.783  1.00 33.68 ? 74  ALA A N   1 
ATOM   583  C  CA  . ALA A 1 74  ? 0.656   -2.975  -3.585  1.00 34.26 ? 74  ALA A CA  1 
ATOM   584  C  C   . ALA A 1 74  ? 0.148   -2.102  -4.735  1.00 35.52 ? 74  ALA A C   1 
ATOM   585  O  O   . ALA A 1 74  ? 0.173   -2.507  -5.905  1.00 35.54 ? 74  ALA A O   1 
ATOM   586  C  CB  . ALA A 1 74  ? 2.186   -2.945  -3.517  1.00 27.77 ? 74  ALA A CB  1 
ATOM   587  N  N   . ALA A 1 75  ? -0.304  -0.905  -4.373  1.00 30.29 ? 75  ALA A N   1 
ATOM   588  C  CA  . ALA A 1 75  ? -0.815  0.081   -5.310  1.00 35.21 ? 75  ALA A CA  1 
ATOM   589  C  C   . ALA A 1 75  ? 0.070   1.351   -5.217  1.00 32.09 ? 75  ALA A C   1 
ATOM   590  O  O   . ALA A 1 75  ? 0.327   1.840   -4.126  1.00 32.35 ? 75  ALA A O   1 
ATOM   591  C  CB  . ALA A 1 75  ? -2.284  0.432   -4.918  1.00 30.16 ? 75  ALA A CB  1 
ATOM   592  N  N   . PHE A 1 76  ? 0.469   1.885   -6.363  1.00 31.56 ? 76  PHE A N   1 
ATOM   593  C  CA  . PHE A 1 76  ? 1.318   3.076   -6.446  1.00 35.51 ? 76  PHE A CA  1 
ATOM   594  C  C   . PHE A 1 76  ? 0.674   4.087   -7.392  1.00 36.63 ? 76  PHE A C   1 
ATOM   595  O  O   . PHE A 1 76  ? 0.006   3.699   -8.379  1.00 33.70 ? 76  PHE A O   1 
ATOM   596  C  CB  . PHE A 1 76  ? 2.710   2.734   -7.028  1.00 31.93 ? 76  PHE A CB  1 
ATOM   597  C  CG  . PHE A 1 76  ? 3.446   1.678   -6.261  1.00 34.87 ? 76  PHE A CG  1 
ATOM   598  C  CD1 . PHE A 1 76  ? 3.131   0.331   -6.435  1.00 28.83 ? 76  PHE A CD1 1 
ATOM   599  C  CD2 . PHE A 1 76  ? 4.428   2.029   -5.331  1.00 30.62 ? 76  PHE A CD2 1 
ATOM   600  C  CE1 . PHE A 1 76  ? 3.778   -0.653  -5.687  1.00 32.61 ? 76  PHE A CE1 1 
ATOM   601  C  CE2 . PHE A 1 76  ? 5.081   1.054   -4.581  1.00 34.26 ? 76  PHE A CE2 1 
ATOM   602  C  CZ  . PHE A 1 76  ? 4.758   -0.289  -4.753  1.00 33.31 ? 76  PHE A CZ  1 
ATOM   603  N  N   . GLY A 1 77  ? 0.894   5.376   -7.116  1.00 32.34 ? 77  GLY A N   1 
ATOM   604  C  CA  . GLY A 1 77  ? 0.333   6.389   -7.992  1.00 32.89 ? 77  GLY A CA  1 
ATOM   605  C  C   . GLY A 1 77  ? 0.818   7.785   -7.677  1.00 35.92 ? 77  GLY A C   1 
ATOM   606  O  O   . GLY A 1 77  ? 1.744   7.967   -6.861  1.00 34.57 ? 77  GLY A O   1 
ATOM   607  N  N   . PRO A 1 78  ? 0.227   8.798   -8.332  1.00 33.08 ? 78  PRO A N   1 
ATOM   608  C  CA  . PRO A 1 78  ? 0.703   10.151  -8.009  1.00 33.66 ? 78  PRO A CA  1 
ATOM   609  C  C   . PRO A 1 78  ? 0.279   10.473  -6.591  1.00 33.69 ? 78  PRO A C   1 
ATOM   610  O  O   . PRO A 1 78  ? -0.664  9.883   -6.054  1.00 29.53 ? 78  PRO A O   1 
ATOM   611  C  CB  . PRO A 1 78  ? 0.051   11.052  -9.089  1.00 33.31 ? 78  PRO A CB  1 
ATOM   612  C  CG  . PRO A 1 78  ? -1.185  10.217  -9.589  1.00 33.41 ? 78  PRO A CG  1 
ATOM   613  C  CD  . PRO A 1 78  ? -0.695  8.772   -9.489  1.00 30.61 ? 78  PRO A CD  1 
ATOM   614  N  N   . ASP A 1 79  ? 1.012   11.379  -5.961  1.00 32.43 ? 79  ASP A N   1 
ATOM   615  C  CA  . ASP A 1 79  ? 0.702   11.755  -4.604  1.00 28.39 ? 79  ASP A CA  1 
ATOM   616  C  C   . ASP A 1 79  ? -0.731  12.313  -4.552  1.00 33.65 ? 79  ASP A C   1 
ATOM   617  O  O   . ASP A 1 79  ? -1.203  12.941  -5.523  1.00 31.72 ? 79  ASP A O   1 
ATOM   618  C  CB  . ASP A 1 79  ? 1.700   12.824  -4.135  1.00 32.48 ? 79  ASP A CB  1 
ATOM   619  C  CG  . ASP A 1 79  ? 1.315   13.414  -2.785  1.00 33.94 ? 79  ASP A CG  1 
ATOM   620  O  OD1 . ASP A 1 79  ? 1.131   12.627  -1.830  1.00 33.35 ? 79  ASP A OD1 1 
ATOM   621  O  OD2 . ASP A 1 79  ? 1.183   14.656  -2.673  1.00 34.77 ? 79  ASP A OD2 1 
ATOM   622  N  N   . ARG A 1 80  ? -1.420  12.094  -3.438  1.00 31.42 ? 80  ARG A N   1 
ATOM   623  C  CA  . ARG A 1 80  ? -2.794  12.594  -3.293  1.00 35.61 ? 80  ARG A CA  1 
ATOM   624  C  C   . ARG A 1 80  ? -2.833  13.883  -2.465  1.00 35.68 ? 80  ARG A C   1 
ATOM   625  O  O   . ARG A 1 80  ? -3.355  13.933  -1.326  1.00 35.60 ? 80  ARG A O   1 
ATOM   626  C  CB  . ARG A 1 80  ? -3.648  11.488  -2.661  1.00 35.91 ? 80  ARG A CB  1 
ATOM   627  C  CG  . ARG A 1 80  ? -3.850  10.323  -3.630  1.00 32.20 ? 80  ARG A CG  1 
ATOM   628  C  CD  . ARG A 1 80  ? -4.578  9.178   -2.975  1.00 38.82 ? 80  ARG A CD  1 
ATOM   629  N  NE  . ARG A 1 80  ? -3.709  8.514   -2.015  1.00 35.19 ? 80  ARG A NE  1 
ATOM   630  C  CZ  . ARG A 1 80  ? -4.065  7.454   -1.303  1.00 40.34 ? 80  ARG A CZ  1 
ATOM   631  N  NH1 . ARG A 1 80  ? -5.290  6.961   -1.448  1.00 46.77 ? 80  ARG A NH1 1 
ATOM   632  N  NH2 . ARG A 1 80  ? -3.196  6.860   -0.487  1.00 36.42 ? 80  ARG A NH2 1 
ATOM   633  N  N   . ALA A 1 81  ? -2.240  14.919  -3.040  1.00 35.55 ? 81  ALA A N   1 
ATOM   634  C  CA  . ALA A 1 81  ? -2.170  16.226  -2.407  1.00 40.48 ? 81  ALA A CA  1 
ATOM   635  C  C   . ALA A 1 81  ? -1.763  16.155  -0.927  1.00 37.44 ? 81  ALA A C   1 
ATOM   636  O  O   . ALA A 1 81  ? -2.494  16.600  -0.048  1.00 42.30 ? 81  ALA A O   1 
ATOM   637  C  CB  . ALA A 1 81  ? -3.542  16.955  -2.555  1.00 39.17 ? 81  ALA A CB  1 
ATOM   638  N  N   . SER A 1 82  ? -0.575  15.633  -0.649  1.00 38.54 ? 82  SER A N   1 
ATOM   639  C  CA  . SER A 1 82  ? -0.117  15.524  0.737   1.00 36.99 ? 82  SER A CA  1 
ATOM   640  C  C   . SER A 1 82  ? 0.490   16.804  1.296   1.00 39.40 ? 82  SER A C   1 
ATOM   641  O  O   . SER A 1 82  ? 0.634   16.922  2.505   1.00 40.79 ? 82  SER A O   1 
ATOM   642  C  CB  . SER A 1 82  ? 0.895   14.393  0.870   1.00 31.58 ? 82  SER A CB  1 
ATOM   643  O  OG  . SER A 1 82  ? 0.285   13.165  0.473   1.00 34.50 ? 82  SER A OG  1 
ATOM   644  N  N   . GLY A 1 83  ? 0.832   17.753  0.417   1.00 43.46 ? 83  GLY A N   1 
ATOM   645  C  CA  . GLY A 1 83  ? 1.427   19.002  0.861   1.00 38.67 ? 83  GLY A CA  1 
ATOM   646  C  C   . GLY A 1 83  ? 2.936   18.974  1.077   1.00 38.71 ? 83  GLY A C   1 
ATOM   647  O  O   . GLY A 1 83  ? 3.446   19.745  1.884   1.00 41.40 ? 83  GLY A O   1 
ATOM   648  N  N   . PHE A 1 84  ? 3.655   18.094  0.385   1.00 37.63 ? 84  PHE A N   1 
ATOM   649  C  CA  . PHE A 1 84  ? 5.111   18.036  0.503   1.00 36.34 ? 84  PHE A CA  1 
ATOM   650  C  C   . PHE A 1 84  ? 5.742   18.260  -0.859  1.00 38.49 ? 84  PHE A C   1 
ATOM   651  O  O   . PHE A 1 84  ? 5.979   17.300  -1.604  1.00 42.38 ? 84  PHE A O   1 
ATOM   652  C  CB  . PHE A 1 84  ? 5.575   16.682  1.047   1.00 38.29 ? 84  PHE A CB  1 
ATOM   653  C  CG  . PHE A 1 84  ? 5.242   16.464  2.498   1.00 41.60 ? 84  PHE A CG  1 
ATOM   654  C  CD1 . PHE A 1 84  ? 4.104   15.737  2.873   1.00 43.87 ? 84  PHE A CD1 1 
ATOM   655  C  CD2 . PHE A 1 84  ? 6.057   16.995  3.497   1.00 41.74 ? 84  PHE A CD2 1 
ATOM   656  C  CE1 . PHE A 1 84  ? 3.792   15.544  4.223   1.00 43.67 ? 84  PHE A CE1 1 
ATOM   657  C  CE2 . PHE A 1 84  ? 5.747   16.805  4.850   1.00 44.04 ? 84  PHE A CE2 1 
ATOM   658  C  CZ  . PHE A 1 84  ? 4.612   16.077  5.207   1.00 42.50 ? 84  PHE A CZ  1 
ATOM   659  N  N   . PRO A 1 85  ? 6.041   19.527  -1.203  1.00 41.18 ? 85  PRO A N   1 
ATOM   660  C  CA  . PRO A 1 85  ? 6.648   19.828  -2.503  1.00 39.14 ? 85  PRO A CA  1 
ATOM   661  C  C   . PRO A 1 85  ? 7.842   18.916  -2.723  1.00 38.41 ? 85  PRO A C   1 
ATOM   662  O  O   . PRO A 1 85  ? 8.620   18.675  -1.795  1.00 39.11 ? 85  PRO A O   1 
ATOM   663  C  CB  . PRO A 1 85  ? 7.061   21.298  -2.369  1.00 38.96 ? 85  PRO A CB  1 
ATOM   664  C  CG  . PRO A 1 85  ? 6.063   21.855  -1.411  1.00 39.25 ? 85  PRO A CG  1 
ATOM   665  C  CD  . PRO A 1 85  ? 5.972   20.742  -0.367  1.00 42.16 ? 85  PRO A CD  1 
ATOM   666  N  N   . GLY A 1 86  ? 7.988   18.406  -3.938  1.00 36.06 ? 86  GLY A N   1 
ATOM   667  C  CA  . GLY A 1 86  ? 9.116   17.529  -4.203  1.00 36.44 ? 86  GLY A CA  1 
ATOM   668  C  C   . GLY A 1 86  ? 8.759   16.062  -4.094  1.00 38.38 ? 86  GLY A C   1 
ATOM   669  O  O   . GLY A 1 86  ? 9.534   15.199  -4.513  1.00 35.27 ? 86  GLY A O   1 
ATOM   670  N  N   . TYR A 1 87  ? 7.603   15.770  -3.499  1.00 34.26 ? 87  TYR A N   1 
ATOM   671  C  CA  . TYR A 1 87  ? 7.141   14.381  -3.389  1.00 33.81 ? 87  TYR A CA  1 
ATOM   672  C  C   . TYR A 1 87  ? 5.943   14.265  -4.325  1.00 32.62 ? 87  TYR A C   1 
ATOM   673  O  O   . TYR A 1 87  ? 4.841   14.683  -4.000  1.00 32.51 ? 87  TYR A O   1 
ATOM   674  C  CB  . TYR A 1 87  ? 6.771   14.063  -1.947  1.00 29.87 ? 87  TYR A CB  1 
ATOM   675  C  CG  . TYR A 1 87  ? 8.001   13.846  -1.097  1.00 33.40 ? 87  TYR A CG  1 
ATOM   676  C  CD1 . TYR A 1 87  ? 8.638   12.586  -1.046  1.00 39.23 ? 87  TYR A CD1 1 
ATOM   677  C  CD2 . TYR A 1 87  ? 8.620   14.940  -0.443  1.00 39.65 ? 87  TYR A CD2 1 
ATOM   678  C  CE1 . TYR A 1 87  ? 9.868   12.428  -0.372  1.00 35.66 ? 87  TYR A CE1 1 
ATOM   679  C  CE2 . TYR A 1 87  ? 9.828   14.797  0.210   1.00 36.06 ? 87  TYR A CE2 1 
ATOM   680  C  CZ  . TYR A 1 87  ? 10.453  13.546  0.244   1.00 43.59 ? 87  TYR A CZ  1 
ATOM   681  O  OH  . TYR A 1 87  ? 11.675  13.444  0.871   1.00 42.37 ? 87  TYR A OH  1 
ATOM   682  N  N   . THR A 1 88  ? 6.178   13.713  -5.509  1.00 35.00 ? 88  THR A N   1 
ATOM   683  C  CA  . THR A 1 88  ? 5.120   13.609  -6.499  1.00 34.54 ? 88  THR A CA  1 
ATOM   684  C  C   . THR A 1 88  ? 4.415   12.253  -6.588  1.00 32.95 ? 88  THR A C   1 
ATOM   685  O  O   . THR A 1 88  ? 3.312   12.165  -7.136  1.00 34.47 ? 88  THR A O   1 
ATOM   686  C  CB  . THR A 1 88  ? 5.680   13.972  -7.871  1.00 34.76 ? 88  THR A CB  1 
ATOM   687  O  OG1 . THR A 1 88  ? 6.840   13.149  -8.128  1.00 36.86 ? 88  THR A OG1 1 
ATOM   688  C  CG2 . THR A 1 88  ? 6.083   15.460  -7.882  1.00 35.08 ? 88  THR A CG2 1 
ATOM   689  N  N   . ALA A 1 89  ? 5.058   11.211  -6.072  1.00 31.64 ? 89  ALA A N   1 
ATOM   690  C  CA  . ALA A 1 89  ? 4.489   9.869   -6.067  1.00 32.90 ? 89  ALA A CA  1 
ATOM   691  C  C   . ALA A 1 89  ? 4.107   9.462   -4.635  1.00 34.62 ? 89  ALA A C   1 
ATOM   692  O  O   . ALA A 1 89  ? 4.575   10.036  -3.654  1.00 32.85 ? 89  ALA A O   1 
ATOM   693  C  CB  . ALA A 1 89  ? 5.502   8.871   -6.628  1.00 28.82 ? 89  ALA A CB  1 
ATOM   694  N  N   . GLU A 1 90  ? 3.265   8.444   -4.523  1.00 25.98 ? 90  GLU A N   1 
ATOM   695  C  CA  . GLU A 1 90  ? 2.844   7.963   -3.231  1.00 28.96 ? 90  GLU A CA  1 
ATOM   696  C  C   . GLU A 1 90  ? 2.558   6.452   -3.330  1.00 30.32 ? 90  GLU A C   1 
ATOM   697  O  O   . GLU A 1 90  ? 2.104   5.953   -4.373  1.00 33.55 ? 90  GLU A O   1 
ATOM   698  C  CB  . GLU A 1 90  ? 1.574   8.723   -2.778  1.00 27.77 ? 90  GLU A CB  1 
ATOM   699  C  CG  . GLU A 1 90  ? 0.905   8.134   -1.506  1.00 35.64 ? 90  GLU A CG  1 
ATOM   700  C  CD  . GLU A 1 90  ? -0.404  8.842   -1.110  1.00 38.98 ? 90  GLU A CD  1 
ATOM   701  O  OE1 . GLU A 1 90  ? -0.945  9.630   -1.927  1.00 39.25 ? 90  GLU A OE1 1 
ATOM   702  O  OE2 . GLU A 1 90  ? -0.903  8.596   0.015   1.00 38.86 ? 90  GLU A OE2 1 
ATOM   703  N  N   . LEU A 1 91  ? 2.854   5.736   -2.253  1.00 32.89 ? 91  LEU A N   1 
ATOM   704  C  CA  . LEU A 1 91  ? 2.588   4.297   -2.175  1.00 33.16 ? 91  LEU A CA  1 
ATOM   705  C  C   . LEU A 1 91  ? 1.180   4.310   -1.546  1.00 29.95 ? 91  LEU A C   1 
ATOM   706  O  O   . LEU A 1 91  ? 1.013   4.589   -0.350  1.00 31.60 ? 91  LEU A O   1 
ATOM   707  C  CB  . LEU A 1 91  ? 3.601   3.617   -1.230  1.00 31.58 ? 91  LEU A CB  1 
ATOM   708  C  CG  . LEU A 1 91  ? 3.911   2.128   -1.463  1.00 43.83 ? 91  LEU A CG  1 
ATOM   709  C  CD1 . LEU A 1 91  ? 4.798   1.586   -0.335  1.00 36.56 ? 91  LEU A CD1 1 
ATOM   710  C  CD2 . LEU A 1 91  ? 2.622   1.334   -1.540  1.00 40.27 ? 91  LEU A CD2 1 
ATOM   711  N  N   . TRP A 1 92  ? 0.159   4.067   -2.353  1.00 32.39 ? 92  TRP A N   1 
ATOM   712  C  CA  . TRP A 1 92  ? -1.212  4.117   -1.831  1.00 31.48 ? 92  TRP A CA  1 
ATOM   713  C  C   . TRP A 1 92  ? -1.540  3.022   -0.836  1.00 36.59 ? 92  TRP A C   1 
ATOM   714  O  O   . TRP A 1 92  ? -2.225  3.259   0.172   1.00 35.81 ? 92  TRP A O   1 
ATOM   715  C  CB  . TRP A 1 92  ? -2.213  4.071   -2.995  1.00 31.38 ? 92  TRP A CB  1 
ATOM   716  C  CG  . TRP A 1 92  ? -2.145  5.286   -3.860  1.00 44.99 ? 92  TRP A CG  1 
ATOM   717  C  CD1 . TRP A 1 92  ? -1.498  6.456   -3.584  1.00 39.18 ? 92  TRP A CD1 1 
ATOM   718  C  CD2 . TRP A 1 92  ? -2.765  5.467   -5.132  1.00 46.82 ? 92  TRP A CD2 1 
ATOM   719  N  NE1 . TRP A 1 92  ? -1.668  7.356   -4.610  1.00 38.86 ? 92  TRP A NE1 1 
ATOM   720  C  CE2 . TRP A 1 92  ? -2.443  6.775   -5.574  1.00 46.73 ? 92  TRP A CE2 1 
ATOM   721  C  CE3 . TRP A 1 92  ? -3.559  4.653   -5.950  1.00 51.20 ? 92  TRP A CE3 1 
ATOM   722  C  CZ2 . TRP A 1 92  ? -2.889  7.283   -6.796  1.00 43.55 ? 92  TRP A CZ2 1 
ATOM   723  C  CZ3 . TRP A 1 92  ? -4.002  5.163   -7.174  1.00 50.55 ? 92  TRP A CZ3 1 
ATOM   724  C  CH2 . TRP A 1 92  ? -3.663  6.465   -7.582  1.00 48.73 ? 92  TRP A CH2 1 
ATOM   725  N  N   . ALA A 1 93  ? -1.018  1.824   -1.094  1.00 30.34 ? 93  ALA A N   1 
ATOM   726  C  CA  . ALA A 1 93  ? -1.303  0.690   -0.221  1.00 36.45 ? 93  ALA A CA  1 
ATOM   727  C  C   . ALA A 1 93  ? -0.336  -0.448  -0.443  1.00 30.39 ? 93  ALA A C   1 
ATOM   728  O  O   . ALA A 1 93  ? 0.120   -0.666  -1.549  1.00 30.85 ? 93  ALA A O   1 
ATOM   729  C  CB  . ALA A 1 93  ? -2.725  0.176   -0.486  1.00 38.17 ? 93  ALA A CB  1 
ATOM   730  N  N   . ILE A 1 94  ? -0.023  -1.153  0.634   1.00 31.65 ? 94  ILE A N   1 
ATOM   731  C  CA  . ILE A 1 94  ? 0.801   -2.328  0.533   1.00 34.19 ? 94  ILE A CA  1 
ATOM   732  C  C   . ILE A 1 94  ? 0.426   -3.196  1.729   1.00 33.70 ? 94  ILE A C   1 
ATOM   733  O  O   . ILE A 1 94  ? 0.438   -2.759  2.895   1.00 30.41 ? 94  ILE A O   1 
ATOM   734  C  CB  . ILE A 1 94  ? 2.331   -2.001  0.475   1.00 34.90 ? 94  ILE A CB  1 
ATOM   735  C  CG1 . ILE A 1 94  ? 3.115   -3.308  0.307   1.00 31.81 ? 94  ILE A CG1 1 
ATOM   736  C  CG2 . ILE A 1 94  ? 2.757   -1.227  1.709   1.00 36.29 ? 94  ILE A CG2 1 
ATOM   737  C  CD1 . ILE A 1 94  ? 4.617   -3.135  0.087   1.00 37.33 ? 94  ILE A CD1 1 
ATOM   738  N  N   . TYR A 1 95  ? 0.042   -4.434  1.408   1.00 34.49 ? 95  TYR A N   1 
ATOM   739  C  CA  . TYR A 1 95  ? -0.369  -5.418  2.402   1.00 32.52 ? 95  TYR A CA  1 
ATOM   740  C  C   . TYR A 1 95  ? 0.048   -6.820  1.988   1.00 33.25 ? 95  TYR A C   1 
ATOM   741  O  O   . TYR A 1 95  ? -0.071  -7.204  0.805   1.00 32.83 ? 95  TYR A O   1 
ATOM   742  C  CB  . TYR A 1 95  ? -1.899  -5.391  2.587   1.00 32.25 ? 95  TYR A CB  1 
ATOM   743  C  CG  . TYR A 1 95  ? -2.407  -4.092  3.217   1.00 33.50 ? 95  TYR A CG  1 
ATOM   744  C  CD1 . TYR A 1 95  ? -2.744  -2.984  2.433   1.00 33.02 ? 95  TYR A CD1 1 
ATOM   745  C  CD2 . TYR A 1 95  ? -2.433  -3.952  4.605   1.00 37.06 ? 95  TYR A CD2 1 
ATOM   746  C  CE1 . TYR A 1 95  ? -3.085  -1.736  3.042   1.00 39.10 ? 95  TYR A CE1 1 
ATOM   747  C  CE2 . TYR A 1 95  ? -2.764  -2.736  5.216   1.00 40.59 ? 95  TYR A CE2 1 
ATOM   748  C  CZ  . TYR A 1 95  ? -3.082  -1.633  4.445   1.00 41.78 ? 95  TYR A CZ  1 
ATOM   749  O  OH  . TYR A 1 95  ? -3.343  -0.441  5.101   1.00 41.97 ? 95  TYR A OH  1 
ATOM   750  N  N   . VAL A 1 96  ? 0.548   -7.575  2.965   1.00 33.36 ? 96  VAL A N   1 
ATOM   751  C  CA  . VAL A 1 96  ? 0.942   -8.979  2.752   1.00 31.55 ? 96  VAL A CA  1 
ATOM   752  C  C   . VAL A 1 96  ? 0.221   -9.763  3.879   1.00 32.39 ? 96  VAL A C   1 
ATOM   753  O  O   . VAL A 1 96  ? 0.258   -9.358  5.049   1.00 32.85 ? 96  VAL A O   1 
ATOM   754  C  CB  . VAL A 1 96  ? 2.477   -9.182  2.899   1.00 34.91 ? 96  VAL A CB  1 
ATOM   755  C  CG1 . VAL A 1 96  ? 2.829   -10.697 2.786   1.00 31.49 ? 96  VAL A CG1 1 
ATOM   756  C  CG2 . VAL A 1 96  ? 3.222   -8.331  1.836   1.00 30.97 ? 96  VAL A CG2 1 
ATOM   757  N  N   . LEU A 1 97  ? -0.462  -10.855 3.536   1.00 31.70 ? 97  LEU A N   1 
ATOM   758  C  CA  . LEU A 1 97  ? -1.163  -11.642 4.567   1.00 32.96 ? 97  LEU A CA  1 
ATOM   759  C  C   . LEU A 1 97  ? -0.178  -11.957 5.707   1.00 35.30 ? 97  LEU A C   1 
ATOM   760  O  O   . LEU A 1 97  ? 0.971   -12.341 5.450   1.00 32.39 ? 97  LEU A O   1 
ATOM   761  C  CB  . LEU A 1 97  ? -1.700  -12.945 3.976   1.00 36.49 ? 97  LEU A CB  1 
ATOM   762  C  CG  . LEU A 1 97  ? -2.908  -12.840 3.024   1.00 39.47 ? 97  LEU A CG  1 
ATOM   763  C  CD1 . LEU A 1 97  ? -3.174  -14.224 2.406   1.00 32.96 ? 97  LEU A CD1 1 
ATOM   764  C  CD2 . LEU A 1 97  ? -4.144  -12.349 3.767   1.00 30.87 ? 97  LEU A CD2 1 
ATOM   765  N  N   . PRO A 1 98  ? -0.625  -11.802 6.972   1.00 32.43 ? 98  PRO A N   1 
ATOM   766  C  CA  . PRO A 1 98  ? 0.140   -12.030 8.192   1.00 32.52 ? 98  PRO A CA  1 
ATOM   767  C  C   . PRO A 1 98  ? 1.098   -13.205 8.129   1.00 40.62 ? 98  PRO A C   1 
ATOM   768  O  O   . PRO A 1 98  ? 2.275   -13.043 8.458   1.00 33.03 ? 98  PRO A O   1 
ATOM   769  C  CB  . PRO A 1 98  ? -0.938  -12.246 9.248   1.00 30.05 ? 98  PRO A CB  1 
ATOM   770  C  CG  . PRO A 1 98  ? -2.005  -11.327 8.812   1.00 32.28 ? 98  PRO A CG  1 
ATOM   771  C  CD  . PRO A 1 98  ? -2.044  -11.554 7.298   1.00 30.77 ? 98  PRO A CD  1 
ATOM   772  N  N   . THR A 1 99  ? 0.619   -14.379 7.700   1.00 33.14 ? 99  THR A N   1 
ATOM   773  C  CA  . THR A 1 99  ? 1.497   -15.530 7.685   1.00 35.57 ? 99  THR A CA  1 
ATOM   774  C  C   . THR A 1 99  ? 2.507   -15.537 6.543   1.00 39.03 ? 99  THR A C   1 
ATOM   775  O  O   . THR A 1 99  ? 3.390   -16.389 6.506   1.00 38.77 ? 99  THR A O   1 
ATOM   776  C  CB  . THR A 1 99  ? 0.684   -16.848 7.659   1.00 39.69 ? 99  THR A CB  1 
ATOM   777  O  OG1 . THR A 1 99  ? -0.282  -16.768 6.611   1.00 40.70 ? 99  THR A OG1 1 
ATOM   778  C  CG2 . THR A 1 99  ? -0.034  -17.086 9.019   1.00 33.70 ? 99  THR A CG2 1 
ATOM   779  N  N   . TRP A 1 100 ? 2.386   -14.620 5.591   1.00 34.22 ? 100 TRP A N   1 
ATOM   780  C  CA  . TRP A 1 100 ? 3.357   -14.585 4.506   1.00 32.43 ? 100 TRP A CA  1 
ATOM   781  C  C   . TRP A 1 100 ? 4.323   -13.402 4.688   1.00 34.83 ? 100 TRP A C   1 
ATOM   782  O  O   . TRP A 1 100 ? 5.184   -13.173 3.831   1.00 38.23 ? 100 TRP A O   1 
ATOM   783  C  CB  . TRP A 1 100 ? 2.651   -14.474 3.156   1.00 33.69 ? 100 TRP A CB  1 
ATOM   784  C  CG  . TRP A 1 100 ? 2.479   -15.787 2.431   1.00 37.29 ? 100 TRP A CG  1 
ATOM   785  C  CD1 . TRP A 1 100 ? 3.393   -16.418 1.626   1.00 37.60 ? 100 TRP A CD1 1 
ATOM   786  C  CD2 . TRP A 1 100 ? 1.298   -16.589 2.404   1.00 36.04 ? 100 TRP A CD2 1 
ATOM   787  N  NE1 . TRP A 1 100 ? 2.843   -17.567 1.084   1.00 37.02 ? 100 TRP A NE1 1 
ATOM   788  C  CE2 . TRP A 1 100 ? 1.558   -17.696 1.545   1.00 40.61 ? 100 TRP A CE2 1 
ATOM   789  C  CE3 . TRP A 1 100 ? 0.035   -16.481 3.019   1.00 39.55 ? 100 TRP A CE3 1 
ATOM   790  C  CZ2 . TRP A 1 100 ? 0.599   -18.687 1.281   1.00 37.17 ? 100 TRP A CZ2 1 
ATOM   791  C  CZ3 . TRP A 1 100 ? -0.928  -17.470 2.755   1.00 34.33 ? 100 TRP A CZ3 1 
ATOM   792  C  CH2 . TRP A 1 100 ? -0.636  -18.558 1.890   1.00 39.00 ? 100 TRP A CH2 1 
ATOM   793  N  N   . GLN A 1 101 ? 4.159   -12.665 5.790   1.00 33.63 ? 101 GLN A N   1 
ATOM   794  C  CA  . GLN A 1 101 ? 5.006   -11.507 6.116   1.00 37.12 ? 101 GLN A CA  1 
ATOM   795  C  C   . GLN A 1 101 ? 6.421   -11.950 6.505   1.00 42.63 ? 101 GLN A C   1 
ATOM   796  O  O   . GLN A 1 101 ? 6.644   -13.123 6.844   1.00 38.05 ? 101 GLN A O   1 
ATOM   797  C  CB  . GLN A 1 101 ? 4.389   -10.694 7.269   1.00 32.20 ? 101 GLN A CB  1 
ATOM   798  C  CG  . GLN A 1 101 ? 3.199   -9.824  6.823   1.00 32.91 ? 101 GLN A CG  1 
ATOM   799  C  CD  . GLN A 1 101 ? 2.407   -9.240  7.987   1.00 34.10 ? 101 GLN A CD  1 
ATOM   800  O  OE1 . GLN A 1 101 ? 2.874   -9.214  9.129   1.00 34.53 ? 101 GLN A OE1 1 
ATOM   801  N  NE2 . GLN A 1 101 ? 1.199   -8.773  7.703   1.00 33.58 ? 101 GLN A NE2 1 
ATOM   802  N  N   . ARG A 1 102 ? 7.364   -10.999 6.455   1.00 42.71 ? 102 ARG A N   1 
ATOM   803  C  CA  . ARG A 1 102 ? 8.775   -11.217 6.804   1.00 44.89 ? 102 ARG A CA  1 
ATOM   804  C  C   . ARG A 1 102 ? 9.430   -12.348 6.017   1.00 43.60 ? 102 ARG A C   1 
ATOM   805  O  O   . ARG A 1 102 ? 10.250  -13.093 6.541   1.00 45.44 ? 102 ARG A O   1 
ATOM   806  C  CB  . ARG A 1 102 ? 8.958   -11.447 8.324   1.00 42.59 ? 102 ARG A CB  1 
ATOM   807  C  CG  . ARG A 1 102 ? 8.375   -10.335 9.221   1.00 41.44 ? 102 ARG A CG  1 
ATOM   808  C  CD  . ARG A 1 102 ? 8.840   -8.898  8.822   1.00 47.15 ? 102 ARG A CD  1 
ATOM   809  N  NE  . ARG A 1 102 ? 10.226  -8.599  9.232   1.00 52.01 ? 102 ARG A NE  1 
ATOM   810  C  CZ  . ARG A 1 102 ? 10.587  -8.158  10.440  1.00 49.62 ? 102 ARG A CZ  1 
ATOM   811  N  NH1 . ARG A 1 102 ? 9.676   -7.945  11.385  1.00 48.12 ? 102 ARG A NH1 1 
ATOM   812  N  NH2 . ARG A 1 102 ? 11.869  -7.937  10.715  1.00 51.53 ? 102 ARG A NH2 1 
ATOM   813  N  N   . LYS A 1 103 ? 9.054   -12.455 4.747   1.00 41.74 ? 103 LYS A N   1 
ATOM   814  C  CA  . LYS A 1 103 ? 9.614   -13.437 3.818   1.00 45.33 ? 103 LYS A CA  1 
ATOM   815  C  C   . LYS A 1 103 ? 10.091  -12.687 2.558   1.00 45.33 ? 103 LYS A C   1 
ATOM   816  O  O   . LYS A 1 103 ? 10.302  -13.297 1.505   1.00 43.33 ? 103 LYS A O   1 
ATOM   817  C  CB  . LYS A 1 103 ? 8.572   -14.462 3.394   1.00 49.15 ? 103 LYS A CB  1 
ATOM   818  C  CG  . LYS A 1 103 ? 8.096   -15.374 4.481   1.00 55.44 ? 103 LYS A CG  1 
ATOM   819  C  CD  . LYS A 1 103 ? 7.026   -16.300 3.926   1.00 59.12 ? 103 LYS A CD  1 
ATOM   820  C  CE  . LYS A 1 103 ? 6.508   -17.211 5.016   1.00 70.33 ? 103 LYS A CE  1 
ATOM   821  N  NZ  . LYS A 1 103 ? 6.066   -16.424 6.215   1.00 75.49 ? 103 LYS A NZ  1 
ATOM   822  N  N   . GLY A 1 104 ? 10.215  -11.361 2.672   1.00 41.10 ? 104 GLY A N   1 
ATOM   823  C  CA  . GLY A 1 104 ? 10.670  -10.560 1.550   1.00 39.02 ? 104 GLY A CA  1 
ATOM   824  C  C   . GLY A 1 104 ? 9.619   -10.149 0.526   1.00 41.19 ? 104 GLY A C   1 
ATOM   825  O  O   . GLY A 1 104 ? 9.968   -9.480  -0.456  1.00 38.56 ? 104 GLY A O   1 
ATOM   826  N  N   . LEU A 1 105 ? 8.346   -10.520 0.718   1.00 35.48 ? 105 LEU A N   1 
ATOM   827  C  CA  . LEU A 1 105 ? 7.342   -10.133 -0.280  1.00 32.28 ? 105 LEU A CA  1 
ATOM   828  C  C   . LEU A 1 105 ? 7.079   -8.624  -0.350  1.00 33.62 ? 105 LEU A C   1 
ATOM   829  O  O   . LEU A 1 105 ? 6.988   -8.070  -1.448  1.00 38.56 ? 105 LEU A O   1 
ATOM   830  C  CB  . LEU A 1 105 ? 6.024   -10.878 -0.055  1.00 33.03 ? 105 LEU A CB  1 
ATOM   831  C  CG  . LEU A 1 105 ? 5.968   -12.315 -0.591  1.00 42.19 ? 105 LEU A CG  1 
ATOM   832  C  CD1 . LEU A 1 105 ? 7.147   -13.098 -0.069  1.00 44.37 ? 105 LEU A CD1 1 
ATOM   833  C  CD2 . LEU A 1 105 ? 4.663   -12.974 -0.185  1.00 42.40 ? 105 LEU A CD2 1 
ATOM   834  N  N   . GLY A 1 106 ? 6.971   -7.974  0.809   1.00 36.46 ? 106 GLY A N   1 
ATOM   835  C  CA  . GLY A 1 106 ? 6.715   -6.533  0.848   1.00 36.39 ? 106 GLY A CA  1 
ATOM   836  C  C   . GLY A 1 106 ? 7.847   -5.772  0.177   1.00 41.75 ? 106 GLY A C   1 
ATOM   837  O  O   . GLY A 1 106 ? 7.626   -4.828  -0.594  1.00 36.75 ? 106 GLY A O   1 
ATOM   838  N  N   . ARG A 1 107 ? 9.077   -6.180  0.469   1.00 41.18 ? 107 ARG A N   1 
ATOM   839  C  CA  . ARG A 1 107 ? 10.232  -5.527  -0.135  1.00 42.64 ? 107 ARG A CA  1 
ATOM   840  C  C   . ARG A 1 107 ? 10.179  -5.666  -1.654  1.00 39.41 ? 107 ARG A C   1 
ATOM   841  O  O   . ARG A 1 107 ? 10.418  -4.700  -2.389  1.00 36.75 ? 107 ARG A O   1 
ATOM   842  C  CB  . ARG A 1 107 ? 11.546  -6.134  0.389   1.00 44.29 ? 107 ARG A CB  1 
ATOM   843  C  CG  . ARG A 1 107 ? 12.790  -5.330  -0.028  1.00 55.31 ? 107 ARG A CG  1 
ATOM   844  C  CD  . ARG A 1 107 ? 14.005  -6.249  -0.188  1.00 68.62 ? 107 ARG A CD  1 
ATOM   845  N  NE  . ARG A 1 107 ? 15.185  -5.566  -0.714  1.00 79.04 ? 107 ARG A NE  1 
ATOM   846  C  CZ  . ARG A 1 107 ? 15.942  -4.717  -0.018  1.00 85.58 ? 107 ARG A CZ  1 
ATOM   847  N  NH1 . ARG A 1 107 ? 15.642  -4.436  1.255   1.00 81.81 ? 107 ARG A NH1 1 
ATOM   848  N  NH2 . ARG A 1 107 ? 17.016  -4.166  -0.592  1.00 82.67 ? 107 ARG A NH2 1 
ATOM   849  N  N   . ALA A 1 108 ? 9.863   -6.867  -2.129  1.00 39.24 ? 108 ALA A N   1 
ATOM   850  C  CA  . ALA A 1 108 ? 9.784   -7.120  -3.566  1.00 38.95 ? 108 ALA A CA  1 
ATOM   851  C  C   . ALA A 1 108 ? 8.693   -6.248  -4.232  1.00 38.66 ? 108 ALA A C   1 
ATOM   852  O  O   . ALA A 1 108 ? 8.886   -5.696  -5.331  1.00 38.37 ? 108 ALA A O   1 
ATOM   853  C  CB  . ALA A 1 108 ? 9.491   -8.616  -3.803  1.00 38.58 ? 108 ALA A CB  1 
ATOM   854  N  N   . LEU A 1 109 ? 7.545   -6.143  -3.568  1.00 33.92 ? 109 LEU A N   1 
ATOM   855  C  CA  . LEU A 1 109 ? 6.442   -5.338  -4.072  1.00 33.61 ? 109 LEU A CA  1 
ATOM   856  C  C   . LEU A 1 109 ? 6.872   -3.877  -4.131  1.00 34.00 ? 109 LEU A C   1 
ATOM   857  O  O   . LEU A 1 109 ? 6.658   -3.181  -5.127  1.00 37.11 ? 109 LEU A O   1 
ATOM   858  C  CB  . LEU A 1 109 ? 5.248   -5.463  -3.134  1.00 26.74 ? 109 LEU A CB  1 
ATOM   859  C  CG  . LEU A 1 109 ? 4.411   -6.748  -3.273  1.00 33.45 ? 109 LEU A CG  1 
ATOM   860  C  CD1 . LEU A 1 109 ? 3.467   -6.869  -2.053  1.00 29.32 ? 109 LEU A CD1 1 
ATOM   861  C  CD2 . LEU A 1 109 ? 3.611   -6.732  -4.581  1.00 34.22 ? 109 LEU A CD2 1 
ATOM   862  N  N   . PHE A 1 110 ? 7.473   -3.425  -3.040  1.00 39.32 ? 110 PHE A N   1 
ATOM   863  C  CA  . PHE A 1 110 ? 7.946   -2.062  -2.927  1.00 34.61 ? 110 PHE A CA  1 
ATOM   864  C  C   . PHE A 1 110 ? 8.912   -1.758  -4.062  1.00 38.11 ? 110 PHE A C   1 
ATOM   865  O  O   . PHE A 1 110 ? 8.762   -0.756  -4.790  1.00 36.88 ? 110 PHE A O   1 
ATOM   866  C  CB  . PHE A 1 110 ? 8.651   -1.882  -1.571  1.00 36.07 ? 110 PHE A CB  1 
ATOM   867  C  CG  . PHE A 1 110 ? 8.950   -0.441  -1.207  1.00 37.68 ? 110 PHE A CG  1 
ATOM   868  C  CD1 . PHE A 1 110 ? 8.188   0.222   -0.247  1.00 38.15 ? 110 PHE A CD1 1 
ATOM   869  C  CD2 . PHE A 1 110 ? 10.005  0.251   -1.817  1.00 42.27 ? 110 PHE A CD2 1 
ATOM   870  C  CE1 . PHE A 1 110 ? 8.469   1.562   0.105   1.00 38.80 ? 110 PHE A CE1 1 
ATOM   871  C  CE2 . PHE A 1 110 ? 10.291  1.590   -1.471  1.00 42.58 ? 110 PHE A CE2 1 
ATOM   872  C  CZ  . PHE A 1 110 ? 9.519   2.241   -0.510  1.00 38.45 ? 110 PHE A CZ  1 
ATOM   873  N  N   . HIS A 1 111 ? 9.902   -2.624  -4.240  1.00 42.80 ? 111 HIS A N   1 
ATOM   874  C  CA  . HIS A 1 111 ? 10.904  -2.364  -5.276  1.00 47.14 ? 111 HIS A CA  1 
ATOM   875  C  C   . HIS A 1 111 ? 10.340  -2.319  -6.687  1.00 41.58 ? 111 HIS A C   1 
ATOM   876  O  O   . HIS A 1 111 ? 10.755  -1.477  -7.494  1.00 40.18 ? 111 HIS A O   1 
ATOM   877  C  CB  . HIS A 1 111 ? 12.079  -3.359  -5.161  1.00 50.21 ? 111 HIS A CB  1 
ATOM   878  C  CG  . HIS A 1 111 ? 13.090  -2.958  -4.127  1.00 61.65 ? 111 HIS A CG  1 
ATOM   879  N  ND1 . HIS A 1 111 ? 14.370  -2.555  -4.451  1.00 61.43 ? 111 HIS A ND1 1 
ATOM   880  C  CD2 . HIS A 1 111 ? 12.989  -2.835  -2.779  1.00 64.52 ? 111 HIS A CD2 1 
ATOM   881  C  CE1 . HIS A 1 111 ? 15.009  -2.199  -3.348  1.00 61.23 ? 111 HIS A CE1 1 
ATOM   882  N  NE2 . HIS A 1 111 ? 14.194  -2.358  -2.320  1.00 59.43 ? 111 HIS A NE2 1 
ATOM   883  N  N   . GLU A 1 112 ? 9.404   -3.214  -6.989  1.00 36.88 ? 112 GLU A N   1 
ATOM   884  C  CA  . GLU A 1 112 ? 8.757   -3.224  -8.299  1.00 36.47 ? 112 GLU A CA  1 
ATOM   885  C  C   . GLU A 1 112 ? 8.028   -1.901  -8.577  1.00 38.04 ? 112 GLU A C   1 
ATOM   886  O  O   . GLU A 1 112 ? 8.179   -1.333  -9.663  1.00 36.04 ? 112 GLU A O   1 
ATOM   887  C  CB  . GLU A 1 112 ? 7.745   -4.357  -8.393  1.00 42.47 ? 112 GLU A CB  1 
ATOM   888  C  CG  . GLU A 1 112 ? 8.384   -5.695  -8.642  1.00 57.76 ? 112 GLU A CG  1 
ATOM   889  C  CD  . GLU A 1 112 ? 9.037   -5.747  -9.995  1.00 63.29 ? 112 GLU A CD  1 
ATOM   890  O  OE1 . GLU A 1 112 ? 8.293   -5.897  -11.000 1.00 68.19 ? 112 GLU A OE1 1 
ATOM   891  O  OE2 . GLU A 1 112 ? 10.284  -5.616  -10.047 1.00 65.27 ? 112 GLU A OE2 1 
ATOM   892  N  N   . GLY A 1 113 ? 7.235   -1.420  -7.609  1.00 33.21 ? 113 GLY A N   1 
ATOM   893  C  CA  . GLY A 1 113 ? 6.527   -0.163  -7.793  1.00 32.92 ? 113 GLY A CA  1 
ATOM   894  C  C   . GLY A 1 113 ? 7.473   1.038   -7.887  1.00 35.86 ? 113 GLY A C   1 
ATOM   895  O  O   . GLY A 1 113 ? 7.302   1.900   -8.755  1.00 33.17 ? 113 GLY A O   1 
ATOM   896  N  N   . ALA A 1 114 ? 8.467   1.112   -6.996  1.00 32.59 ? 114 ALA A N   1 
ATOM   897  C  CA  . ALA A 1 114 ? 9.408   2.240   -7.018  1.00 35.30 ? 114 ALA A CA  1 
ATOM   898  C  C   . ALA A 1 114 ? 10.138  2.267   -8.369  1.00 39.24 ? 114 ALA A C   1 
ATOM   899  O  O   . ALA A 1 114 ? 10.401  3.332   -8.938  1.00 39.19 ? 114 ALA A O   1 
ATOM   900  C  CB  . ALA A 1 114 ? 10.408  2.139   -5.846  1.00 28.61 ? 114 ALA A CB  1 
ATOM   901  N  N   . ARG A 1 115 ? 10.408  1.091   -8.917  1.00 39.77 ? 115 ARG A N   1 
ATOM   902  C  CA  . ARG A 1 115 ? 11.096  1.011   -10.194 1.00 39.39 ? 115 ARG A CA  1 
ATOM   903  C  C   . ARG A 1 115 ? 10.218  1.598   -11.295 1.00 40.63 ? 115 ARG A C   1 
ATOM   904  O  O   . ARG A 1 115 ? 10.694  2.363   -12.149 1.00 37.77 ? 115 ARG A O   1 
ATOM   905  C  CB  . ARG A 1 115 ? 11.418  -0.448  -10.475 1.00 47.87 ? 115 ARG A CB  1 
ATOM   906  C  CG  . ARG A 1 115 ? 12.401  -0.696  -11.592 1.00 63.44 ? 115 ARG A CG  1 
ATOM   907  C  CD  . ARG A 1 115 ? 12.804  -2.172  -11.621 1.00 70.56 ? 115 ARG A CD  1 
ATOM   908  N  NE  . ARG A 1 115 ? 13.325  -2.603  -10.325 1.00 79.86 ? 115 ARG A NE  1 
ATOM   909  C  CZ  . ARG A 1 115 ? 13.603  -3.867  -10.002 1.00 87.01 ? 115 ARG A CZ  1 
ATOM   910  N  NH1 . ARG A 1 115 ? 13.413  -4.837  -10.890 1.00 89.99 ? 115 ARG A NH1 1 
ATOM   911  N  NH2 . ARG A 1 115 ? 14.054  -4.164  -8.783  1.00 83.21 ? 115 ARG A NH2 1 
ATOM   912  N  N   . LEU A 1 116 ? 8.928   1.253   -11.270 1.00 38.69 ? 116 LEU A N   1 
ATOM   913  C  CA  . LEU A 1 116 ? 7.988   1.744   -12.260 1.00 32.52 ? 116 LEU A CA  1 
ATOM   914  C  C   . LEU A 1 116 ? 7.734   3.241   -12.083 1.00 33.79 ? 116 LEU A C   1 
ATOM   915  O  O   . LEU A 1 116 ? 7.700   3.983   -13.068 1.00 39.21 ? 116 LEU A O   1 
ATOM   916  C  CB  . LEU A 1 116 ? 6.669   0.967   -12.185 1.00 36.22 ? 116 LEU A CB  1 
ATOM   917  C  CG  . LEU A 1 116 ? 5.555   1.466   -13.125 1.00 37.02 ? 116 LEU A CG  1 
ATOM   918  C  CD1 . LEU A 1 116 ? 6.020   1.431   -14.565 1.00 38.44 ? 116 LEU A CD1 1 
ATOM   919  C  CD2 . LEU A 1 116 ? 4.305   0.572   -12.960 1.00 37.27 ? 116 LEU A CD2 1 
ATOM   920  N  N   . LEU A 1 117 ? 7.569   3.700   -10.848 1.00 34.73 ? 117 LEU A N   1 
ATOM   921  C  CA  . LEU A 1 117 ? 7.359   5.135   -10.637 1.00 36.52 ? 117 LEU A CA  1 
ATOM   922  C  C   . LEU A 1 117 ? 8.603   5.917   -11.114 1.00 40.60 ? 117 LEU A C   1 
ATOM   923  O  O   . LEU A 1 117 ? 8.508   7.033   -11.638 1.00 34.33 ? 117 LEU A O   1 
ATOM   924  C  CB  . LEU A 1 117 ? 7.125   5.433   -9.165  1.00 36.67 ? 117 LEU A CB  1 
ATOM   925  C  CG  . LEU A 1 117 ? 5.791   5.040   -8.533  1.00 35.71 ? 117 LEU A CG  1 
ATOM   926  C  CD1 . LEU A 1 117 ? 5.873   5.353   -7.045  1.00 35.11 ? 117 LEU A CD1 1 
ATOM   927  C  CD2 . LEU A 1 117 ? 4.643   5.785   -9.184  1.00 31.99 ? 117 LEU A CD2 1 
ATOM   928  N  N   . GLN A 1 118 ? 9.777   5.335   -10.902 1.00 37.40 ? 118 GLN A N   1 
ATOM   929  C  CA  . GLN A 1 118 ? 11.021  5.955   -11.348 1.00 41.88 ? 118 GLN A CA  1 
ATOM   930  C  C   . GLN A 1 118 ? 11.035  6.073   -12.888 1.00 42.23 ? 118 GLN A C   1 
ATOM   931  O  O   . GLN A 1 118 ? 11.365  7.116   -13.437 1.00 42.51 ? 118 GLN A O   1 
ATOM   932  C  CB  . GLN A 1 118 ? 12.196  5.108   -10.880 1.00 43.81 ? 118 GLN A CB  1 
ATOM   933  C  CG  . GLN A 1 118 ? 13.539  5.661   -11.231 1.00 48.96 ? 118 GLN A CG  1 
ATOM   934  C  CD  . GLN A 1 118 ? 14.625  4.761   -10.695 1.00 55.51 ? 118 GLN A CD  1 
ATOM   935  O  OE1 . GLN A 1 118 ? 14.764  3.606   -11.119 1.00 54.23 ? 118 GLN A OE1 1 
ATOM   936  N  NE2 . GLN A 1 118 ? 15.388  5.270   -9.748  1.00 54.32 ? 118 GLN A NE2 1 
ATOM   937  N  N   . ALA A 1 119 ? 10.635  5.009   -13.574 1.00 39.55 ? 119 ALA A N   1 
ATOM   938  C  CA  . ALA A 1 119 ? 10.618  5.007   -15.022 1.00 41.18 ? 119 ALA A CA  1 
ATOM   939  C  C   . ALA A 1 119 ? 9.582   5.982   -15.558 1.00 45.03 ? 119 ALA A C   1 
ATOM   940  O  O   . ALA A 1 119 ? 9.736   6.500   -16.659 1.00 41.23 ? 119 ALA A O   1 
ATOM   941  C  CB  . ALA A 1 119 ? 10.318  3.590   -15.557 1.00 38.55 ? 119 ALA A CB  1 
ATOM   942  N  N   . GLU A 1 120 ? 8.519   6.218   -14.792 1.00 41.18 ? 120 GLU A N   1 
ATOM   943  C  CA  . GLU A 1 120 ? 7.481   7.139   -15.223 1.00 38.21 ? 120 GLU A CA  1 
ATOM   944  C  C   . GLU A 1 120 ? 7.856   8.592   -14.917 1.00 38.76 ? 120 GLU A C   1 
ATOM   945  O  O   . GLU A 1 120 ? 7.102   9.516   -15.223 1.00 40.51 ? 120 GLU A O   1 
ATOM   946  C  CB  . GLU A 1 120 ? 6.145   6.773   -14.571 1.00 37.49 ? 120 GLU A CB  1 
ATOM   947  C  CG  . GLU A 1 120 ? 5.671   5.397   -14.985 1.00 41.27 ? 120 GLU A CG  1 
ATOM   948  C  CD  . GLU A 1 120 ? 4.186   5.183   -14.747 1.00 48.91 ? 120 GLU A CD  1 
ATOM   949  O  OE1 . GLU A 1 120 ? 3.558   6.012   -14.052 1.00 43.69 ? 120 GLU A OE1 1 
ATOM   950  O  OE2 . GLU A 1 120 ? 3.649   4.174   -15.252 1.00 48.87 ? 120 GLU A OE2 1 
ATOM   951  N  N   . GLY A 1 121 ? 9.018   8.792   -14.299 1.00 39.39 ? 121 GLY A N   1 
ATOM   952  C  CA  . GLY A 1 121 ? 9.466   10.145  -14.026 1.00 36.72 ? 121 GLY A CA  1 
ATOM   953  C  C   . GLY A 1 121 ? 9.038   10.854  -12.755 1.00 39.98 ? 121 GLY A C   1 
ATOM   954  O  O   . GLY A 1 121 ? 8.957   12.090  -12.735 1.00 42.46 ? 121 GLY A O   1 
ATOM   955  N  N   . TYR A 1 122 ? 8.737   10.108  -11.701 1.00 35.09 ? 122 TYR A N   1 
ATOM   956  C  CA  . TYR A 1 122 ? 8.403   10.733  -10.429 1.00 34.74 ? 122 TYR A CA  1 
ATOM   957  C  C   . TYR A 1 122 ? 9.764   10.814  -9.709  1.00 36.24 ? 122 TYR A C   1 
ATOM   958  O  O   . TYR A 1 122 ? 10.489  9.829   -9.658  1.00 36.42 ? 122 TYR A O   1 
ATOM   959  C  CB  . TYR A 1 122 ? 7.450   9.851   -9.614  1.00 35.53 ? 122 TYR A CB  1 
ATOM   960  C  CG  . TYR A 1 122 ? 6.040   9.712   -10.187 1.00 36.59 ? 122 TYR A CG  1 
ATOM   961  C  CD1 . TYR A 1 122 ? 5.040   10.610  -9.813  1.00 27.68 ? 122 TYR A CD1 1 
ATOM   962  C  CD2 . TYR A 1 122 ? 5.704   8.649   -11.054 1.00 30.15 ? 122 TYR A CD2 1 
ATOM   963  C  CE1 . TYR A 1 122 ? 3.732   10.465  -10.256 1.00 31.60 ? 122 TYR A CE1 1 
ATOM   964  C  CE2 . TYR A 1 122 ? 4.392   8.494   -11.525 1.00 33.89 ? 122 TYR A CE2 1 
ATOM   965  C  CZ  . TYR A 1 122 ? 3.403   9.419   -11.101 1.00 36.79 ? 122 TYR A CZ  1 
ATOM   966  O  OH  . TYR A 1 122 ? 2.075   9.279   -11.450 1.00 39.18 ? 122 TYR A OH  1 
ATOM   967  N  N   . GLY A 1 123 ? 10.094  11.980  -9.163  1.00 36.53 ? 123 GLY A N   1 
ATOM   968  C  CA  . GLY A 1 123 ? 11.357  12.156  -8.484  1.00 35.63 ? 123 GLY A CA  1 
ATOM   969  C  C   . GLY A 1 123 ? 11.424  11.524  -7.104  1.00 38.37 ? 123 GLY A C   1 
ATOM   970  O  O   . GLY A 1 123 ? 12.441  10.932  -6.738  1.00 37.55 ? 123 GLY A O   1 
ATOM   971  N  N   . ARG A 1 124 ? 10.357  11.672  -6.327  1.00 35.41 ? 124 ARG A N   1 
ATOM   972  C  CA  . ARG A 1 124 ? 10.298  11.125  -4.984  1.00 34.26 ? 124 ARG A CA  1 
ATOM   973  C  C   . ARG A 1 124 ? 8.891   10.626  -4.646  1.00 37.86 ? 124 ARG A C   1 
ATOM   974  O  O   . ARG A 1 124 ? 7.868   11.134  -5.152  1.00 36.43 ? 124 ARG A O   1 
ATOM   975  C  CB  . ARG A 1 124 ? 10.693  12.163  -3.940  1.00 33.15 ? 124 ARG A CB  1 
ATOM   976  C  CG  . ARG A 1 124 ? 12.076  12.802  -4.124  1.00 43.83 ? 124 ARG A CG  1 
ATOM   977  C  CD  . ARG A 1 124 ? 12.315  13.680  -2.915  1.00 48.46 ? 124 ARG A CD  1 
ATOM   978  N  NE  . ARG A 1 124 ? 13.457  14.583  -3.017  1.00 60.69 ? 124 ARG A NE  1 
ATOM   979  C  CZ  . ARG A 1 124 ? 13.538  15.646  -3.827  1.00 68.92 ? 124 ARG A CZ  1 
ATOM   980  N  NH1 . ARG A 1 124 ? 12.542  15.981  -4.661  1.00 58.68 ? 124 ARG A NH1 1 
ATOM   981  N  NH2 . ARG A 1 124 ? 14.634  16.402  -3.779  1.00 68.63 ? 124 ARG A NH2 1 
HETATM 982  N  N   . MSE A 1 125 ? 8.870   9.647   -3.751  1.00 35.76 ? 125 MSE A N   1 
HETATM 983  C  CA  . MSE A 1 125 ? 7.655   9.001   -3.307  1.00 32.56 ? 125 MSE A CA  1 
HETATM 984  C  C   . MSE A 1 125 ? 7.538   9.029   -1.819  1.00 35.97 ? 125 MSE A C   1 
HETATM 985  O  O   . MSE A 1 125 ? 8.536   8.815   -1.082  1.00 34.38 ? 125 MSE A O   1 
HETATM 986  C  CB  . MSE A 1 125 ? 7.661   7.538   -3.756  1.00 27.21 ? 125 MSE A CB  1 
HETATM 987  C  CG  . MSE A 1 125 ? 6.345   6.772   -3.421  1.00 37.68 ? 125 MSE A CG  1 
HETATM 988  SE SE  . MSE A 1 125 ? 6.679   4.820   -3.687  1.00 53.17 ? 125 MSE A SE  1 
HETATM 989  C  CE  . MSE A 1 125 ? 7.483   4.490   -1.921  1.00 51.62 ? 125 MSE A CE  1 
ATOM   990  N  N   . LEU A 1 126 ? 6.323   9.316   -1.353  1.00 27.56 ? 126 LEU A N   1 
ATOM   991  C  CA  . LEU A 1 126 ? 6.062   9.273   0.079   1.00 30.13 ? 126 LEU A CA  1 
ATOM   992  C  C   . LEU A 1 126 ? 5.022   8.167   0.388   1.00 31.56 ? 126 LEU A C   1 
ATOM   993  O  O   . LEU A 1 126 ? 4.440   7.579   -0.542  1.00 32.42 ? 126 LEU A O   1 
ATOM   994  C  CB  . LEU A 1 126 ? 5.570   10.629  0.590   1.00 33.05 ? 126 LEU A CB  1 
ATOM   995  C  CG  . LEU A 1 126 ? 4.334   11.327  0.010   1.00 39.22 ? 126 LEU A CG  1 
ATOM   996  C  CD1 . LEU A 1 126 ? 3.052   10.595  0.404   1.00 33.75 ? 126 LEU A CD1 1 
ATOM   997  C  CD2 . LEU A 1 126 ? 4.280   12.766  0.591   1.00 35.40 ? 126 LEU A CD2 1 
ATOM   998  N  N   . VAL A 1 127 ? 4.820   7.884   1.678   1.00 34.16 ? 127 VAL A N   1 
ATOM   999  C  CA  . VAL A 1 127 ? 3.836   6.893   2.108   1.00 36.49 ? 127 VAL A CA  1 
ATOM   1000 C  C   . VAL A 1 127 ? 3.272   7.309   3.459   1.00 37.20 ? 127 VAL A C   1 
ATOM   1001 O  O   . VAL A 1 127 ? 4.007   7.770   4.342   1.00 34.59 ? 127 VAL A O   1 
ATOM   1002 C  CB  . VAL A 1 127 ? 4.446   5.466   2.223   1.00 34.53 ? 127 VAL A CB  1 
ATOM   1003 C  CG1 . VAL A 1 127 ? 5.536   5.442   3.293   1.00 31.64 ? 127 VAL A CG1 1 
ATOM   1004 C  CG2 . VAL A 1 127 ? 3.326   4.441   2.588   1.00 33.42 ? 127 VAL A CG2 1 
ATOM   1005 N  N   . TRP A 1 128 ? 1.956   7.176   3.614   1.00 36.73 ? 128 TRP A N   1 
ATOM   1006 C  CA  . TRP A 1 128 ? 1.287   7.513   4.884   1.00 35.74 ? 128 TRP A CA  1 
ATOM   1007 C  C   . TRP A 1 128 ? 1.001   6.216   5.630   1.00 38.74 ? 128 TRP A C   1 
ATOM   1008 O  O   . TRP A 1 128 ? 0.548   5.221   5.042   1.00 33.11 ? 128 TRP A O   1 
ATOM   1009 C  CB  . TRP A 1 128 ? -0.028  8.278   4.648   1.00 34.10 ? 128 TRP A CB  1 
ATOM   1010 C  CG  . TRP A 1 128 ? 0.190   9.698   4.216   1.00 36.42 ? 128 TRP A CG  1 
ATOM   1011 C  CD1 . TRP A 1 128 ? 0.152   10.190  2.943   1.00 38.03 ? 128 TRP A CD1 1 
ATOM   1012 C  CD2 . TRP A 1 128 ? 0.473   10.805  5.073   1.00 31.42 ? 128 TRP A CD2 1 
ATOM   1013 N  NE1 . TRP A 1 128 ? 0.381   11.550  2.957   1.00 42.80 ? 128 TRP A NE1 1 
ATOM   1014 C  CE2 . TRP A 1 128 ? 0.582   11.956  4.249   1.00 40.21 ? 128 TRP A CE2 1 
ATOM   1015 C  CE3 . TRP A 1 128 ? 0.646   10.937  6.463   1.00 29.51 ? 128 TRP A CE3 1 
ATOM   1016 C  CZ2 . TRP A 1 128 ? 0.851   13.237  4.766   1.00 36.84 ? 128 TRP A CZ2 1 
ATOM   1017 C  CZ3 . TRP A 1 128 ? 0.919   12.220  6.997   1.00 33.42 ? 128 TRP A CZ3 1 
ATOM   1018 C  CH2 . TRP A 1 128 ? 1.018   13.353  6.139   1.00 36.77 ? 128 TRP A CH2 1 
ATOM   1019 N  N   . VAL A 1 129 ? 1.288   6.219   6.927   1.00 36.43 ? 129 VAL A N   1 
ATOM   1020 C  CA  . VAL A 1 129 ? 1.098   5.018   7.727   1.00 39.38 ? 129 VAL A CA  1 
ATOM   1021 C  C   . VAL A 1 129 ? 0.622   5.462   9.099   1.00 39.39 ? 129 VAL A C   1 
ATOM   1022 O  O   . VAL A 1 129 ? 1.011   6.556   9.571   1.00 33.46 ? 129 VAL A O   1 
ATOM   1023 C  CB  . VAL A 1 129 ? 2.441   4.228   7.810   1.00 41.53 ? 129 VAL A CB  1 
ATOM   1024 C  CG1 . VAL A 1 129 ? 3.546   5.166   8.244   1.00 37.24 ? 129 VAL A CG1 1 
ATOM   1025 C  CG2 . VAL A 1 129 ? 2.334   3.030   8.778   1.00 34.11 ? 129 VAL A CG2 1 
ATOM   1026 N  N   . LEU A 1 130 ? -0.244  4.653   9.724   1.00 35.84 ? 130 LEU A N   1 
ATOM   1027 C  CA  . LEU A 1 130 ? -0.767  4.994   11.067  1.00 36.44 ? 130 LEU A CA  1 
ATOM   1028 C  C   . LEU A 1 130 ? 0.369   5.161   12.089  1.00 38.46 ? 130 LEU A C   1 
ATOM   1029 O  O   . LEU A 1 130 ? 1.310   4.350   12.151  1.00 32.69 ? 130 LEU A O   1 
ATOM   1030 C  CB  . LEU A 1 130 ? -1.754  3.924   11.567  1.00 37.88 ? 130 LEU A CB  1 
ATOM   1031 C  CG  . LEU A 1 130 ? -3.089  3.837   10.790  1.00 40.08 ? 130 LEU A CG  1 
ATOM   1032 C  CD1 . LEU A 1 130 ? -3.999  2.790   11.441  1.00 38.73 ? 130 LEU A CD1 1 
ATOM   1033 C  CD2 . LEU A 1 130 ? -3.784  5.190   10.811  1.00 37.34 ? 130 LEU A CD2 1 
ATOM   1034 N  N   . LYS A 1 131 ? 0.296   6.234   12.871  1.00 35.24 ? 131 LYS A N   1 
ATOM   1035 C  CA  . LYS A 1 131 ? 1.325   6.482   13.863  1.00 36.92 ? 131 LYS A CA  1 
ATOM   1036 C  C   . LYS A 1 131 ? 1.465   5.222   14.731  1.00 43.08 ? 131 LYS A C   1 
ATOM   1037 O  O   . LYS A 1 131 ? 2.585   4.786   15.060  1.00 40.00 ? 131 LYS A O   1 
ATOM   1038 C  CB  . LYS A 1 131 ? 0.946   7.707   14.702  1.00 37.36 ? 131 LYS A CB  1 
ATOM   1039 C  CG  . LYS A 1 131 ? 1.859   7.981   15.894  1.00 40.07 ? 131 LYS A CG  1 
ATOM   1040 C  CD  . LYS A 1 131 ? 1.285   9.108   16.772  1.00 41.13 ? 131 LYS A CD  1 
ATOM   1041 C  CE  . LYS A 1 131 ? 2.162   9.392   18.015  1.00 37.12 ? 131 LYS A CE  1 
ATOM   1042 N  NZ  . LYS A 1 131 ? 3.505   10.029  17.677  1.00 42.94 ? 131 LYS A NZ  1 
ATOM   1043 N  N   . GLU A 1 132 ? 0.327   4.603   15.049  1.00 43.67 ? 132 GLU A N   1 
ATOM   1044 C  CA  . GLU A 1 132 ? 0.328   3.403   15.875  1.00 43.57 ? 132 GLU A CA  1 
ATOM   1045 C  C   . GLU A 1 132 ? 0.434   2.066   15.137  1.00 44.25 ? 132 GLU A C   1 
ATOM   1046 O  O   . GLU A 1 132 ? -0.045  1.061   15.639  1.00 44.71 ? 132 GLU A O   1 
ATOM   1047 C  CB  . GLU A 1 132 ? -0.914  3.370   16.784  1.00 46.11 ? 132 GLU A CB  1 
ATOM   1048 C  CG  . GLU A 1 132 ? -1.060  4.575   17.725  1.00 56.61 ? 132 GLU A CG  1 
ATOM   1049 C  CD  . GLU A 1 132 ? 0.170   4.801   18.607  1.00 60.93 ? 132 GLU A CD  1 
ATOM   1050 O  OE1 . GLU A 1 132 ? 0.817   3.806   19.003  1.00 66.17 ? 132 GLU A OE1 1 
ATOM   1051 O  OE2 . GLU A 1 132 ? 0.483   5.976   18.919  1.00 62.10 ? 132 GLU A OE2 1 
ATOM   1052 N  N   . ASN A 1 133 ? 1.054   2.043   13.961  1.00 36.92 ? 133 ASN A N   1 
ATOM   1053 C  CA  . ASN A 1 133 ? 1.253   0.788   13.232  1.00 35.15 ? 133 ASN A CA  1 
ATOM   1054 C  C   . ASN A 1 133 ? 2.775   0.516   13.113  1.00 36.11 ? 133 ASN A C   1 
ATOM   1055 O  O   . ASN A 1 133 ? 3.421   0.887   12.107  1.00 34.17 ? 133 ASN A O   1 
ATOM   1056 C  CB  . ASN A 1 133 ? 0.594   0.871   11.830  1.00 31.30 ? 133 ASN A CB  1 
ATOM   1057 C  CG  . ASN A 1 133 ? 0.996   -0.292  10.930  1.00 34.11 ? 133 ASN A CG  1 
ATOM   1058 O  OD1 . ASN A 1 133 ? 1.500   -1.310  11.412  1.00 35.65 ? 133 ASN A OD1 1 
ATOM   1059 N  ND2 . ASN A 1 133 ? 0.779   -0.148  9.627   1.00 34.64 ? 133 ASN A ND2 1 
ATOM   1060 N  N   . PRO A 1 134 ? 3.372   -0.125  14.148  1.00 41.57 ? 134 PRO A N   1 
ATOM   1061 C  CA  . PRO A 1 134 ? 4.807   -0.481  14.253  1.00 40.37 ? 134 PRO A CA  1 
ATOM   1062 C  C   . PRO A 1 134 ? 5.306   -1.354  13.126  1.00 40.75 ? 134 PRO A C   1 
ATOM   1063 O  O   . PRO A 1 134 ? 6.467   -1.244  12.734  1.00 40.45 ? 134 PRO A O   1 
ATOM   1064 C  CB  . PRO A 1 134 ? 4.907   -1.243  15.579  1.00 42.31 ? 134 PRO A CB  1 
ATOM   1065 C  CG  . PRO A 1 134 ? 3.692   -0.832  16.340  1.00 48.23 ? 134 PRO A CG  1 
ATOM   1066 C  CD  . PRO A 1 134 ? 2.617   -0.609  15.319  1.00 41.10 ? 134 PRO A CD  1 
ATOM   1067 N  N   . LYS A 1 135 ? 4.437   -2.243  12.635  1.00 39.30 ? 135 LYS A N   1 
ATOM   1068 C  CA  . LYS A 1 135 ? 4.776   -3.153  11.540  1.00 39.57 ? 135 LYS A CA  1 
ATOM   1069 C  C   . LYS A 1 135 ? 5.133   -2.375  10.279  1.00 39.07 ? 135 LYS A C   1 
ATOM   1070 O  O   . LYS A 1 135 ? 6.225   -2.545  9.699   1.00 41.00 ? 135 LYS A O   1 
ATOM   1071 C  CB  . LYS A 1 135 ? 3.593   -4.082  11.168  1.00 45.83 ? 135 LYS A CB  1 
ATOM   1072 C  CG  . LYS A 1 135 ? 3.363   -5.281  12.059  1.00 51.55 ? 135 LYS A CG  1 
ATOM   1073 C  CD  . LYS A 1 135 ? 2.724   -6.460  11.286  1.00 47.59 ? 135 LYS A CD  1 
ATOM   1074 C  CE  . LYS A 1 135 ? 2.706   -7.689  12.185  1.00 50.46 ? 135 LYS A CE  1 
ATOM   1075 N  NZ  . LYS A 1 135 ? 2.021   -8.868  11.585  1.00 50.76 ? 135 LYS A NZ  1 
ATOM   1076 N  N   . GLY A 1 136 ? 4.191   -1.546  9.837   1.00 34.42 ? 136 GLY A N   1 
ATOM   1077 C  CA  . GLY A 1 136 ? 4.428   -0.770  8.640   1.00 36.25 ? 136 GLY A CA  1 
ATOM   1078 C  C   . GLY A 1 136 ? 5.563   0.232   8.859   1.00 37.62 ? 136 GLY A C   1 
ATOM   1079 O  O   . GLY A 1 136 ? 6.417   0.430   7.991   1.00 33.72 ? 136 GLY A O   1 
ATOM   1080 N  N   . ARG A 1 137 ? 5.582   0.850   10.031  1.00 35.03 ? 137 ARG A N   1 
ATOM   1081 C  CA  . ARG A 1 137 ? 6.602   1.854   10.330  1.00 38.17 ? 137 ARG A CA  1 
ATOM   1082 C  C   . ARG A 1 137 ? 7.984   1.271   10.319  1.00 36.77 ? 137 ARG A C   1 
ATOM   1083 O  O   . ARG A 1 137 ? 8.899   1.848   9.710   1.00 37.75 ? 137 ARG A O   1 
ATOM   1084 C  CB  . ARG A 1 137 ? 6.328   2.478   11.683  1.00 39.66 ? 137 ARG A CB  1 
ATOM   1085 C  CG  . ARG A 1 137 ? 5.121   3.419   11.648  1.00 41.74 ? 137 ARG A CG  1 
ATOM   1086 C  CD  . ARG A 1 137 ? 5.666   4.779   11.862  1.00 52.21 ? 137 ARG A CD  1 
ATOM   1087 N  NE  . ARG A 1 137 ? 5.197   5.269   13.118  1.00 45.29 ? 137 ARG A NE  1 
ATOM   1088 C  CZ  . ARG A 1 137 ? 5.761   6.230   13.828  1.00 42.51 ? 137 ARG A CZ  1 
ATOM   1089 N  NH1 . ARG A 1 137 ? 6.873   6.855   13.440  1.00 40.51 ? 137 ARG A NH1 1 
ATOM   1090 N  NH2 . ARG A 1 137 ? 5.158   6.580   14.933  1.00 33.57 ? 137 ARG A NH2 1 
ATOM   1091 N  N   . GLY A 1 138 ? 8.125   0.125   10.992  1.00 36.65 ? 138 GLY A N   1 
ATOM   1092 C  CA  . GLY A 1 138 ? 9.413   -0.554  11.069  1.00 35.03 ? 138 GLY A CA  1 
ATOM   1093 C  C   . GLY A 1 138 ? 9.900   -0.940  9.702   1.00 38.85 ? 138 GLY A C   1 
ATOM   1094 O  O   . GLY A 1 138 ? 11.096  -0.845  9.408   1.00 37.47 ? 138 GLY A O   1 
ATOM   1095 N  N   . PHE A 1 139 ? 8.964   -1.366  8.852   1.00 34.47 ? 139 PHE A N   1 
ATOM   1096 C  CA  . PHE A 1 139 ? 9.274   -1.765  7.470   1.00 34.70 ? 139 PHE A CA  1 
ATOM   1097 C  C   . PHE A 1 139 ? 9.826   -0.551  6.678   1.00 35.87 ? 139 PHE A C   1 
ATOM   1098 O  O   . PHE A 1 139 ? 10.866  -0.644  6.006   1.00 37.59 ? 139 PHE A O   1 
ATOM   1099 C  CB  . PHE A 1 139 ? 7.971   -2.290  6.788   1.00 34.23 ? 139 PHE A CB  1 
ATOM   1100 C  CG  . PHE A 1 139 ? 8.085   -2.519  5.295   1.00 36.25 ? 139 PHE A CG  1 
ATOM   1101 C  CD1 . PHE A 1 139 ? 8.895   -3.545  4.781   1.00 38.74 ? 139 PHE A CD1 1 
ATOM   1102 C  CD2 . PHE A 1 139 ? 7.336   -1.748  4.401   1.00 35.78 ? 139 PHE A CD2 1 
ATOM   1103 C  CE1 . PHE A 1 139 ? 8.946   -3.803  3.402   1.00 33.28 ? 139 PHE A CE1 1 
ATOM   1104 C  CE2 . PHE A 1 139 ? 7.379   -1.997  3.022   1.00 39.35 ? 139 PHE A CE2 1 
ATOM   1105 C  CZ  . PHE A 1 139 ? 8.191   -3.035  2.520   1.00 38.02 ? 139 PHE A CZ  1 
ATOM   1106 N  N   . TYR A 1 140 ? 9.127   0.580   6.741   1.00 32.96 ? 140 TYR A N   1 
ATOM   1107 C  CA  . TYR A 1 140 ? 9.570   1.755   5.990   1.00 37.11 ? 140 TYR A CA  1 
ATOM   1108 C  C   . TYR A 1 140 ? 10.882  2.296   6.521   1.00 38.51 ? 140 TYR A C   1 
ATOM   1109 O  O   . TYR A 1 140 ? 11.768  2.606   5.726   1.00 43.97 ? 140 TYR A O   1 
ATOM   1110 C  CB  . TYR A 1 140 ? 8.509   2.859   6.006   1.00 33.36 ? 140 TYR A CB  1 
ATOM   1111 C  CG  . TYR A 1 140 ? 7.268   2.424   5.238   1.00 35.47 ? 140 TYR A CG  1 
ATOM   1112 C  CD1 . TYR A 1 140 ? 7.357   1.971   3.914   1.00 30.55 ? 140 TYR A CD1 1 
ATOM   1113 C  CD2 . TYR A 1 140 ? 6.023   2.422   5.860   1.00 31.25 ? 140 TYR A CD2 1 
ATOM   1114 C  CE1 . TYR A 1 140 ? 6.208   1.515   3.215   1.00 35.02 ? 140 TYR A CE1 1 
ATOM   1115 C  CE2 . TYR A 1 140 ? 4.878   1.977   5.194   1.00 35.27 ? 140 TYR A CE2 1 
ATOM   1116 C  CZ  . TYR A 1 140 ? 4.973   1.533   3.890   1.00 32.84 ? 140 TYR A CZ  1 
ATOM   1117 O  OH  . TYR A 1 140 ? 3.810   1.155   3.270   1.00 40.17 ? 140 TYR A OH  1 
ATOM   1118 N  N   . GLU A 1 141 ? 11.004  2.413   7.845   1.00 38.05 ? 141 GLU A N   1 
ATOM   1119 C  CA  . GLU A 1 141 ? 12.254  2.898   8.431   1.00 42.80 ? 141 GLU A CA  1 
ATOM   1120 C  C   . GLU A 1 141 ? 13.421  2.030   7.991   1.00 44.10 ? 141 GLU A C   1 
ATOM   1121 O  O   . GLU A 1 141 ? 14.452  2.543   7.559   1.00 51.44 ? 141 GLU A O   1 
ATOM   1122 C  CB  . GLU A 1 141 ? 12.146  2.946   9.946   1.00 36.31 ? 141 GLU A CB  1 
ATOM   1123 C  CG  . GLU A 1 141 ? 11.257  4.094   10.344  1.00 45.87 ? 141 GLU A CG  1 
ATOM   1124 C  CD  . GLU A 1 141 ? 10.965  4.109   11.793  1.00 48.92 ? 141 GLU A CD  1 
ATOM   1125 O  OE1 . GLU A 1 141 ? 10.056  4.854   12.210  1.00 53.06 ? 141 GLU A OE1 1 
ATOM   1126 O  OE2 . GLU A 1 141 ? 11.647  3.363   12.523  1.00 59.57 ? 141 GLU A OE2 1 
ATOM   1127 N  N   . HIS A 1 142 ? 13.240  0.715   8.047   1.00 45.62 ? 142 HIS A N   1 
ATOM   1128 C  CA  . HIS A 1 142 ? 14.287  -0.206  7.632   1.00 44.82 ? 142 HIS A CA  1 
ATOM   1129 C  C   . HIS A 1 142 ? 14.680  0.017   6.190   1.00 45.62 ? 142 HIS A C   1 
ATOM   1130 O  O   . HIS A 1 142 ? 15.842  -0.109  5.831   1.00 45.81 ? 142 HIS A O   1 
ATOM   1131 C  CB  . HIS A 1 142 ? 13.838  -1.667  7.791   1.00 48.17 ? 142 HIS A CB  1 
ATOM   1132 C  CG  . HIS A 1 142 ? 14.933  -2.665  7.533   1.00 52.95 ? 142 HIS A CG  1 
ATOM   1133 N  ND1 . HIS A 1 142 ? 16.007  -2.833  8.385   1.00 52.70 ? 142 HIS A ND1 1 
ATOM   1134 C  CD2 . HIS A 1 142 ? 15.131  -3.535  6.508   1.00 57.05 ? 142 HIS A CD2 1 
ATOM   1135 C  CE1 . HIS A 1 142 ? 16.816  -3.761  7.898   1.00 49.94 ? 142 HIS A CE1 1 
ATOM   1136 N  NE2 . HIS A 1 142 ? 16.307  -4.202  6.761   1.00 51.68 ? 142 HIS A NE2 1 
ATOM   1137 N  N   . LEU A 1 143 ? 13.711  0.346   5.353   1.00 44.93 ? 143 LEU A N   1 
ATOM   1138 C  CA  . LEU A 1 143 ? 13.981  0.533   3.938   1.00 45.94 ? 143 LEU A CA  1 
ATOM   1139 C  C   . LEU A 1 143 ? 14.607  1.889   3.579   1.00 44.97 ? 143 LEU A C   1 
ATOM   1140 O  O   . LEU A 1 143 ? 14.927  2.127   2.420   1.00 48.29 ? 143 LEU A O   1 
ATOM   1141 C  CB  . LEU A 1 143 ? 12.690  0.297   3.128   1.00 42.63 ? 143 LEU A CB  1 
ATOM   1142 C  CG  . LEU A 1 143 ? 12.560  -1.012  2.322   1.00 51.11 ? 143 LEU A CG  1 
ATOM   1143 C  CD1 . LEU A 1 143 ? 13.007  -2.205  3.158   1.00 54.50 ? 143 LEU A CD1 1 
ATOM   1144 C  CD2 . LEU A 1 143 ? 11.125  -1.196  1.822   1.00 46.95 ? 143 LEU A CD2 1 
ATOM   1145 N  N   . GLY A 1 144 ? 14.775  2.768   4.559   1.00 46.69 ? 144 GLY A N   1 
ATOM   1146 C  CA  . GLY A 1 144 ? 15.367  4.063   4.267   1.00 52.74 ? 144 GLY A CA  1 
ATOM   1147 C  C   . GLY A 1 144 ? 14.434  5.269   4.314   1.00 53.79 ? 144 GLY A C   1 
ATOM   1148 O  O   . GLY A 1 144 ? 14.890  6.419   4.223   1.00 52.13 ? 144 GLY A O   1 
ATOM   1149 N  N   . GLY A 1 145 ? 13.134  5.026   4.465   1.00 47.92 ? 145 GLY A N   1 
ATOM   1150 C  CA  . GLY A 1 145 ? 12.189  6.125   4.516   1.00 36.97 ? 145 GLY A CA  1 
ATOM   1151 C  C   . GLY A 1 145 ? 12.513  7.106   5.619   1.00 39.08 ? 145 GLY A C   1 
ATOM   1152 O  O   . GLY A 1 145 ? 12.867  6.724   6.738   1.00 40.99 ? 145 GLY A O   1 
ATOM   1153 N  N   . VAL A 1 146 ? 12.388  8.392   5.311   1.00 37.18 ? 146 VAL A N   1 
ATOM   1154 C  CA  . VAL A 1 146 ? 12.655  9.432   6.300   1.00 35.53 ? 146 VAL A CA  1 
ATOM   1155 C  C   . VAL A 1 146 ? 11.325  10.041  6.747   1.00 36.32 ? 146 VAL A C   1 
ATOM   1156 O  O   . VAL A 1 146 ? 10.438  10.312  5.924   1.00 39.42 ? 146 VAL A O   1 
ATOM   1157 C  CB  . VAL A 1 146 ? 13.585  10.548  5.713   1.00 43.83 ? 146 VAL A CB  1 
ATOM   1158 C  CG1 . VAL A 1 146 ? 14.921  9.936   5.250   1.00 33.73 ? 146 VAL A CG1 1 
ATOM   1159 C  CG2 . VAL A 1 146 ? 12.904  11.228  4.538   1.00 51.28 ? 146 VAL A CG2 1 
ATOM   1160 N  N   . LEU A 1 147 ? 11.174  10.240  8.050   1.00 33.16 ? 147 LEU A N   1 
ATOM   1161 C  CA  . LEU A 1 147 ? 9.936   10.788  8.567   1.00 37.68 ? 147 LEU A CA  1 
ATOM   1162 C  C   . LEU A 1 147 ? 9.773   12.206  7.999   1.00 43.48 ? 147 LEU A C   1 
ATOM   1163 O  O   . LEU A 1 147 ? 10.684  13.017  8.110   1.00 37.86 ? 147 LEU A O   1 
ATOM   1164 C  CB  . LEU A 1 147 ? 9.990   10.794  10.090  1.00 37.38 ? 147 LEU A CB  1 
ATOM   1165 C  CG  . LEU A 1 147 ? 8.810   11.445  10.805  1.00 38.88 ? 147 LEU A CG  1 
ATOM   1166 C  CD1 . LEU A 1 147 ? 7.538   10.624  10.519  1.00 39.31 ? 147 LEU A CD1 1 
ATOM   1167 C  CD2 . LEU A 1 147 ? 9.084   11.488  12.317  1.00 36.58 ? 147 LEU A CD2 1 
ATOM   1168 N  N   . LEU A 1 148 ? 8.606   12.503  7.416   1.00 42.87 ? 148 LEU A N   1 
ATOM   1169 C  CA  . LEU A 1 148 ? 8.360   13.800  6.788   1.00 39.60 ? 148 LEU A CA  1 
ATOM   1170 C  C   . LEU A 1 148 ? 7.373   14.673  7.496   1.00 39.92 ? 148 LEU A C   1 
ATOM   1171 O  O   . LEU A 1 148 ? 7.473   15.893  7.457   1.00 40.75 ? 148 LEU A O   1 
ATOM   1172 C  CB  . LEU A 1 148 ? 7.823   13.627  5.357   1.00 37.43 ? 148 LEU A CB  1 
ATOM   1173 C  CG  . LEU A 1 148 ? 8.594   12.974  4.216   1.00 42.59 ? 148 LEU A CG  1 
ATOM   1174 C  CD1 . LEU A 1 148 ? 7.692   13.025  2.936   1.00 35.07 ? 148 LEU A CD1 1 
ATOM   1175 C  CD2 . LEU A 1 148 ? 9.923   13.743  3.970   1.00 35.73 ? 148 LEU A CD2 1 
ATOM   1176 N  N   . GLY A 1 149 ? 6.376   14.055  8.108   1.00 38.22 ? 149 GLY A N   1 
ATOM   1177 C  CA  . GLY A 1 149 ? 5.348   14.849  8.755   1.00 35.73 ? 149 GLY A CA  1 
ATOM   1178 C  C   . GLY A 1 149 ? 4.276   13.946  9.339   1.00 40.20 ? 149 GLY A C   1 
ATOM   1179 O  O   . GLY A 1 149 ? 4.436   12.722  9.389   1.00 37.90 ? 149 GLY A O   1 
ATOM   1180 N  N   . GLU A 1 150 ? 3.183   14.549  9.780   1.00 38.23 ? 150 GLU A N   1 
ATOM   1181 C  CA  . GLU A 1 150 ? 2.114   13.801  10.410  1.00 39.47 ? 150 GLU A CA  1 
ATOM   1182 C  C   . GLU A 1 150 ? 0.804   14.572  10.222  1.00 37.00 ? 150 GLU A C   1 
ATOM   1183 O  O   . GLU A 1 150 ? 0.806   15.769  9.963   1.00 38.17 ? 150 GLU A O   1 
ATOM   1184 C  CB  . GLU A 1 150 ? 2.433   13.665  11.919  1.00 42.00 ? 150 GLU A CB  1 
ATOM   1185 C  CG  . GLU A 1 150 ? 2.734   15.028  12.573  1.00 42.09 ? 150 GLU A CG  1 
ATOM   1186 C  CD  . GLU A 1 150 ? 3.134   14.948  14.053  1.00 39.66 ? 150 GLU A CD  1 
ATOM   1187 O  OE1 . GLU A 1 150 ? 3.819   13.986  14.464  1.00 41.92 ? 150 GLU A OE1 1 
ATOM   1188 O  OE2 . GLU A 1 150 ? 2.772   15.868  14.806  1.00 42.71 ? 150 GLU A OE2 1 
ATOM   1189 N  N   . ARG A 1 151 ? -0.317  13.877  10.336  1.00 35.97 ? 151 ARG A N   1 
ATOM   1190 C  CA  . ARG A 1 151 ? -1.615  14.526  10.226  1.00 36.83 ? 151 ARG A CA  1 
ATOM   1191 C  C   . ARG A 1 151 ? -2.635  13.650  10.933  1.00 41.23 ? 151 ARG A C   1 
ATOM   1192 O  O   . ARG A 1 151 ? -2.461  12.431  11.062  1.00 40.38 ? 151 ARG A O   1 
ATOM   1193 C  CB  . ARG A 1 151 ? -2.030  14.703  8.754   1.00 36.19 ? 151 ARG A CB  1 
ATOM   1194 C  CG  . ARG A 1 151 ? -2.334  13.393  8.022   1.00 36.34 ? 151 ARG A CG  1 
ATOM   1195 C  CD  . ARG A 1 151 ? -2.527  13.618  6.516   1.00 36.34 ? 151 ARG A CD  1 
ATOM   1196 N  NE  . ARG A 1 151 ? -2.711  12.331  5.846   1.00 36.15 ? 151 ARG A NE  1 
ATOM   1197 C  CZ  . ARG A 1 151 ? -2.693  12.164  4.528   1.00 40.10 ? 151 ARG A CZ  1 
ATOM   1198 N  NH1 . ARG A 1 151 ? -2.501  13.219  3.735   1.00 37.18 ? 151 ARG A NH1 1 
ATOM   1199 N  NH2 . ARG A 1 151 ? -2.844  10.941  4.009   1.00 35.44 ? 151 ARG A NH2 1 
ATOM   1200 N  N   . GLU A 1 152 ? -3.695  14.269  11.411  1.00 44.04 ? 152 GLU A N   1 
ATOM   1201 C  CA  . GLU A 1 152 ? -4.731  13.498  12.068  1.00 48.97 ? 152 GLU A CA  1 
ATOM   1202 C  C   . GLU A 1 152 ? -5.823  13.194  11.064  1.00 48.64 ? 152 GLU A C   1 
ATOM   1203 O  O   . GLU A 1 152 ? -6.224  14.060  10.301  1.00 49.36 ? 152 GLU A O   1 
ATOM   1204 C  CB  . GLU A 1 152 ? -5.342  14.280  13.217  1.00 55.41 ? 152 GLU A CB  1 
ATOM   1205 C  CG  . GLU A 1 152 ? -4.355  14.724  14.262  1.00 63.50 ? 152 GLU A CG  1 
ATOM   1206 C  CD  . GLU A 1 152 ? -5.058  15.338  15.446  1.00 68.67 ? 152 GLU A CD  1 
ATOM   1207 O  OE1 . GLU A 1 152 ? -5.549  14.559  16.301  1.00 62.16 ? 152 GLU A OE1 1 
ATOM   1208 O  OE2 . GLU A 1 152 ? -5.135  16.594  15.499  1.00 67.92 ? 152 GLU A OE2 1 
ATOM   1209 N  N   . ILE A 1 153 ? -6.294  11.958  11.054  1.00 46.59 ? 153 ILE A N   1 
ATOM   1210 C  CA  . ILE A 1 153 ? -7.365  11.605  10.156  1.00 47.91 ? 153 ILE A CA  1 
ATOM   1211 C  C   . ILE A 1 153 ? -8.451  11.033  11.041  1.00 53.19 ? 153 ILE A C   1 
ATOM   1212 O  O   . ILE A 1 153 ? -8.294  10.951  12.269  1.00 49.56 ? 153 ILE A O   1 
ATOM   1213 C  CB  . ILE A 1 153 ? -6.938  10.535  9.132   1.00 47.53 ? 153 ILE A CB  1 
ATOM   1214 C  CG1 . ILE A 1 153 ? -6.596  9.236   9.839   1.00 44.95 ? 153 ILE A CG1 1 
ATOM   1215 C  CG2 . ILE A 1 153 ? -5.742  11.032  8.309   1.00 47.71 ? 153 ILE A CG2 1 
ATOM   1216 C  CD1 . ILE A 1 153 ? -6.125  8.157   8.866   1.00 52.51 ? 153 ILE A CD1 1 
ATOM   1217 N  N   . GLU A 1 154 ? -9.558  10.647  10.421  1.00 57.33 ? 154 GLU A N   1 
ATOM   1218 C  CA  . GLU A 1 154 ? -10.667 10.049  11.145  1.00 58.57 ? 154 GLU A CA  1 
ATOM   1219 C  C   . GLU A 1 154 ? -11.117 8.819   10.374  1.00 57.76 ? 154 GLU A C   1 
ATOM   1220 O  O   . GLU A 1 154 ? -11.454 8.916   9.198   1.00 56.28 ? 154 GLU A O   1 
ATOM   1221 C  CB  . GLU A 1 154 ? -11.813 11.048  11.275  1.00 66.87 ? 154 GLU A CB  1 
ATOM   1222 C  CG  . GLU A 1 154 ? -12.893 10.638  12.272  1.00 79.29 ? 154 GLU A CG  1 
ATOM   1223 C  CD  . GLU A 1 154 ? -13.572 11.852  12.893  1.00 88.63 ? 154 GLU A CD  1 
ATOM   1224 O  OE1 . GLU A 1 154 ? -14.085 12.701  12.128  1.00 90.48 ? 154 GLU A OE1 1 
ATOM   1225 O  OE2 . GLU A 1 154 ? -13.590 11.966  14.144  1.00 94.95 ? 154 GLU A OE2 1 
ATOM   1226 N  N   . LEU A 1 155 ? -11.072 7.665   11.032  1.00 57.12 ? 155 LEU A N   1 
ATOM   1227 C  CA  . LEU A 1 155 ? -11.482 6.391   10.451  1.00 62.48 ? 155 LEU A CA  1 
ATOM   1228 C  C   . LEU A 1 155 ? -12.557 5.840   11.380  1.00 65.66 ? 155 LEU A C   1 
ATOM   1229 O  O   . LEU A 1 155 ? -12.348 5.782   12.593  1.00 66.77 ? 155 LEU A O   1 
ATOM   1230 C  CB  . LEU A 1 155 ? -10.313 5.411   10.426  1.00 60.64 ? 155 LEU A CB  1 
ATOM   1231 C  CG  . LEU A 1 155 ? -9.420  5.415   9.209   1.00 59.52 ? 155 LEU A CG  1 
ATOM   1232 C  CD1 . LEU A 1 155 ? -8.251  4.475   9.444   1.00 56.96 ? 155 LEU A CD1 1 
ATOM   1233 C  CD2 . LEU A 1 155 ? -10.227 4.971   8.025   1.00 57.61 ? 155 LEU A CD2 1 
ATOM   1234 N  N   . GLY A 1 156 ? -13.684 5.400   10.829  1.00 66.16 ? 156 GLY A N   1 
ATOM   1235 C  CA  . GLY A 1 156 ? -14.741 4.926   11.704  1.00 65.36 ? 156 GLY A CA  1 
ATOM   1236 C  C   . GLY A 1 156 ? -15.092 6.221   12.397  1.00 67.46 ? 156 GLY A C   1 
ATOM   1237 O  O   . GLY A 1 156 ? -15.208 7.268   11.745  1.00 72.34 ? 156 GLY A O   1 
ATOM   1238 N  N   . GLY A 1 157 ? -15.237 6.204   13.707  1.00 66.74 ? 157 GLY A N   1 
ATOM   1239 C  CA  . GLY A 1 157 ? -15.528 7.466   14.358  1.00 67.98 ? 157 GLY A CA  1 
ATOM   1240 C  C   . GLY A 1 157 ? -14.292 8.021   15.042  1.00 67.52 ? 157 GLY A C   1 
ATOM   1241 O  O   . GLY A 1 157 ? -14.310 9.133   15.565  1.00 65.70 ? 157 GLY A O   1 
ATOM   1242 N  N   . ALA A 1 158 ? -13.206 7.250   15.006  1.00 66.44 ? 158 ALA A N   1 
ATOM   1243 C  CA  . ALA A 1 158 ? -11.962 7.614   15.679  1.00 65.05 ? 158 ALA A CA  1 
ATOM   1244 C  C   . ALA A 1 158 ? -11.045 8.610   14.993  1.00 64.04 ? 158 ALA A C   1 
ATOM   1245 O  O   . ALA A 1 158 ? -10.823 8.548   13.787  1.00 66.51 ? 158 ALA A O   1 
ATOM   1246 C  CB  . ALA A 1 158 ? -11.171 6.332   16.019  1.00 59.11 ? 158 ALA A CB  1 
ATOM   1247 N  N   . LYS A 1 159 ? -10.518 9.539   15.784  1.00 65.19 ? 159 LYS A N   1 
ATOM   1248 C  CA  . LYS A 1 159 ? -9.571  10.523  15.288  1.00 62.50 ? 159 LYS A CA  1 
ATOM   1249 C  C   . LYS A 1 159 ? -8.228  9.839   15.549  1.00 61.84 ? 159 LYS A C   1 
ATOM   1250 O  O   . LYS A 1 159 ? -7.952  9.438   16.690  1.00 58.20 ? 159 LYS A O   1 
ATOM   1251 C  CB  . LYS A 1 159 ? -9.683  11.815  16.088  1.00 66.38 ? 159 LYS A CB  1 
ATOM   1252 C  CG  . LYS A 1 159 ? -8.757  12.921  15.619  1.00 72.40 ? 159 LYS A CG  1 
ATOM   1253 C  CD  . LYS A 1 159 ? -9.076  14.250  16.303  1.00 78.27 ? 159 LYS A CD  1 
ATOM   1254 C  CE  . LYS A 1 159 ? -10.448 14.783  15.864  1.00 84.01 ? 159 LYS A CE  1 
ATOM   1255 N  NZ  . LYS A 1 159 ? -10.742 16.148  16.404  1.00 84.80 ? 159 LYS A NZ  1 
ATOM   1256 N  N   . LEU A 1 160 ? -7.422  9.679   14.496  1.00 53.15 ? 160 LEU A N   1 
ATOM   1257 C  CA  . LEU A 1 160 ? -6.122  9.005   14.587  1.00 52.18 ? 160 LEU A CA  1 
ATOM   1258 C  C   . LEU A 1 160 ? -4.978  9.800   13.958  1.00 46.34 ? 160 LEU A C   1 
ATOM   1259 O  O   . LEU A 1 160 ? -5.218  10.619  13.078  1.00 43.56 ? 160 LEU A O   1 
ATOM   1260 C  CB  . LEU A 1 160 ? -6.201  7.660   13.859  1.00 53.94 ? 160 LEU A CB  1 
ATOM   1261 C  CG  . LEU A 1 160 ? -6.605  6.367   14.557  1.00 56.59 ? 160 LEU A CG  1 
ATOM   1262 C  CD1 . LEU A 1 160 ? -7.444  6.668   15.769  1.00 61.33 ? 160 LEU A CD1 1 
ATOM   1263 C  CD2 . LEU A 1 160 ? -7.348  5.482   13.569  1.00 55.67 ? 160 LEU A CD2 1 
ATOM   1264 N  N   . TRP A 1 161 ? -3.748  9.530   14.402  1.00 45.00 ? 161 TRP A N   1 
ATOM   1265 C  CA  . TRP A 1 161 ? -2.544  10.162  13.846  1.00 41.81 ? 161 TRP A CA  1 
ATOM   1266 C  C   . TRP A 1 161 ? -1.939  9.280   12.755  1.00 41.98 ? 161 TRP A C   1 
ATOM   1267 O  O   . TRP A 1 161 ? -1.861  8.030   12.857  1.00 38.35 ? 161 TRP A O   1 
ATOM   1268 C  CB  . TRP A 1 161 ? -1.449  10.362  14.892  1.00 39.08 ? 161 TRP A CB  1 
ATOM   1269 C  CG  . TRP A 1 161 ? -1.598  11.572  15.760  1.00 43.21 ? 161 TRP A CG  1 
ATOM   1270 C  CD1 . TRP A 1 161 ? -1.926  11.592  17.081  1.00 44.64 ? 161 TRP A CD1 1 
ATOM   1271 C  CD2 . TRP A 1 161 ? -1.405  12.933  15.372  1.00 40.97 ? 161 TRP A CD2 1 
ATOM   1272 N  NE1 . TRP A 1 161 ? -1.948  12.887  17.547  1.00 49.09 ? 161 TRP A NE1 1 
ATOM   1273 C  CE2 . TRP A 1 161 ? -1.634  13.730  16.515  1.00 48.49 ? 161 TRP A CE2 1 
ATOM   1274 C  CE3 . TRP A 1 161 ? -1.055  13.556  14.174  1.00 41.42 ? 161 TRP A CE3 1 
ATOM   1275 C  CZ2 . TRP A 1 161 ? -1.529  15.113  16.496  1.00 46.89 ? 161 TRP A CZ2 1 
ATOM   1276 C  CZ3 . TRP A 1 161 ? -0.947  14.933  14.152  1.00 49.58 ? 161 TRP A CZ3 1 
ATOM   1277 C  CH2 . TRP A 1 161 ? -1.185  15.699  15.310  1.00 49.94 ? 161 TRP A CH2 1 
ATOM   1278 N  N   . GLU A 1 162 ? -1.465  9.950   11.723  1.00 39.56 ? 162 GLU A N   1 
ATOM   1279 C  CA  . GLU A 1 162 ? -0.832  9.288   10.594  1.00 36.68 ? 162 GLU A CA  1 
ATOM   1280 C  C   . GLU A 1 162 ? 0.513   10.004  10.354  1.00 37.05 ? 162 GLU A C   1 
ATOM   1281 O  O   . GLU A 1 162 ? 0.580   11.244  10.463  1.00 34.41 ? 162 GLU A O   1 
ATOM   1282 C  CB  . GLU A 1 162 ? -1.754  9.475   9.390   1.00 43.15 ? 162 GLU A CB  1 
ATOM   1283 C  CG  . GLU A 1 162 ? -1.579  8.507   8.307   1.00 49.61 ? 162 GLU A CG  1 
ATOM   1284 C  CD  . GLU A 1 162 ? -2.688  8.614   7.283   1.00 42.69 ? 162 GLU A CD  1 
ATOM   1285 O  OE1 . GLU A 1 162 ? -3.016  9.738   6.843   1.00 39.87 ? 162 GLU A OE1 1 
ATOM   1286 O  OE2 . GLU A 1 162 ? -3.214  7.556   6.918   1.00 42.56 ? 162 GLU A OE2 1 
ATOM   1287 N  N   . VAL A 1 163 ? 1.574   9.252   10.044  1.00 36.16 ? 163 VAL A N   1 
ATOM   1288 C  CA  . VAL A 1 163 ? 2.870   9.877   9.748   1.00 36.75 ? 163 VAL A CA  1 
ATOM   1289 C  C   . VAL A 1 163 ? 3.261   9.521   8.305   1.00 40.03 ? 163 VAL A C   1 
ATOM   1290 O  O   . VAL A 1 163 ? 2.784   8.526   7.735   1.00 37.85 ? 163 VAL A O   1 
ATOM   1291 C  CB  . VAL A 1 163 ? 4.027   9.409   10.735  1.00 35.20 ? 163 VAL A CB  1 
ATOM   1292 C  CG1 . VAL A 1 163 ? 3.671   9.751   12.179  1.00 36.77 ? 163 VAL A CG1 1 
ATOM   1293 C  CG2 . VAL A 1 163 ? 4.263   7.897   10.616  1.00 36.51 ? 163 VAL A CG2 1 
ATOM   1294 N  N   . ALA A 1 164 ? 4.111   10.349  7.711   1.00 31.63 ? 164 ALA A N   1 
ATOM   1295 C  CA  . ALA A 1 164 ? 4.554   10.144  6.336   1.00 33.13 ? 164 ALA A CA  1 
ATOM   1296 C  C   . ALA A 1 164 ? 6.054   9.899   6.322   1.00 35.94 ? 164 ALA A C   1 
ATOM   1297 O  O   . ALA A 1 164 ? 6.790   10.489  7.120   1.00 36.30 ? 164 ALA A O   1 
ATOM   1298 C  CB  . ALA A 1 164 ? 4.210   11.405  5.458   1.00 33.27 ? 164 ALA A CB  1 
ATOM   1299 N  N   . TYR A 1 165 ? 6.480   9.001   5.442   1.00 33.84 ? 165 TYR A N   1 
ATOM   1300 C  CA  . TYR A 1 165 ? 7.884   8.693   5.237   1.00 35.49 ? 165 TYR A CA  1 
ATOM   1301 C  C   . TYR A 1 165 ? 8.184   9.040   3.786   1.00 38.63 ? 165 TYR A C   1 
ATOM   1302 O  O   . TYR A 1 165 ? 7.334   8.819   2.904   1.00 35.24 ? 165 TYR A O   1 
ATOM   1303 C  CB  . TYR A 1 165 ? 8.182   7.214   5.450   1.00 32.06 ? 165 TYR A CB  1 
ATOM   1304 C  CG  . TYR A 1 165 ? 8.188   6.832   6.897   1.00 37.12 ? 165 TYR A CG  1 
ATOM   1305 C  CD1 . TYR A 1 165 ? 7.029   6.340   7.504   1.00 31.63 ? 165 TYR A CD1 1 
ATOM   1306 C  CD2 . TYR A 1 165 ? 9.350   6.998   7.687   1.00 34.12 ? 165 TYR A CD2 1 
ATOM   1307 C  CE1 . TYR A 1 165 ? 7.013   6.022   8.857   1.00 36.70 ? 165 TYR A CE1 1 
ATOM   1308 C  CE2 . TYR A 1 165 ? 9.350   6.679   9.040   1.00 29.64 ? 165 TYR A CE2 1 
ATOM   1309 C  CZ  . TYR A 1 165 ? 8.169   6.191   9.615   1.00 36.13 ? 165 TYR A CZ  1 
ATOM   1310 O  OH  . TYR A 1 165 ? 8.119   5.843   10.930  1.00 37.95 ? 165 TYR A OH  1 
ATOM   1311 N  N   . GLY A 1 166 ? 9.387   9.561   3.531   1.00 29.92 ? 166 GLY A N   1 
ATOM   1312 C  CA  . GLY A 1 166 ? 9.749   9.929   2.178   1.00 27.65 ? 166 GLY A CA  1 
ATOM   1313 C  C   . GLY A 1 166 ? 10.872  9.063   1.634   1.00 32.09 ? 166 GLY A C   1 
ATOM   1314 O  O   . GLY A 1 166 ? 11.743  8.625   2.382   1.00 36.28 ? 166 GLY A O   1 
ATOM   1315 N  N   . PHE A 1 167 ? 10.837  8.809   0.326   1.00 31.44 ? 167 PHE A N   1 
ATOM   1316 C  CA  . PHE A 1 167 ? 11.842  7.986   -0.344  1.00 36.42 ? 167 PHE A CA  1 
ATOM   1317 C  C   . PHE A 1 167 ? 12.258  8.642   -1.636  1.00 40.99 ? 167 PHE A C   1 
ATOM   1318 O  O   . PHE A 1 167 ? 11.433  9.210   -2.367  1.00 35.99 ? 167 PHE A O   1 
ATOM   1319 C  CB  . PHE A 1 167 ? 11.304  6.591   -0.723  1.00 34.20 ? 167 PHE A CB  1 
ATOM   1320 C  CG  . PHE A 1 167 ? 10.986  5.714   0.455   1.00 38.24 ? 167 PHE A CG  1 
ATOM   1321 C  CD1 . PHE A 1 167 ? 9.776   5.862   1.141   1.00 35.20 ? 167 PHE A CD1 1 
ATOM   1322 C  CD2 . PHE A 1 167 ? 11.908  4.747   0.887   1.00 37.11 ? 167 PHE A CD2 1 
ATOM   1323 C  CE1 . PHE A 1 167 ? 9.471   5.060   2.251   1.00 37.84 ? 167 PHE A CE1 1 
ATOM   1324 C  CE2 . PHE A 1 167 ? 11.628  3.923   1.997   1.00 36.77 ? 167 PHE A CE2 1 
ATOM   1325 C  CZ  . PHE A 1 167 ? 10.393  4.082   2.686   1.00 37.22 ? 167 PHE A CZ  1 
ATOM   1326 N  N   . ASP A 1 168 ? 13.536  8.509   -1.946  1.00 41.92 ? 168 ASP A N   1 
ATOM   1327 C  CA  . ASP A 1 168 ? 14.065  9.073   -3.179  1.00 43.10 ? 168 ASP A CA  1 
ATOM   1328 C  C   . ASP A 1 168 ? 13.993  8.063   -4.311  1.00 39.68 ? 168 ASP A C   1 
ATOM   1329 O  O   . ASP A 1 168 ? 14.493  6.959   -4.167  1.00 41.86 ? 168 ASP A O   1 
ATOM   1330 C  CB  . ASP A 1 168 ? 15.517  9.466   -2.973  1.00 52.65 ? 168 ASP A CB  1 
ATOM   1331 C  CG  . ASP A 1 168 ? 15.778  10.853  -3.393  1.00 65.13 ? 168 ASP A CG  1 
ATOM   1332 O  OD1 . ASP A 1 168 ? 15.580  11.755  -2.543  1.00 71.29 ? 168 ASP A OD1 1 
ATOM   1333 O  OD2 . ASP A 1 168 ? 16.145  11.038  -4.579  1.00 71.76 ? 168 ASP A OD2 1 
ATOM   1334 N  N   . LEU A 1 169 ? 13.372  8.427   -5.428  1.00 33.72 ? 169 LEU A N   1 
ATOM   1335 C  CA  . LEU A 1 169 ? 13.274  7.531   -6.571  1.00 44.54 ? 169 LEU A CA  1 
ATOM   1336 C  C   . LEU A 1 169 ? 14.388  7.842   -7.565  1.00 51.81 ? 169 LEU A C   1 
ATOM   1337 O  O   . LEU A 1 169 ? 15.150  6.955   -7.955  1.00 52.58 ? 169 LEU A O   1 
ATOM   1338 C  CB  . LEU A 1 169 ? 11.917  7.684   -7.268  1.00 33.27 ? 169 LEU A CB  1 
ATOM   1339 C  CG  . LEU A 1 169 ? 10.719  7.284   -6.396  1.00 40.17 ? 169 LEU A CG  1 
ATOM   1340 C  CD1 . LEU A 1 169 ? 9.404   7.485   -7.191  1.00 33.08 ? 169 LEU A CD1 1 
ATOM   1341 C  CD2 . LEU A 1 169 ? 10.856  5.818   -5.987  1.00 39.80 ? 169 LEU A CD2 1 
ATOM   1342 N  N   . GLY A 1 170 ? 14.464  9.106   -7.981  1.00 59.54 ? 170 GLY A N   1 
ATOM   1343 C  CA  . GLY A 1 170 ? 15.496  9.518   -8.918  1.00 65.90 ? 170 GLY A CA  1 
ATOM   1344 C  C   . GLY A 1 170 ? 16.867  9.163   -8.366  1.00 71.23 ? 170 GLY A C   1 
ATOM   1345 O  O   . GLY A 1 170 ? 17.099  9.230   -7.148  1.00 69.50 ? 170 GLY A O   1 
ATOM   1346 N  N   . GLY A 1 171 ? 17.773  8.755   -9.247  1.00 72.52 ? 171 GLY A N   1 
ATOM   1347 C  CA  . GLY A 1 171 ? 19.108  8.404   -8.802  1.00 79.59 ? 171 GLY A CA  1 
ATOM   1348 C  C   . GLY A 1 171 ? 19.292  7.040   -8.146  1.00 82.93 ? 171 GLY A C   1 
ATOM   1349 O  O   . GLY A 1 171 ? 20.235  6.325   -8.500  1.00 86.71 ? 171 GLY A O   1 
ATOM   1350 N  N   . HIS A 1 172 ? 18.424  6.666   -7.200  1.00 82.48 ? 172 HIS A N   1 
ATOM   1351 C  CA  . HIS A 1 172 ? 18.557  5.369   -6.518  1.00 80.88 ? 172 HIS A CA  1 
ATOM   1352 C  C   . HIS A 1 172 ? 18.270  4.160   -7.423  1.00 79.54 ? 172 HIS A C   1 
ATOM   1353 O  O   . HIS A 1 172 ? 17.524  4.251   -8.391  1.00 77.22 ? 172 HIS A O   1 
ATOM   1354 C  CB  . HIS A 1 172 ? 17.637  5.309   -5.294  1.00 80.34 ? 172 HIS A CB  1 
ATOM   1355 C  CG  . HIS A 1 172 ? 17.775  4.044   -4.495  1.00 86.26 ? 172 HIS A CG  1 
ATOM   1356 N  ND1 . HIS A 1 172 ? 18.567  3.952   -3.369  1.00 87.06 ? 172 HIS A ND1 1 
ATOM   1357 C  CD2 . HIS A 1 172 ? 17.233  2.812   -4.671  1.00 86.52 ? 172 HIS A CD2 1 
ATOM   1358 C  CE1 . HIS A 1 172 ? 18.503  2.723   -2.886  1.00 86.70 ? 172 HIS A CE1 1 
ATOM   1359 N  NE2 . HIS A 1 172 ? 17.700  2.011   -3.657  1.00 85.43 ? 172 HIS A NE2 1 
ATOM   1360 N  N   . LYS A 1 173 ? 18.878  3.024   -7.102  1.00 80.23 ? 173 LYS A N   1 
ATOM   1361 C  CA  . LYS A 1 173 ? 18.673  1.804   -7.876  1.00 82.45 ? 173 LYS A CA  1 
ATOM   1362 C  C   . LYS A 1 173 ? 17.733  0.844   -7.119  1.00 80.22 ? 173 LYS A C   1 
ATOM   1363 O  O   . LYS A 1 173 ? 18.109  0.255   -6.107  1.00 80.75 ? 173 LYS A O   1 
ATOM   1364 C  CB  . LYS A 1 173 ? 20.033  1.146   -8.159  1.00 83.04 ? 173 LYS A CB  1 
ATOM   1365 C  CG  . LYS A 1 173 ? 19.975  -0.293  -8.658  1.00 88.88 ? 173 LYS A CG  1 
ATOM   1366 C  CD  . LYS A 1 173 ? 19.272  -0.429  -9.997  1.00 91.32 ? 173 LYS A CD  1 
ATOM   1367 C  CE  . LYS A 1 173 ? 19.161  -1.898  -10.399 1.00 91.49 ? 173 LYS A CE  1 
ATOM   1368 N  NZ  . LYS A 1 173 ? 18.382  -2.085  -11.658 1.00 95.36 ? 173 LYS A NZ  1 
ATOM   1369 N  N   . TRP A 1 174 ? 16.500  0.712   -7.605  1.00 78.49 ? 174 TRP A N   1 
ATOM   1370 C  CA  . TRP A 1 174 ? 15.520  -0.166  -6.969  1.00 77.13 ? 174 TRP A CA  1 
ATOM   1371 C  C   . TRP A 1 174 ? 15.420  -1.505  -7.682  1.00 79.04 ? 174 TRP A C   1 
ATOM   1372 O  O   . TRP A 1 174 ? 14.901  -2.468  -7.054  1.00 76.37 ? 174 TRP A O   1 
ATOM   1373 C  CB  . TRP A 1 174 ? 14.137  0.491   -6.925  1.00 72.83 ? 174 TRP A CB  1 
ATOM   1374 C  CG  . TRP A 1 174 ? 14.112  1.756   -6.142  1.00 64.41 ? 174 TRP A CG  1 
ATOM   1375 C  CD1 . TRP A 1 174 ? 14.273  3.025   -6.629  1.00 61.18 ? 174 TRP A CD1 1 
ATOM   1376 C  CD2 . TRP A 1 174 ? 13.986  1.882   -4.720  1.00 59.46 ? 174 TRP A CD2 1 
ATOM   1377 N  NE1 . TRP A 1 174 ? 14.257  3.931   -5.598  1.00 61.73 ? 174 TRP A NE1 1 
ATOM   1378 C  CE2 . TRP A 1 174 ? 14.085  3.263   -4.413  1.00 59.40 ? 174 TRP A CE2 1 
ATOM   1379 C  CE3 . TRP A 1 174 ? 13.803  0.967   -3.674  1.00 57.01 ? 174 TRP A CE3 1 
ATOM   1380 C  CZ2 . TRP A 1 174 ? 14.008  3.755   -3.097  1.00 56.42 ? 174 TRP A CZ2 1 
ATOM   1381 C  CZ3 . TRP A 1 174 ? 13.725  1.457   -2.355  1.00 56.93 ? 174 TRP A CZ3 1 
ATOM   1382 C  CH2 . TRP A 1 174 ? 13.829  2.841   -2.086  1.00 59.76 ? 174 TRP A CH2 1 
ATOM   1383 O  OXT . TRP A 1 174 ? 15.857  -1.562  -8.859  1.00 79.96 ? 174 TRP A OXT 1 
HETATM 1384 N  N1A . ACO B 2 .   ? 10.546  -3.701  11.704  1.00 45.72 ? 200 ACO A N1A 1 
HETATM 1385 C  C2A . ACO B 2 .   ? 11.818  -3.777  11.349  1.00 40.86 ? 200 ACO A C2A 1 
HETATM 1386 N  N3A . ACO B 2 .   ? 12.173  -4.289  10.184  1.00 42.30 ? 200 ACO A N3A 1 
HETATM 1387 C  C4A . ACO B 2 .   ? 11.249  -4.747  9.325   1.00 42.26 ? 200 ACO A C4A 1 
HETATM 1388 C  C5A . ACO B 2 .   ? 9.905   -4.688  9.669   1.00 39.89 ? 200 ACO A C5A 1 
HETATM 1389 C  C6A . ACO B 2 .   ? 9.566   -4.143  10.902  1.00 41.30 ? 200 ACO A C6A 1 
HETATM 1390 N  N6A . ACO B 2 .   ? 8.290   -4.023  11.256  1.00 45.19 ? 200 ACO A N6A 1 
HETATM 1391 N  N7A . ACO B 2 .   ? 9.201   -5.155  8.642   1.00 44.54 ? 200 ACO A N7A 1 
HETATM 1392 C  C8A . ACO B 2 .   ? 10.064  -5.495  7.687   1.00 42.96 ? 200 ACO A C8A 1 
HETATM 1393 N  N9A . ACO B 2 .   ? 11.309  -5.247  8.095   1.00 44.66 ? 200 ACO A N9A 1 
HETATM 1394 C  C1B . ACO B 2 .   ? 12.528  -5.490  7.293   1.00 42.26 ? 200 ACO A C1B 1 
HETATM 1395 C  C2B . ACO B 2 .   ? 12.710  -6.998  7.125   1.00 44.99 ? 200 ACO A C2B 1 
HETATM 1396 O  O2B . ACO B 2 .   ? 13.448  -7.477  8.253   1.00 43.88 ? 200 ACO A O2B 1 
HETATM 1397 C  C3B . ACO B 2 .   ? 13.594  -7.017  5.880   1.00 47.20 ? 200 ACO A C3B 1 
HETATM 1398 O  O3B . ACO B 2 .   ? 14.941  -6.685  6.230   1.00 56.96 ? 200 ACO A O3B 1 
HETATM 1399 P  P3B . ACO B 2 .   ? 16.145  -7.240  5.315   1.00 58.97 ? 200 ACO A P3B 1 
HETATM 1400 O  O7A . ACO B 2 .   ? 16.271  -8.713  5.378   1.00 60.97 ? 200 ACO A O7A 1 
HETATM 1401 O  O8A . ACO B 2 .   ? 17.445  -6.469  5.870   1.00 65.79 ? 200 ACO A O8A 1 
HETATM 1402 O  O9A . ACO B 2 .   ? 15.883  -6.720  3.814   1.00 55.08 ? 200 ACO A O9A 1 
HETATM 1403 C  C4B . ACO B 2 .   ? 12.975  -5.905  5.026   1.00 45.09 ? 200 ACO A C4B 1 
HETATM 1404 O  O4B . ACO B 2 .   ? 12.358  -4.993  5.953   1.00 46.26 ? 200 ACO A O4B 1 
HETATM 1405 C  C5B . ACO B 2 .   ? 11.900  -6.448  4.078   1.00 47.24 ? 200 ACO A C5B 1 
HETATM 1406 O  O5B . ACO B 2 .   ? 10.854  -7.090  4.815   1.00 42.08 ? 200 ACO A O5B 1 
HETATM 1407 P  P1A . ACO B 2 .   ? 9.694   -7.946  4.096   1.00 42.61 ? 200 ACO A P1A 1 
HETATM 1408 O  O1A . ACO B 2 .   ? 9.779   -9.361  4.525   1.00 44.86 ? 200 ACO A O1A 1 
HETATM 1409 O  O2A . ACO B 2 .   ? 9.653   -7.666  2.644   1.00 44.49 ? 200 ACO A O2A 1 
HETATM 1410 O  O3A . ACO B 2 .   ? 8.415   -7.283  4.818   1.00 46.06 ? 200 ACO A O3A 1 
HETATM 1411 P  P2A . ACO B 2 .   ? 6.906   -7.795  4.574   1.00 38.84 ? 200 ACO A P2A 1 
HETATM 1412 O  O4A . ACO B 2 .   ? 6.356   -8.224  5.882   1.00 43.92 ? 200 ACO A O4A 1 
HETATM 1413 O  O5A . ACO B 2 .   ? 6.894   -8.761  3.453   1.00 31.02 ? 200 ACO A O5A 1 
HETATM 1414 O  O6A . ACO B 2 .   ? 6.137   -6.448  4.130   1.00 42.04 ? 200 ACO A O6A 1 
HETATM 1415 C  CBP . ACO B 2 .   ? 4.541   -4.970  5.285   1.00 39.43 ? 200 ACO A CBP 1 
HETATM 1416 C  CCP . ACO B 2 .   ? 6.008   -5.330  5.020   1.00 36.97 ? 200 ACO A CCP 1 
HETATM 1417 C  CDP . ACO B 2 .   ? 4.477   -3.772  6.235   1.00 35.27 ? 200 ACO A CDP 1 
HETATM 1418 C  CEP . ACO B 2 .   ? 3.863   -4.564  3.974   1.00 31.38 ? 200 ACO A CEP 1 
HETATM 1419 C  CAP . ACO B 2 .   ? 3.854   -6.195  5.900   1.00 37.63 ? 200 ACO A CAP 1 
HETATM 1420 O  OAP . ACO B 2 .   ? 4.519   -6.545  7.119   1.00 36.51 ? 200 ACO A OAP 1 
HETATM 1421 C  C9P . ACO B 2 .   ? 2.367   -5.959  6.188   1.00 41.65 ? 200 ACO A C9P 1 
HETATM 1422 O  O9P . ACO B 2 .   ? 1.520   -6.136  5.312   1.00 38.53 ? 200 ACO A O9P 1 
HETATM 1423 N  N8P . ACO B 2 .   ? 2.110   -5.539  7.427   1.00 38.64 ? 200 ACO A N8P 1 
HETATM 1424 C  C7P . ACO B 2 .   ? 0.765   -5.251  7.949   1.00 40.18 ? 200 ACO A C7P 1 
HETATM 1425 C  C6P . ACO B 2 .   ? 0.011   -4.237  7.084   1.00 42.96 ? 200 ACO A C6P 1 
HETATM 1426 C  C5P . ACO B 2 .   ? 0.726   -2.884  7.017   1.00 44.01 ? 200 ACO A C5P 1 
HETATM 1427 O  O5P . ACO B 2 .   ? 1.145   -2.336  8.034   1.00 42.27 ? 200 ACO A O5P 1 
HETATM 1428 N  N4P . ACO B 2 .   ? 0.847   -2.385  5.789   1.00 43.36 ? 200 ACO A N4P 1 
HETATM 1429 C  C3P . ACO B 2 .   ? 1.489   -1.093  5.504   1.00 40.26 ? 200 ACO A C3P 1 
HETATM 1430 C  C2P . ACO B 2 .   ? 0.473   0.029   5.728   1.00 50.38 ? 200 ACO A C2P 1 
HETATM 1431 S  S1P . ACO B 2 .   ? 1.037   1.659   5.113   1.00 57.32 ? 200 ACO A S1P 1 
HETATM 1432 C  C   . ACO B 2 .   ? 0.115   1.735   3.533   1.00 63.03 ? 200 ACO A C   1 
HETATM 1433 O  O   . ACO B 2 .   ? -1.069  0.935   3.601   1.00 64.86 ? 200 ACO A O   1 
HETATM 1434 C  CH3 . ACO B 2 .   ? 0.996   1.322   2.355   1.00 61.61 ? 200 ACO A CH3 1 
HETATM 1435 O  O   . HOH C 3 .   ? 9.230   14.362  -6.994  1.00 35.27 ? 201 HOH A O   1 
HETATM 1436 O  O   . HOH C 3 .   ? -1.012  2.104   8.272   1.00 31.56 ? 202 HOH A O   1 
HETATM 1437 O  O   . HOH C 3 .   ? -18.777 -8.450  1.885   1.00 46.50 ? 203 HOH A O   1 
HETATM 1438 O  O   . HOH C 3 .   ? 7.102   -11.274 3.109   1.00 35.79 ? 204 HOH A O   1 
HETATM 1439 O  O   . HOH C 3 .   ? 0.108   6.506   1.448   1.00 31.16 ? 205 HOH A O   1 
HETATM 1440 O  O   . HOH C 3 .   ? -2.793  10.160  1.122   1.00 33.35 ? 206 HOH A O   1 
HETATM 1441 O  O   . HOH C 3 .   ? 3.279   15.959  -1.437  1.00 35.45 ? 207 HOH A O   1 
HETATM 1442 O  O   . HOH C 3 .   ? 0.432   18.680  -2.260  1.00 39.65 ? 208 HOH A O   1 
HETATM 1443 O  O   . HOH C 3 .   ? 4.838   -19.218 -0.587  1.00 39.58 ? 209 HOH A O   1 
HETATM 1444 O  O   . HOH C 3 .   ? -2.263  12.920  0.912   1.00 37.56 ? 210 HOH A O   1 
HETATM 1445 O  O   . HOH C 3 .   ? -2.344  -1.563  -12.390 1.00 34.50 ? 211 HOH A O   1 
HETATM 1446 O  O   . HOH C 3 .   ? -2.213  5.808   14.615  1.00 36.41 ? 212 HOH A O   1 
HETATM 1447 O  O   . HOH C 3 .   ? -3.143  7.951   16.992  1.00 39.96 ? 213 HOH A O   1 
HETATM 1448 O  O   . HOH C 3 .   ? -5.909  -13.710 -1.600  1.00 39.99 ? 214 HOH A O   1 
HETATM 1449 O  O   . HOH C 3 .   ? 1.902   13.973  -8.649  1.00 35.02 ? 215 HOH A O   1 
HETATM 1450 O  O   . HOH C 3 .   ? 15.394  7.247   -0.236  1.00 53.13 ? 216 HOH A O   1 
HETATM 1451 O  O   . HOH C 3 .   ? 1.421   6.825   -12.390 1.00 43.45 ? 217 HOH A O   1 
HETATM 1452 O  O   . HOH C 3 .   ? -1.601  6.790   -16.826 1.00 38.73 ? 218 HOH A O   1 
HETATM 1453 O  O   . HOH C 3 .   ? -0.600  -7.781  9.964   1.00 42.72 ? 219 HOH A O   1 
HETATM 1454 O  O   . HOH C 3 .   ? 8.690   18.477  0.912   1.00 44.31 ? 220 HOH A O   1 
HETATM 1455 O  O   . HOH C 3 .   ? 4.937   9.681   20.046  1.00 43.79 ? 221 HOH A O   1 
HETATM 1456 O  O   . HOH C 3 .   ? -8.542  -13.361 -7.333  1.00 42.81 ? 222 HOH A O   1 
HETATM 1457 O  O   . HOH C 3 .   ? 13.797  6.840   9.318   1.00 45.24 ? 223 HOH A O   1 
HETATM 1458 O  O   . HOH C 3 .   ? 0.838   16.597  -4.357  1.00 38.32 ? 224 HOH A O   1 
HETATM 1459 O  O   . HOH C 3 .   ? 6.482   -5.725  9.242   1.00 44.62 ? 225 HOH A O   1 
HETATM 1460 O  O   . HOH C 3 .   ? -2.212  -15.179 6.935   1.00 35.70 ? 226 HOH A O   1 
HETATM 1461 O  O   . HOH C 3 .   ? -0.764  -9.322  12.171  1.00 43.02 ? 227 HOH A O   1 
HETATM 1462 O  O   . HOH C 3 .   ? -14.858 -2.030  2.090   1.00 53.19 ? 228 HOH A O   1 
HETATM 1463 O  O   . HOH C 3 .   ? 5.966   18.783  -5.534  1.00 44.37 ? 229 HOH A O   1 
HETATM 1464 O  O   . HOH C 3 .   ? -7.249  -11.019 9.690   1.00 42.93 ? 230 HOH A O   1 
HETATM 1465 O  O   . HOH C 3 .   ? 0.666   11.104  -12.909 1.00 46.69 ? 231 HOH A O   1 
HETATM 1466 O  O   . HOH C 3 .   ? 12.687  -7.404  14.090  1.00 68.63 ? 232 HOH A O   1 
HETATM 1467 O  O   . HOH C 3 .   ? -4.130  1.924   2.644   1.00 61.40 ? 233 HOH A O   1 
HETATM 1468 O  O   . HOH C 3 .   ? -5.754  -16.019 -4.191  1.00 48.23 ? 234 HOH A O   1 
HETATM 1469 O  O   . HOH C 3 .   ? -8.415  4.481   -1.674  1.00 60.96 ? 235 HOH A O   1 
HETATM 1470 O  O   . HOH C 3 .   ? -2.409  13.620  20.589  1.00 57.17 ? 236 HOH A O   1 
HETATM 1471 O  O   . HOH C 3 .   ? 10.559  -6.639  13.933  1.00 63.49 ? 237 HOH A O   1 
HETATM 1472 O  O   . HOH C 3 .   ? 12.672  -9.479  -1.396  1.00 47.66 ? 238 HOH A O   1 
HETATM 1473 O  O   . HOH C 3 .   ? -0.464  14.354  -7.512  1.00 38.56 ? 239 HOH A O   1 
HETATM 1474 O  O   . HOH C 3 .   ? -10.295 -2.775  16.545  1.00 59.32 ? 240 HOH A O   1 
HETATM 1475 O  O   . HOH C 3 .   ? -8.363  0.318   -18.592 1.00 60.40 ? 241 HOH A O   1 
HETATM 1476 O  O   . HOH C 3 .   ? -10.301 6.975   -18.758 1.00 55.47 ? 242 HOH A O   1 
HETATM 1477 O  O   . HOH C 3 .   ? -1.635  15.900  4.180   1.00 50.12 ? 243 HOH A O   1 
HETATM 1478 O  O   . HOH C 3 .   ? -7.614  -14.653 3.029   1.00 54.51 ? 244 HOH A O   1 
HETATM 1479 O  O   . HOH C 3 .   ? -4.431  -13.416 -13.099 1.00 51.46 ? 245 HOH A O   1 
HETATM 1480 O  O   . HOH C 3 .   ? 8.724   4.412   14.823  1.00 52.16 ? 246 HOH A O   1 
HETATM 1481 O  O   . HOH C 3 .   ? 8.295   -2.504  -11.927 1.00 49.83 ? 247 HOH A O   1 
HETATM 1482 O  O   . HOH C 3 .   ? -16.496 -1.090  0.493   1.00 65.49 ? 248 HOH A O   1 
HETATM 1483 O  O   . HOH C 3 .   ? 12.414  15.843  2.362   1.00 49.84 ? 249 HOH A O   1 
HETATM 1484 O  O   . HOH C 3 .   ? -7.483  -15.217 0.302   1.00 46.51 ? 250 HOH A O   1 
HETATM 1485 O  O   . HOH C 3 .   ? -1.249  16.356  -5.579  1.00 47.00 ? 251 HOH A O   1 
HETATM 1486 O  O   . HOH C 3 .   ? 12.705  9.331   -11.086 1.00 57.37 ? 252 HOH A O   1 
HETATM 1487 O  O   . HOH C 3 .   ? -3.851  7.188   3.954   1.00 62.37 ? 253 HOH A O   1 
HETATM 1488 O  O   . HOH C 3 .   ? 12.258  -10.227 7.777   1.00 54.19 ? 254 HOH A O   1 
HETATM 1489 O  O   . HOH C 3 .   ? 4.435   -2.677  -15.098 1.00 57.24 ? 255 HOH A O   1 
HETATM 1490 O  O   . HOH C 3 .   ? -4.664  -9.203  15.223  1.00 56.99 ? 256 HOH A O   1 
HETATM 1491 O  O   . HOH C 3 .   ? -1.280  8.120   18.917  1.00 56.41 ? 257 HOH A O   1 
HETATM 1492 O  O   . HOH C 3 .   ? -7.519  5.854   -6.933  1.00 58.27 ? 258 HOH A O   1 
HETATM 1493 O  O   . HOH C 3 .   ? 1.443   -2.881  13.580  1.00 55.73 ? 259 HOH A O   1 
HETATM 1494 O  O   . HOH C 3 .   ? 9.957   7.481   12.942  1.00 48.87 ? 260 HOH A O   1 
HETATM 1495 O  O   . HOH C 3 .   ? 4.009   2.614   15.954  1.00 51.42 ? 261 HOH A O   1 
HETATM 1496 O  O   . HOH C 3 .   ? 2.955   2.267   -17.303 1.00 71.39 ? 262 HOH A O   1 
HETATM 1497 O  O   . HOH C 3 .   ? 8.349   0.216   14.519  1.00 53.88 ? 263 HOH A O   1 
HETATM 1498 O  O   . HOH C 3 .   ? -9.522  0.487   -1.898  1.00 59.18 ? 264 HOH A O   1 
HETATM 1499 O  O   . HOH C 3 .   ? 4.097   -18.346 -7.878  1.00 54.93 ? 265 HOH A O   1 
HETATM 1500 O  O   . HOH C 3 .   ? 2.887   1.494   18.556  1.00 60.65 ? 266 HOH A O   1 
HETATM 1501 O  O   . HOH C 3 .   ? -3.623  17.167  10.917  1.00 59.44 ? 267 HOH A O   1 
HETATM 1502 O  O   . HOH C 3 .   ? 14.665  -10.366 7.096   1.00 72.12 ? 268 HOH A O   1 
HETATM 1503 O  O   . HOH C 3 .   ? -5.366  -14.712 -9.110  1.00 48.06 ? 269 HOH A O   1 
HETATM 1504 O  O   . HOH C 3 .   ? 12.773  18.485  -5.124  1.00 51.66 ? 270 HOH A O   1 
HETATM 1505 O  O   . HOH C 3 .   ? -6.424  -13.006 18.150  1.00 69.82 ? 271 HOH A O   1 
HETATM 1506 O  O   . HOH C 3 .   ? 12.394  -10.100 5.112   1.00 57.52 ? 272 HOH A O   1 
HETATM 1507 O  O   . HOH C 3 .   ? 5.021   -9.793  10.565  1.00 52.20 ? 273 HOH A O   1 
HETATM 1508 O  O   . HOH C 3 .   ? -15.699 -11.718 6.450   1.00 63.53 ? 274 HOH A O   1 
HETATM 1509 O  O   . HOH C 3 .   ? -12.951 6.641   -11.992 1.00 80.97 ? 275 HOH A O   1 
HETATM 1510 O  O   . HOH C 3 .   ? 5.713   20.893  3.601   1.00 57.26 ? 276 HOH A O   1 
HETATM 1511 O  O   . HOH C 3 .   ? 9.226   -13.462 -10.962 1.00 72.34 ? 277 HOH A O   1 
HETATM 1512 O  O   . HOH C 3 .   ? 12.893  -0.919  11.403  1.00 51.99 ? 278 HOH A O   1 
HETATM 1513 O  O   . HOH C 3 .   ? -2.265  -3.673  -13.508 1.00 53.57 ? 279 HOH A O   1 
HETATM 1514 O  O   . HOH C 3 .   ? -2.112  -15.991 -9.476  1.00 61.50 ? 280 HOH A O   1 
HETATM 1515 O  O   . HOH C 3 .   ? 2.371   17.850  13.590  1.00 53.78 ? 281 HOH A O   1 
HETATM 1516 O  O   . HOH C 3 .   ? -5.798  -5.655  20.318  1.00 73.37 ? 282 HOH A O   1 
HETATM 1517 O  O   . HOH C 3 .   ? -15.028 -1.536  20.288  1.00 80.17 ? 283 HOH A O   1 
HETATM 1518 O  O   . HOH C 3 .   ? 13.551  1.651   12.644  1.00 64.56 ? 284 HOH A O   1 
HETATM 1519 O  O   . HOH C 3 .   ? -16.497 -2.882  -13.238 1.00 69.13 ? 285 HOH A O   1 
HETATM 1520 O  O   . HOH C 3 .   ? -5.908  1.226   -15.382 1.00 56.90 ? 286 HOH A O   1 
HETATM 1521 O  O   . HOH C 3 .   ? 13.296  2.354   -13.033 1.00 49.69 ? 287 HOH A O   1 
HETATM 1522 O  O   . HOH C 3 .   ? -6.135  4.291   17.670  1.00 77.19 ? 288 HOH A O   1 
HETATM 1523 O  O   . HOH C 3 .   ? -17.094 -9.232  5.905   1.00 64.76 ? 289 HOH A O   1 
HETATM 1524 O  O   . HOH C 3 .   ? -17.445 -1.005  -4.479  1.00 66.77 ? 290 HOH A O   1 
HETATM 1525 O  O   . HOH C 3 .   ? 2.347   -11.881 11.253  1.00 64.27 ? 291 HOH A O   1 
HETATM 1526 O  O   . HOH C 3 .   ? -20.300 -3.412  4.422   1.00 68.79 ? 292 HOH A O   1 
HETATM 1527 O  O   . HOH C 3 .   ? 6.865   -7.766  11.081  1.00 54.31 ? 293 HOH A O   1 
HETATM 1528 O  O   . HOH C 3 .   ? -13.078 -12.394 -2.548  1.00 55.16 ? 294 HOH A O   1 
HETATM 1529 O  O   . HOH C 3 .   ? 8.100   -8.260  -12.999 1.00 76.99 ? 295 HOH A O   1 
HETATM 1530 O  O   . HOH C 3 .   ? 16.607  8.067   -11.641 1.00 70.44 ? 296 HOH A O   1 
HETATM 1531 O  O   . HOH C 3 .   ? -7.557  7.430   -3.466  1.00 56.89 ? 297 HOH A O   1 
HETATM 1532 O  O   . HOH C 3 .   ? 19.790  -1.203  -14.254 1.00 79.89 ? 298 HOH A O   1 
HETATM 1533 O  O   . HOH C 3 .   ? 17.828  -1.188  -3.221  1.00 83.99 ? 299 HOH A O   1 
HETATM 1534 O  O   . HOH C 3 .   ? -15.024 -7.286  -8.668  1.00 71.54 ? 300 HOH A O   1 
HETATM 1535 O  O   . HOH C 3 .   ? -12.160 18.306  17.190  1.00 74.13 ? 301 HOH A O   1 
HETATM 1536 O  O   . HOH C 3 .   ? -3.349  -14.621 9.297   1.00 41.13 ? 302 HOH A O   1 
HETATM 1537 O  O   . HOH C 3 .   ? 0.517   1.185   -17.154 1.00 58.92 ? 303 HOH A O   1 
HETATM 1538 O  O   . HOH C 3 .   ? -13.747 0.266   19.038  1.00 65.41 ? 304 HOH A O   1 
HETATM 1539 O  O   . HOH C 3 .   ? -5.765  0.272   1.887   1.00 51.73 ? 305 HOH A O   1 
HETATM 1540 O  O   . HOH C 3 .   ? 0.714   9.837   -15.396 1.00 59.86 ? 306 HOH A O   1 
HETATM 1541 O  O   . HOH C 3 .   ? -11.068 -5.180  15.892  1.00 53.96 ? 307 HOH A O   1 
HETATM 1542 O  O   . HOH C 3 .   ? 11.273  18.102  1.696   1.00 55.22 ? 308 HOH A O   1 
HETATM 1543 O  O   . HOH C 3 .   ? 1.371   -14.455 11.889  1.00 61.85 ? 309 HOH A O   1 
HETATM 1544 O  O   . HOH C 3 .   ? 14.694  8.298   1.893   1.00 53.00 ? 310 HOH A O   1 
HETATM 1545 O  O   . HOH C 3 .   ? -7.367  -10.830 -15.413 1.00 69.27 ? 311 HOH A O   1 
HETATM 1546 O  O   . HOH C 3 .   ? -5.650  2.906   -1.222  1.00 56.48 ? 312 HOH A O   1 
HETATM 1547 O  O   . HOH C 3 .   ? -16.309 0.234   17.088  1.00 65.30 ? 313 HOH A O   1 
HETATM 1548 O  O   . HOH C 3 .   ? -16.080 -0.273  7.143   1.00 65.50 ? 314 HOH A O   1 
HETATM 1549 O  O   . HOH C 3 .   ? -5.763  10.111  0.645   1.00 64.29 ? 315 HOH A O   1 
HETATM 1550 O  O   . HOH C 3 .   ? -5.313  -13.289 10.159  1.00 52.98 ? 316 HOH A O   1 
HETATM 1551 O  O   . HOH C 3 .   ? 6.788   2.449   15.397  1.00 50.02 ? 317 HOH A O   1 
HETATM 1552 O  O   . HOH C 3 .   ? 10.112  2.272   14.601  1.00 67.46 ? 318 HOH A O   1 
HETATM 1553 O  O   . HOH C 3 .   ? 10.864  -11.466 11.519  1.00 65.73 ? 319 HOH A O   1 
HETATM 1554 O  O   . HOH C 3 .   ? -9.801  -11.625 10.189  1.00 55.10 ? 320 HOH A O   1 
HETATM 1555 O  O   . HOH C 3 .   ? -10.427 3.274   -1.318  1.00 74.18 ? 321 HOH A O   1 
HETATM 1556 O  O   . HOH C 3 .   ? 13.315  -12.981 4.453   1.00 68.78 ? 322 HOH A O   1 
HETATM 1557 O  O   . HOH C 3 .   ? -14.535 7.221   8.628   1.00 73.37 ? 323 HOH A O   1 
HETATM 1558 O  O   . HOH C 3 .   ? -0.421  -7.363  13.626  1.00 71.12 ? 324 HOH A O   1 
HETATM 1559 O  O   . HOH C 3 .   ? 11.501  4.879   -18.854 1.00 72.26 ? 325 HOH A O   1 
HETATM 1560 O  O   . HOH C 3 .   ? 3.974   10.632  22.643  1.00 81.86 ? 326 HOH A O   1 
HETATM 1561 O  O   . HOH C 3 .   ? -8.189  7.880   -8.005  1.00 70.95 ? 327 HOH A O   1 
HETATM 1562 O  O   . HOH C 3 .   ? -11.201 -14.588 -10.311 1.00 61.62 ? 328 HOH A O   1 
HETATM 1563 O  O   . HOH C 3 .   ? 4.709   -1.071  -17.504 1.00 69.39 ? 329 HOH A O   1 
HETATM 1564 O  O   . HOH C 3 .   ? -14.519 -14.355 -3.575  1.00 66.74 ? 330 HOH A O   1 
HETATM 1565 O  O   . HOH C 3 .   ? -16.941 -7.855  -6.435  1.00 66.96 ? 331 HOH A O   1 
HETATM 1566 O  O   . HOH C 3 .   ? -10.649 6.432   -11.205 1.00 72.95 ? 332 HOH A O   1 
HETATM 1567 O  O   . HOH C 3 .   ? 9.382   -10.462 -9.363  1.00 78.28 ? 333 HOH A O   1 
HETATM 1568 O  O   . HOH C 3 .   ? -7.077  -8.274  -16.905 1.00 54.97 ? 334 HOH A O   1 
HETATM 1569 O  O   . HOH C 3 .   ? -11.685 1.901   -3.029  1.00 74.04 ? 335 HOH A O   1 
HETATM 1570 O  O   . HOH C 3 .   ? -6.541  9.103   -6.041  1.00 63.82 ? 336 HOH A O   1 
HETATM 1571 O  O   . HOH C 3 .   ? -1.008  4.482   2.825   1.00 70.96 ? 337 HOH A O   1 
HETATM 1572 O  O   . HOH C 3 .   ? -5.642  0.563   -19.237 1.00 60.98 ? 338 HOH A O   1 
HETATM 1573 O  O   . HOH C 3 .   ? -3.451  0.748   -14.122 1.00 53.59 ? 339 HOH A O   1 
HETATM 1574 O  O   . HOH C 3 .   ? 3.287   -16.137 11.043  1.00 68.75 ? 340 HOH A O   1 
HETATM 1575 O  O   . HOH C 3 .   ? 4.387   17.762  9.482   1.00 71.00 ? 341 HOH A O   1 
HETATM 1576 O  O   . HOH C 3 .   ? -11.295 -11.816 7.819   1.00 64.88 ? 342 HOH A O   1 
HETATM 1577 O  O   . HOH C 3 .   ? -6.057  13.039  1.269   1.00 68.28 ? 343 HOH A O   1 
HETATM 1578 O  O   . HOH C 3 .   ? -5.711  12.236  17.162  1.00 64.53 ? 344 HOH A O   1 
HETATM 1579 O  O   . HOH C 3 .   ? 7.914   20.109  2.920   1.00 60.92 ? 345 HOH A O   1 
HETATM 1580 O  O   . HOH C 3 .   ? -7.990  -18.505 -5.032  1.00 58.95 ? 346 HOH A O   1 
HETATM 1581 O  O   . HOH C 3 .   ? 13.866  -8.866  2.598   1.00 61.05 ? 347 HOH A O   1 
HETATM 1582 O  O   . HOH C 3 .   ? 5.706   -12.673 10.979  1.00 67.14 ? 348 HOH A O   1 
HETATM 1583 O  O   . HOH C 3 .   ? -5.404  4.793   0.642   1.00 65.04 ? 349 HOH A O   1 
HETATM 1584 O  O   . HOH C 3 .   ? 2.078   -16.234 -12.495 1.00 61.98 ? 350 HOH A O   1 
HETATM 1585 O  O   . HOH C 3 .   ? -4.844  15.561  1.296   1.00 59.61 ? 351 HOH A O   1 
HETATM 1586 O  O   . HOH C 3 .   ? 0.108   -5.131  14.630  1.00 66.91 ? 352 HOH A O   1 
HETATM 1587 O  O   . HOH C 3 .   ? -0.193  -0.187  18.269  1.00 64.65 ? 353 HOH A O   1 
HETATM 1588 O  O   . HOH C 3 .   ? 13.510  -7.139  -2.975  1.00 70.82 ? 354 HOH A O   1 
# 
